data_2K3N
#
_entry.id   2K3N
#
_entity_poly.entity_id   1
_entity_poly.type   'polypeptide(L)'
_entity_poly.pdbx_seq_one_letter_code
;SGATSQAASQSASSSYSSAFAQAASSALATSSAISRAFASVSSASAASSLAYNIGLSAARSLGIASDTALAGALAQAVGG
VGAGASASAYANAIARAAGQFLATQGVLNAGNASALAGSFARALSASAESQSFAQSQAYQQASAFQQAAAQSAAQSASRA
;
_entity_poly.pdbx_strand_id   A
#
# COMPACT_ATOMS: atom_id res chain seq x y z
N SER A 1 -40.43 8.52 11.19
CA SER A 1 -39.20 8.82 11.96
C SER A 1 -38.62 10.21 11.66
N GLY A 2 -38.46 10.59 10.39
CA GLY A 2 -38.04 11.94 9.97
C GLY A 2 -36.55 12.25 10.27
N ALA A 3 -35.62 11.58 9.57
CA ALA A 3 -34.18 11.73 9.76
C ALA A 3 -33.42 11.76 8.41
N THR A 4 -33.14 12.96 7.89
CA THR A 4 -32.46 13.18 6.59
C THR A 4 -31.74 14.55 6.55
N SER A 5 -31.08 14.93 7.65
CA SER A 5 -30.20 16.11 7.70
C SER A 5 -29.02 15.97 6.73
N GLN A 6 -29.10 16.65 5.58
CA GLN A 6 -28.03 16.67 4.57
C GLN A 6 -26.72 17.24 5.15
N ALA A 7 -26.82 18.31 5.96
CA ALA A 7 -25.71 18.99 6.66
C ALA A 7 -24.54 19.37 5.72
N ALA A 8 -24.87 20.11 4.64
CA ALA A 8 -24.02 20.39 3.47
C ALA A 8 -23.57 19.13 2.69
N SER A 9 -22.98 19.30 1.50
CA SER A 9 -22.54 18.16 0.67
C SER A 9 -21.34 17.42 1.28
N GLN A 10 -20.41 18.15 1.89
CA GLN A 10 -19.20 17.62 2.54
C GLN A 10 -19.40 17.63 4.08
N SER A 11 -19.06 16.53 4.77
CA SER A 11 -19.34 16.35 6.20
C SER A 11 -18.69 17.40 7.11
N ALA A 12 -17.42 17.73 6.83
CA ALA A 12 -16.62 18.71 7.59
C ALA A 12 -15.63 19.52 6.73
N SER A 13 -15.10 18.91 5.66
CA SER A 13 -14.22 19.53 4.64
C SER A 13 -13.05 20.37 5.19
N SER A 14 -12.16 19.75 5.99
CA SER A 14 -10.99 20.47 6.57
C SER A 14 -9.74 19.61 6.82
N SER A 15 -9.85 18.46 7.52
CA SER A 15 -8.72 17.61 7.95
C SER A 15 -8.91 16.14 7.56
N TYR A 16 -9.51 15.95 6.39
CA TYR A 16 -9.84 14.66 5.79
C TYR A 16 -8.62 13.84 5.32
N SER A 17 -7.44 14.43 5.16
CA SER A 17 -6.23 13.74 4.65
C SER A 17 -5.61 12.77 5.66
N SER A 18 -5.59 13.16 6.94
CA SER A 18 -5.17 12.28 8.05
C SER A 18 -6.27 11.25 8.38
N ALA A 19 -7.54 11.66 8.36
CA ALA A 19 -8.68 10.76 8.58
C ALA A 19 -8.84 9.69 7.49
N PHE A 20 -8.53 10.01 6.22
CA PHE A 20 -8.29 9.05 5.13
C PHE A 20 -7.25 8.02 5.58
N ALA A 21 -6.04 8.46 5.92
CA ALA A 21 -4.94 7.58 6.29
C ALA A 21 -5.21 6.71 7.54
N GLN A 22 -6.19 7.06 8.37
CA GLN A 22 -6.71 6.22 9.46
C GLN A 22 -7.57 5.04 8.96
N ALA A 23 -8.49 5.27 8.02
CA ALA A 23 -9.31 4.21 7.45
C ALA A 23 -8.56 3.32 6.45
N ALA A 24 -7.48 3.84 5.84
CA ALA A 24 -6.47 3.02 5.20
C ALA A 24 -5.97 1.89 6.12
N SER A 25 -5.60 2.21 7.36
CA SER A 25 -5.22 1.23 8.38
C SER A 25 -6.30 0.17 8.67
N SER A 26 -7.60 0.51 8.53
CA SER A 26 -8.71 -0.44 8.68
C SER A 26 -8.63 -1.62 7.70
N ALA A 27 -8.26 -1.35 6.45
CA ALA A 27 -8.03 -2.40 5.45
C ALA A 27 -6.62 -3.00 5.53
N LEU A 28 -5.60 -2.19 5.85
CA LEU A 28 -4.22 -2.66 6.04
C LEU A 28 -4.11 -3.71 7.16
N ALA A 29 -4.84 -3.52 8.27
CA ALA A 29 -4.97 -4.48 9.37
C ALA A 29 -5.67 -5.80 8.99
N THR A 30 -6.50 -5.77 7.94
CA THR A 30 -7.11 -6.96 7.30
C THR A 30 -6.12 -7.73 6.41
N SER A 31 -4.94 -7.17 6.13
CA SER A 31 -3.99 -7.65 5.11
C SER A 31 -2.54 -7.71 5.63
N SER A 32 -2.31 -8.47 6.70
CA SER A 32 -1.00 -8.61 7.39
C SER A 32 0.18 -8.97 6.47
N ALA A 33 -0.09 -9.62 5.33
CA ALA A 33 0.90 -9.90 4.28
C ALA A 33 1.57 -8.63 3.69
N ILE A 34 1.05 -7.42 3.91
CA ILE A 34 1.75 -6.17 3.57
C ILE A 34 3.04 -5.97 4.38
N SER A 35 3.02 -6.30 5.68
CA SER A 35 4.22 -6.24 6.53
C SER A 35 5.25 -7.28 6.08
N ARG A 36 4.77 -8.39 5.52
CA ARG A 36 5.58 -9.42 4.84
C ARG A 36 6.23 -8.89 3.55
N ALA A 37 5.55 -8.03 2.78
CA ALA A 37 6.15 -7.35 1.62
C ALA A 37 7.36 -6.47 2.04
N PHE A 38 7.27 -5.75 3.16
CA PHE A 38 8.42 -5.03 3.73
C PHE A 38 9.48 -5.97 4.32
N ALA A 39 9.10 -7.11 4.91
CA ALA A 39 10.05 -8.15 5.35
C ALA A 39 10.90 -8.72 4.20
N SER A 40 10.42 -8.66 2.95
CA SER A 40 11.18 -9.05 1.74
C SER A 40 12.26 -8.05 1.28
N VAL A 41 12.25 -6.80 1.77
CA VAL A 41 13.18 -5.73 1.35
C VAL A 41 13.78 -4.98 2.55
N SER A 42 15.06 -5.21 2.81
CA SER A 42 15.81 -4.74 3.99
C SER A 42 16.69 -3.50 3.73
N SER A 43 16.25 -2.63 2.82
CA SER A 43 16.97 -1.43 2.37
C SER A 43 16.05 -0.22 2.27
N ALA A 44 16.43 0.90 2.89
CA ALA A 44 15.70 2.16 2.90
C ALA A 44 15.38 2.67 1.48
N SER A 45 16.40 2.77 0.62
CA SER A 45 16.25 3.23 -0.78
C SER A 45 15.43 2.27 -1.64
N ALA A 46 15.54 0.96 -1.41
CA ALA A 46 14.72 -0.04 -2.11
C ALA A 46 13.25 -0.01 -1.66
N ALA A 47 12.97 0.35 -0.41
CA ALA A 47 11.60 0.63 0.04
C ALA A 47 11.02 1.89 -0.64
N SER A 48 11.84 2.93 -0.88
CA SER A 48 11.47 4.08 -1.73
C SER A 48 11.10 3.65 -3.15
N SER A 49 11.87 2.73 -3.74
CA SER A 49 11.53 2.10 -5.03
C SER A 49 10.26 1.24 -4.96
N LEU A 50 10.02 0.51 -3.86
CA LEU A 50 8.77 -0.23 -3.64
C LEU A 50 7.57 0.73 -3.59
N ALA A 51 7.65 1.84 -2.85
CA ALA A 51 6.62 2.88 -2.90
C ALA A 51 6.40 3.40 -4.33
N TYR A 52 7.46 3.72 -5.08
CA TYR A 52 7.29 4.21 -6.46
C TYR A 52 6.63 3.15 -7.39
N ASN A 53 7.12 1.92 -7.36
CA ASN A 53 6.63 0.76 -8.13
C ASN A 53 5.18 0.37 -7.78
N ILE A 54 4.92 0.08 -6.50
CA ILE A 54 3.61 -0.35 -6.00
C ILE A 54 2.62 0.82 -6.03
N GLY A 55 3.07 2.05 -5.79
CA GLY A 55 2.30 3.28 -6.01
C GLY A 55 1.74 3.35 -7.44
N LEU A 56 2.60 3.26 -8.47
CA LEU A 56 2.15 3.28 -9.87
C LEU A 56 1.21 2.11 -10.24
N SER A 57 1.29 0.98 -9.54
CA SER A 57 0.35 -0.15 -9.70
C SER A 57 -1.00 0.16 -9.04
N ALA A 58 -1.00 0.61 -7.78
CA ALA A 58 -2.19 1.03 -7.04
C ALA A 58 -2.92 2.20 -7.71
N ALA A 59 -2.18 3.13 -8.31
CA ALA A 59 -2.67 4.21 -9.15
C ALA A 59 -3.80 3.77 -10.09
N ARG A 60 -3.58 2.64 -10.76
CA ARG A 60 -4.49 2.04 -11.74
C ARG A 60 -5.59 1.20 -11.09
N SER A 61 -5.33 0.63 -9.91
CA SER A 61 -6.35 -0.01 -9.05
C SER A 61 -7.39 0.98 -8.51
N LEU A 62 -7.00 2.21 -8.19
CA LEU A 62 -7.91 3.30 -7.79
C LEU A 62 -8.45 4.11 -9.00
N GLY A 63 -7.70 4.16 -10.11
CA GLY A 63 -8.02 4.89 -11.35
C GLY A 63 -7.21 6.17 -11.56
N ILE A 64 -6.58 6.71 -10.50
CA ILE A 64 -5.72 7.90 -10.50
C ILE A 64 -4.32 7.54 -11.04
N ALA A 65 -4.19 7.40 -12.36
CA ALA A 65 -2.90 7.20 -13.05
C ALA A 65 -1.89 8.36 -12.86
N SER A 66 -2.30 9.48 -12.24
CA SER A 66 -1.46 10.64 -11.86
C SER A 66 -0.40 10.37 -10.77
N ASP A 67 -0.06 9.09 -10.55
CA ASP A 67 0.96 8.66 -9.59
C ASP A 67 2.37 9.20 -9.88
N THR A 68 2.62 9.77 -11.07
CA THR A 68 3.88 10.48 -11.38
C THR A 68 4.30 11.47 -10.27
N ALA A 69 3.34 12.21 -9.69
CA ALA A 69 3.58 13.08 -8.54
C ALA A 69 3.45 12.34 -7.19
N LEU A 70 2.48 11.41 -7.06
CA LEU A 70 2.30 10.62 -5.84
C LEU A 70 3.55 9.81 -5.50
N ALA A 71 4.01 8.94 -6.40
CA ALA A 71 5.19 8.09 -6.29
C ALA A 71 6.45 8.92 -5.98
N GLY A 72 6.61 10.08 -6.63
CA GLY A 72 7.65 11.07 -6.34
C GLY A 72 7.59 11.73 -4.96
N ALA A 73 6.50 11.52 -4.20
CA ALA A 73 6.32 11.96 -2.82
C ALA A 73 6.18 10.77 -1.84
N LEU A 74 5.69 9.62 -2.31
CA LEU A 74 5.53 8.35 -1.58
C LEU A 74 6.90 7.72 -1.29
N ALA A 75 7.80 7.75 -2.28
CA ALA A 75 9.22 7.42 -2.13
C ALA A 75 9.90 8.30 -1.08
N GLN A 76 9.55 9.59 -1.00
CA GLN A 76 10.06 10.55 0.00
C GLN A 76 9.40 10.35 1.38
N ALA A 77 8.17 9.83 1.43
CA ALA A 77 7.47 9.51 2.68
C ALA A 77 8.02 8.23 3.31
N VAL A 78 8.02 7.10 2.57
CA VAL A 78 8.58 5.82 3.04
C VAL A 78 10.10 5.88 3.25
N GLY A 79 10.81 6.61 2.38
CA GLY A 79 12.26 6.77 2.42
C GLY A 79 12.74 7.80 3.44
N GLY A 80 11.91 8.82 3.73
CA GLY A 80 12.14 9.80 4.79
C GLY A 80 12.26 9.19 6.20
N VAL A 81 11.71 7.99 6.40
CA VAL A 81 11.84 7.17 7.61
C VAL A 81 12.28 5.73 7.24
N GLY A 82 13.06 5.61 6.16
CA GLY A 82 13.63 4.35 5.69
C GLY A 82 14.63 3.76 6.68
N ALA A 83 14.25 2.67 7.33
CA ALA A 83 15.00 1.90 8.33
C ALA A 83 15.35 2.71 9.60
N GLY A 84 14.44 2.71 10.57
CA GLY A 84 14.62 3.36 11.88
C GLY A 84 13.37 3.30 12.78
N ALA A 85 12.18 3.28 12.18
CA ALA A 85 10.90 3.15 12.89
C ALA A 85 10.36 1.71 12.79
N SER A 86 9.59 1.39 11.72
CA SER A 86 8.90 0.11 11.47
C SER A 86 8.02 0.20 10.22
N ALA A 87 7.43 -0.92 9.78
CA ALA A 87 6.26 -0.95 8.91
C ALA A 87 5.13 0.00 9.34
N SER A 88 5.02 0.37 10.63
CA SER A 88 4.09 1.42 11.09
C SER A 88 4.40 2.78 10.46
N ALA A 89 5.65 3.25 10.49
CA ALA A 89 6.04 4.47 9.79
C ALA A 89 5.95 4.33 8.27
N TYR A 90 6.31 3.17 7.71
CA TYR A 90 6.22 2.96 6.26
C TYR A 90 4.74 3.03 5.82
N ALA A 91 3.83 2.32 6.50
CA ALA A 91 2.40 2.33 6.22
C ALA A 91 1.74 3.68 6.53
N ASN A 92 2.10 4.36 7.62
CA ASN A 92 1.58 5.70 7.92
C ASN A 92 2.08 6.73 6.92
N ALA A 93 3.36 6.68 6.53
CA ALA A 93 3.94 7.54 5.51
C ALA A 93 3.35 7.24 4.12
N ILE A 94 3.14 5.98 3.79
CA ILE A 94 2.43 5.58 2.57
C ILE A 94 0.98 6.05 2.59
N ALA A 95 0.21 5.80 3.65
CA ALA A 95 -1.19 6.20 3.73
C ALA A 95 -1.38 7.73 3.81
N ARG A 96 -0.56 8.45 4.58
CA ARG A 96 -0.60 9.93 4.63
C ARG A 96 -0.23 10.54 3.28
N ALA A 97 0.76 10.01 2.55
CA ALA A 97 1.18 10.56 1.26
C ALA A 97 0.31 10.07 0.08
N ALA A 98 -0.22 8.85 0.14
CA ALA A 98 -1.35 8.39 -0.68
C ALA A 98 -2.54 9.36 -0.56
N GLY A 99 -2.84 9.74 0.68
CA GLY A 99 -3.88 10.70 1.02
C GLY A 99 -3.52 12.14 0.65
N GLN A 100 -2.27 12.59 0.80
CA GLN A 100 -1.85 13.98 0.53
C GLN A 100 -2.23 14.44 -0.89
N PHE A 101 -2.02 13.58 -1.89
CA PHE A 101 -2.44 13.87 -3.26
C PHE A 101 -3.95 13.70 -3.45
N LEU A 102 -4.57 12.64 -2.93
CA LEU A 102 -6.01 12.42 -3.09
C LEU A 102 -6.85 13.56 -2.47
N ALA A 103 -6.39 14.05 -1.31
CA ALA A 103 -6.84 15.23 -0.57
C ALA A 103 -6.62 16.57 -1.29
N THR A 104 -6.05 16.58 -2.51
CA THR A 104 -6.13 17.72 -3.44
C THR A 104 -7.59 18.11 -3.78
N GLN A 105 -8.54 17.21 -3.50
CA GLN A 105 -10.01 17.29 -3.66
C GLN A 105 -10.48 16.60 -4.97
N GLY A 106 -9.54 16.04 -5.75
CA GLY A 106 -9.80 15.40 -7.05
C GLY A 106 -10.68 14.14 -6.96
N VAL A 107 -10.60 13.43 -5.83
CA VAL A 107 -11.40 12.22 -5.54
C VAL A 107 -11.92 12.23 -4.09
N LEU A 108 -11.20 12.88 -3.17
CA LEU A 108 -11.60 13.05 -1.78
C LEU A 108 -12.65 14.18 -1.64
N ASN A 109 -13.77 13.89 -0.97
CA ASN A 109 -14.93 14.79 -0.84
C ASN A 109 -15.54 14.76 0.58
N ALA A 110 -14.69 14.59 1.59
CA ALA A 110 -15.01 14.64 3.03
C ALA A 110 -16.30 13.87 3.43
N GLY A 111 -16.41 12.64 2.96
CA GLY A 111 -17.56 11.74 3.19
C GLY A 111 -17.31 10.31 2.69
N ASN A 112 -16.60 10.19 1.57
CA ASN A 112 -16.04 8.94 1.04
C ASN A 112 -14.51 8.88 1.17
N ALA A 113 -13.88 9.78 1.96
CA ALA A 113 -12.45 9.76 2.23
C ALA A 113 -12.05 8.42 2.86
N SER A 114 -12.72 8.00 3.92
CA SER A 114 -12.46 6.72 4.61
C SER A 114 -12.73 5.50 3.73
N ALA A 115 -13.79 5.54 2.90
CA ALA A 115 -14.13 4.46 1.97
C ALA A 115 -13.06 4.29 0.87
N LEU A 116 -12.66 5.39 0.21
CA LEU A 116 -11.55 5.37 -0.74
C LEU A 116 -10.23 5.00 -0.07
N ALA A 117 -9.98 5.41 1.16
CA ALA A 117 -8.75 5.07 1.87
C ALA A 117 -8.64 3.58 2.16
N GLY A 118 -9.70 2.96 2.68
CA GLY A 118 -9.77 1.53 2.91
C GLY A 118 -9.51 0.77 1.60
N SER A 119 -10.22 1.13 0.53
CA SER A 119 -9.96 0.58 -0.81
C SER A 119 -8.53 0.83 -1.30
N PHE A 120 -7.96 2.03 -1.13
CA PHE A 120 -6.58 2.33 -1.54
C PHE A 120 -5.60 1.44 -0.78
N ALA A 121 -5.73 1.37 0.53
CA ALA A 121 -4.84 0.62 1.40
C ALA A 121 -4.89 -0.86 1.06
N ARG A 122 -6.09 -1.44 0.91
CA ARG A 122 -6.28 -2.82 0.43
C ARG A 122 -5.76 -3.02 -1.00
N ALA A 123 -5.79 -2.02 -1.87
CA ALA A 123 -5.35 -2.13 -3.27
C ALA A 123 -3.82 -2.02 -3.41
N LEU A 124 -3.20 -1.06 -2.72
CA LEU A 124 -1.75 -0.89 -2.63
C LEU A 124 -1.13 -2.05 -1.84
N SER A 125 -1.78 -2.52 -0.77
CA SER A 125 -1.38 -3.77 -0.12
C SER A 125 -1.61 -4.98 -1.01
N ALA A 126 -2.77 -5.17 -1.66
CA ALA A 126 -2.99 -6.31 -2.57
C ALA A 126 -1.94 -6.34 -3.70
N SER A 127 -1.58 -5.17 -4.23
CA SER A 127 -0.44 -5.03 -5.13
C SER A 127 0.87 -5.46 -4.47
N ALA A 128 1.26 -4.94 -3.31
CA ALA A 128 2.48 -5.35 -2.59
C ALA A 128 2.53 -6.85 -2.25
N GLU A 129 1.43 -7.41 -1.74
CA GLU A 129 1.23 -8.82 -1.39
C GLU A 129 1.38 -9.76 -2.60
N SER A 130 0.77 -9.38 -3.74
CA SER A 130 0.90 -10.12 -5.00
C SER A 130 2.24 -9.85 -5.70
N GLN A 131 2.84 -8.67 -5.48
CA GLN A 131 4.20 -8.36 -5.93
C GLN A 131 5.26 -9.12 -5.13
N SER A 132 4.99 -9.69 -3.96
CA SER A 132 5.89 -10.70 -3.35
C SER A 132 6.15 -11.89 -4.29
N PHE A 133 5.17 -12.26 -5.12
CA PHE A 133 5.30 -13.28 -6.18
C PHE A 133 6.15 -12.83 -7.39
N ALA A 134 6.27 -11.52 -7.64
CA ALA A 134 7.03 -10.92 -8.75
C ALA A 134 8.36 -10.24 -8.31
N GLN A 135 8.55 -10.03 -7.02
CA GLN A 135 9.77 -9.57 -6.35
C GLN A 135 10.74 -10.75 -6.12
N SER A 136 10.19 -11.93 -5.82
CA SER A 136 10.95 -13.16 -5.55
C SER A 136 10.80 -14.19 -6.68
N GLN A 137 10.42 -13.74 -7.89
CA GLN A 137 10.34 -14.57 -9.11
C GLN A 137 11.71 -14.98 -9.71
N ALA A 138 12.80 -14.84 -8.95
CA ALA A 138 14.15 -15.30 -9.31
C ALA A 138 14.19 -16.81 -9.69
N TYR A 139 13.24 -17.60 -9.19
CA TYR A 139 13.01 -19.00 -9.58
C TYR A 139 12.21 -19.14 -10.89
N GLN A 140 11.22 -18.27 -11.15
CA GLN A 140 10.42 -18.32 -12.38
C GLN A 140 11.21 -17.85 -13.60
N GLN A 141 12.05 -16.80 -13.46
CA GLN A 141 12.95 -16.37 -14.55
C GLN A 141 13.97 -17.46 -14.94
N ALA A 142 14.45 -18.24 -13.97
CA ALA A 142 15.31 -19.41 -14.15
C ALA A 142 14.59 -20.64 -14.78
N SER A 143 13.57 -20.39 -15.61
CA SER A 143 12.86 -21.36 -16.47
C SER A 143 12.08 -20.65 -17.59
N ALA A 144 11.44 -19.51 -17.31
CA ALA A 144 10.64 -18.75 -18.28
C ALA A 144 11.45 -17.68 -19.05
N PHE A 145 12.35 -16.96 -18.38
CA PHE A 145 13.23 -15.96 -19.00
C PHE A 145 14.47 -16.60 -19.66
N GLN A 146 15.04 -17.66 -19.08
CA GLN A 146 16.18 -18.36 -19.66
C GLN A 146 15.89 -18.96 -21.05
N GLN A 147 14.64 -19.40 -21.28
CA GLN A 147 14.15 -19.86 -22.59
C GLN A 147 13.84 -18.69 -23.54
N ALA A 148 13.53 -17.51 -23.01
CA ALA A 148 13.34 -16.26 -23.77
C ALA A 148 14.64 -15.47 -24.00
N ALA A 149 15.81 -16.00 -23.62
CA ALA A 149 17.14 -15.41 -23.82
C ALA A 149 17.62 -15.40 -25.31
N ALA A 150 16.68 -15.40 -26.26
CA ALA A 150 16.87 -15.31 -27.71
C ALA A 150 16.51 -13.91 -28.27
N GLN A 151 16.39 -12.91 -27.39
CA GLN A 151 16.02 -11.51 -27.66
C GLN A 151 17.11 -10.55 -27.11
N SER A 152 18.37 -10.94 -27.29
CA SER A 152 19.59 -10.18 -26.96
C SER A 152 19.56 -8.74 -27.51
N ALA A 153 19.28 -7.76 -26.65
CA ALA A 153 19.05 -6.36 -27.03
C ALA A 153 20.06 -5.38 -26.40
N ALA A 154 20.51 -5.66 -25.17
CA ALA A 154 21.54 -4.88 -24.45
C ALA A 154 22.45 -5.77 -23.59
N GLN A 155 21.88 -6.78 -22.90
CA GLN A 155 22.66 -7.72 -22.08
C GLN A 155 22.00 -9.11 -22.02
N SER A 156 20.79 -9.23 -21.46
CA SER A 156 19.95 -10.45 -21.47
C SER A 156 18.56 -10.22 -20.85
N ALA A 157 18.53 -9.72 -19.61
CA ALA A 157 17.33 -9.50 -18.81
C ALA A 157 17.59 -8.38 -17.77
N SER A 158 16.75 -7.35 -17.78
CA SER A 158 16.89 -6.08 -17.05
C SER A 158 18.15 -5.27 -17.43
N ARG A 159 17.99 -3.94 -17.59
CA ARG A 159 19.07 -2.99 -17.89
C ARG A 159 18.77 -1.59 -17.34
N ALA A 160 19.84 -0.84 -17.03
CA ALA A 160 19.87 0.52 -16.47
C ALA A 160 18.94 0.75 -15.24
N SER A 1 -44.58 12.70 8.44
CA SER A 1 -44.08 14.01 8.91
C SER A 1 -42.66 13.93 9.49
N GLY A 2 -41.95 15.07 9.44
CA GLY A 2 -40.58 15.24 9.96
C GLY A 2 -39.51 15.49 8.88
N ALA A 3 -38.44 16.21 9.23
CA ALA A 3 -37.28 16.47 8.38
C ALA A 3 -36.04 16.79 9.24
N THR A 4 -34.86 16.37 8.80
CA THR A 4 -33.56 16.58 9.49
C THR A 4 -32.38 16.08 8.66
N SER A 5 -32.54 14.97 7.93
CA SER A 5 -31.50 14.37 7.07
C SER A 5 -31.86 14.52 5.58
N GLN A 6 -30.91 15.05 4.80
CA GLN A 6 -31.04 15.37 3.37
C GLN A 6 -29.73 15.02 2.63
N ALA A 7 -29.46 13.71 2.52
CA ALA A 7 -28.26 13.07 1.94
C ALA A 7 -26.93 13.35 2.68
N ALA A 8 -26.33 12.30 3.24
CA ALA A 8 -25.07 12.33 3.98
C ALA A 8 -23.85 12.51 3.06
N SER A 9 -23.54 13.76 2.70
CA SER A 9 -22.37 14.15 1.90
C SER A 9 -21.73 15.42 2.49
N GLN A 10 -20.38 15.49 2.48
CA GLN A 10 -19.59 16.62 2.99
C GLN A 10 -19.98 17.08 4.41
N SER A 11 -19.86 16.19 5.41
CA SER A 11 -20.18 16.45 6.83
C SER A 11 -19.18 17.38 7.57
N ALA A 12 -18.47 18.25 6.84
CA ALA A 12 -17.36 19.10 7.31
C ALA A 12 -16.31 18.35 8.17
N SER A 13 -15.83 17.22 7.65
CA SER A 13 -14.81 16.35 8.26
C SER A 13 -13.53 17.10 8.67
N SER A 14 -13.18 18.19 7.96
CA SER A 14 -12.15 19.20 8.28
C SER A 14 -10.68 18.73 8.21
N SER A 15 -10.39 17.50 8.66
CA SER A 15 -9.08 16.83 8.55
C SER A 15 -9.27 15.43 7.94
N TYR A 16 -10.08 15.39 6.88
CA TYR A 16 -10.40 14.21 6.09
C TYR A 16 -9.17 13.45 5.58
N SER A 17 -8.03 14.13 5.40
CA SER A 17 -6.74 13.54 5.00
C SER A 17 -6.17 12.57 6.05
N SER A 18 -6.32 12.89 7.34
CA SER A 18 -5.90 12.03 8.45
C SER A 18 -6.97 10.97 8.78
N ALA A 19 -8.25 11.33 8.70
CA ALA A 19 -9.36 10.36 8.86
C ALA A 19 -9.36 9.30 7.74
N PHE A 20 -8.99 9.66 6.50
CA PHE A 20 -8.63 8.72 5.45
C PHE A 20 -7.53 7.77 5.93
N ALA A 21 -6.36 8.27 6.33
CA ALA A 21 -5.24 7.43 6.75
C ALA A 21 -5.53 6.57 7.99
N GLN A 22 -6.55 6.91 8.78
CA GLN A 22 -7.09 6.09 9.86
C GLN A 22 -7.97 4.93 9.34
N ALA A 23 -8.96 5.22 8.49
CA ALA A 23 -9.84 4.21 7.89
C ALA A 23 -9.10 3.26 6.93
N ALA A 24 -8.01 3.74 6.32
CA ALA A 24 -7.04 2.93 5.57
C ALA A 24 -6.55 1.73 6.39
N SER A 25 -6.27 1.93 7.68
CA SER A 25 -5.86 0.87 8.61
C SER A 25 -6.84 -0.31 8.69
N SER A 26 -8.15 -0.08 8.49
CA SER A 26 -9.18 -1.13 8.45
C SER A 26 -8.89 -2.19 7.38
N ALA A 27 -8.41 -1.75 6.20
CA ALA A 27 -8.04 -2.63 5.10
C ALA A 27 -6.55 -3.03 5.14
N LEU A 28 -5.66 -2.15 5.62
CA LEU A 28 -4.24 -2.45 5.81
C LEU A 28 -4.05 -3.63 6.78
N ALA A 29 -4.82 -3.67 7.87
CA ALA A 29 -4.87 -4.77 8.83
C ALA A 29 -5.50 -6.07 8.27
N THR A 30 -6.38 -5.95 7.28
CA THR A 30 -6.98 -7.08 6.53
C THR A 30 -5.97 -7.81 5.62
N SER A 31 -4.82 -7.17 5.33
CA SER A 31 -3.83 -7.63 4.35
C SER A 31 -2.43 -7.76 4.97
N SER A 32 -2.26 -8.71 5.90
CA SER A 32 -1.00 -8.96 6.64
C SER A 32 0.25 -9.08 5.76
N ALA A 33 0.10 -9.54 4.51
CA ALA A 33 1.16 -9.59 3.51
C ALA A 33 1.73 -8.21 3.10
N ILE A 34 1.06 -7.09 3.40
CA ILE A 34 1.64 -5.75 3.20
C ILE A 34 2.87 -5.53 4.09
N SER A 35 2.86 -6.04 5.32
CA SER A 35 4.03 -6.02 6.20
C SER A 35 5.13 -6.96 5.69
N ARG A 36 4.75 -8.05 5.02
CA ARG A 36 5.68 -8.92 4.28
C ARG A 36 6.38 -8.21 3.13
N ALA A 37 5.72 -7.25 2.47
CA ALA A 37 6.33 -6.42 1.43
C ALA A 37 7.57 -5.69 1.99
N PHE A 38 7.46 -5.02 3.14
CA PHE A 38 8.60 -4.41 3.82
C PHE A 38 9.60 -5.44 4.37
N ALA A 39 9.14 -6.58 4.91
CA ALA A 39 10.04 -7.67 5.34
C ALA A 39 10.87 -8.26 4.19
N SER A 40 10.39 -8.18 2.94
CA SER A 40 11.10 -8.60 1.72
C SER A 40 12.21 -7.62 1.28
N VAL A 41 12.25 -6.38 1.80
CA VAL A 41 13.20 -5.34 1.42
C VAL A 41 13.77 -4.59 2.63
N SER A 42 14.97 -5.02 3.06
CA SER A 42 15.73 -4.46 4.20
C SER A 42 16.70 -3.34 3.77
N SER A 43 16.26 -2.42 2.91
CA SER A 43 17.05 -1.26 2.45
C SER A 43 16.17 -0.04 2.22
N ALA A 44 16.60 1.14 2.70
CA ALA A 44 15.84 2.40 2.59
C ALA A 44 15.53 2.77 1.12
N SER A 45 16.56 2.80 0.27
CA SER A 45 16.44 3.15 -1.16
C SER A 45 15.59 2.15 -1.96
N ALA A 46 15.67 0.86 -1.63
CA ALA A 46 14.83 -0.17 -2.25
C ALA A 46 13.39 -0.15 -1.71
N ALA A 47 13.15 0.27 -0.47
CA ALA A 47 11.80 0.57 0.02
C ALA A 47 11.20 1.78 -0.73
N SER A 48 12.00 2.78 -1.11
CA SER A 48 11.58 3.84 -2.04
C SER A 48 11.19 3.29 -3.41
N SER A 49 11.96 2.32 -3.95
CA SER A 49 11.61 1.60 -5.18
C SER A 49 10.31 0.78 -5.04
N LEU A 50 10.09 0.11 -3.91
CA LEU A 50 8.82 -0.57 -3.61
C LEU A 50 7.67 0.43 -3.57
N ALA A 51 7.76 1.54 -2.85
CA ALA A 51 6.75 2.60 -2.86
C ALA A 51 6.51 3.18 -4.26
N TYR A 52 7.55 3.32 -5.09
CA TYR A 52 7.41 3.72 -6.49
C TYR A 52 6.63 2.67 -7.32
N ASN A 53 7.07 1.40 -7.35
CA ASN A 53 6.43 0.33 -8.13
C ASN A 53 5.01 0.01 -7.64
N ILE A 54 4.84 -0.22 -6.33
CA ILE A 54 3.56 -0.57 -5.71
C ILE A 54 2.62 0.64 -5.70
N GLY A 55 3.13 1.86 -5.45
CA GLY A 55 2.36 3.10 -5.50
C GLY A 55 1.81 3.42 -6.88
N LEU A 56 2.56 3.10 -7.95
CA LEU A 56 2.08 3.16 -9.34
C LEU A 56 0.78 2.36 -9.51
N SER A 57 0.79 1.11 -9.05
CA SER A 57 -0.36 0.21 -9.12
C SER A 57 -1.45 0.53 -8.09
N ALA A 58 -1.12 1.07 -6.92
CA ALA A 58 -2.09 1.54 -5.92
C ALA A 58 -3.00 2.64 -6.47
N ALA A 59 -2.37 3.66 -7.07
CA ALA A 59 -3.03 4.70 -7.85
C ALA A 59 -3.83 4.12 -9.03
N ARG A 60 -3.23 3.23 -9.84
CA ARG A 60 -3.88 2.61 -11.01
C ARG A 60 -5.08 1.73 -10.68
N SER A 61 -5.07 1.04 -9.54
CA SER A 61 -6.18 0.25 -8.99
C SER A 61 -7.40 1.13 -8.64
N LEU A 62 -7.17 2.36 -8.16
CA LEU A 62 -8.21 3.38 -7.94
C LEU A 62 -8.52 4.22 -9.19
N GLY A 63 -7.74 4.07 -10.27
CA GLY A 63 -7.86 4.83 -11.52
C GLY A 63 -7.22 6.23 -11.50
N ILE A 64 -6.37 6.51 -10.50
CA ILE A 64 -5.71 7.80 -10.31
C ILE A 64 -4.56 8.01 -11.32
N ALA A 65 -4.70 8.97 -12.23
CA ALA A 65 -3.68 9.31 -13.22
C ALA A 65 -2.38 9.89 -12.62
N SER A 66 -2.43 10.28 -11.34
CA SER A 66 -1.27 10.70 -10.55
C SER A 66 -0.33 9.54 -10.19
N ASP A 67 -0.50 8.33 -10.72
CA ASP A 67 0.37 7.18 -10.42
C ASP A 67 1.87 7.49 -10.42
N THR A 68 2.39 8.10 -11.49
CA THR A 68 3.81 8.50 -11.60
C THR A 68 4.20 9.65 -10.66
N ALA A 69 3.32 10.63 -10.47
CA ALA A 69 3.56 11.79 -9.61
C ALA A 69 3.54 11.42 -8.12
N LEU A 70 2.57 10.61 -7.70
CA LEU A 70 2.51 10.01 -6.37
C LEU A 70 3.71 9.08 -6.17
N ALA A 71 4.00 8.14 -7.07
CA ALA A 71 5.16 7.25 -6.95
C ALA A 71 6.49 8.02 -6.75
N GLY A 72 6.63 9.14 -7.47
CA GLY A 72 7.75 10.09 -7.33
C GLY A 72 7.76 10.95 -6.05
N ALA A 73 6.77 10.80 -5.15
CA ALA A 73 6.65 11.49 -3.86
C ALA A 73 6.48 10.51 -2.67
N LEU A 74 5.87 9.35 -2.91
CA LEU A 74 5.76 8.21 -2.00
C LEU A 74 7.13 7.63 -1.70
N ALA A 75 8.00 7.57 -2.71
CA ALA A 75 9.43 7.31 -2.58
C ALA A 75 10.15 8.32 -1.65
N GLN A 76 9.73 9.59 -1.59
CA GLN A 76 10.26 10.54 -0.60
C GLN A 76 9.66 10.33 0.80
N ALA A 77 8.36 10.00 0.91
CA ALA A 77 7.72 9.75 2.20
C ALA A 77 8.32 8.50 2.89
N VAL A 78 8.44 7.38 2.19
CA VAL A 78 9.08 6.16 2.74
C VAL A 78 10.61 6.30 2.85
N GLY A 79 11.26 6.90 1.85
CA GLY A 79 12.73 7.01 1.77
C GLY A 79 13.31 8.03 2.75
N GLY A 80 12.54 9.07 3.10
CA GLY A 80 12.89 10.08 4.10
C GLY A 80 13.10 9.50 5.51
N VAL A 81 12.46 8.37 5.83
CA VAL A 81 12.59 7.62 7.11
C VAL A 81 12.71 6.11 6.83
N GLY A 82 13.40 5.73 5.75
CA GLY A 82 13.64 4.33 5.41
C GLY A 82 14.63 3.67 6.38
N ALA A 83 14.32 2.45 6.84
CA ALA A 83 15.09 1.67 7.82
C ALA A 83 15.51 2.45 9.09
N GLY A 84 14.60 2.54 10.07
CA GLY A 84 14.92 3.07 11.40
C GLY A 84 13.76 3.07 12.40
N ALA A 85 12.54 3.38 11.94
CA ALA A 85 11.34 3.39 12.76
C ALA A 85 10.65 2.01 12.80
N SER A 86 9.96 1.60 11.72
CA SER A 86 9.18 0.35 11.56
C SER A 86 8.21 0.50 10.38
N ALA A 87 7.60 -0.61 9.93
CA ALA A 87 6.38 -0.61 9.12
C ALA A 87 5.27 0.31 9.65
N SER A 88 5.24 0.69 10.94
CA SER A 88 4.34 1.73 11.45
C SER A 88 4.62 3.09 10.80
N ALA A 89 5.88 3.54 10.78
CA ALA A 89 6.26 4.76 10.06
C ALA A 89 6.16 4.59 8.54
N TYR A 90 6.51 3.43 7.97
CA TYR A 90 6.45 3.24 6.52
C TYR A 90 4.99 3.22 6.03
N ALA A 91 4.08 2.55 6.75
CA ALA A 91 2.64 2.60 6.48
C ALA A 91 2.03 3.97 6.78
N ASN A 92 2.41 4.66 7.86
CA ASN A 92 1.95 6.03 8.10
C ASN A 92 2.45 6.99 7.02
N ALA A 93 3.69 6.84 6.53
CA ALA A 93 4.22 7.59 5.41
C ALA A 93 3.49 7.27 4.10
N ILE A 94 3.28 5.98 3.78
CA ILE A 94 2.53 5.55 2.59
C ILE A 94 1.08 6.05 2.64
N ALA A 95 0.41 5.99 3.80
CA ALA A 95 -0.99 6.36 3.97
C ALA A 95 -1.20 7.88 4.08
N ARG A 96 -0.35 8.62 4.81
CA ARG A 96 -0.41 10.09 4.85
C ARG A 96 -0.14 10.68 3.47
N ALA A 97 0.80 10.12 2.69
CA ALA A 97 1.16 10.62 1.36
C ALA A 97 0.18 10.17 0.28
N ALA A 98 -0.40 8.96 0.37
CA ALA A 98 -1.59 8.59 -0.39
C ALA A 98 -2.73 9.60 -0.13
N GLY A 99 -3.01 9.88 1.15
CA GLY A 99 -3.99 10.86 1.58
C GLY A 99 -3.67 12.27 1.09
N GLN A 100 -2.40 12.71 1.11
CA GLN A 100 -1.97 14.04 0.64
C GLN A 100 -2.40 14.32 -0.79
N PHE A 101 -2.23 13.38 -1.72
CA PHE A 101 -2.66 13.59 -3.10
C PHE A 101 -4.19 13.59 -3.21
N LEU A 102 -4.87 12.61 -2.60
CA LEU A 102 -6.34 12.50 -2.67
C LEU A 102 -7.06 13.71 -2.03
N ALA A 103 -6.50 14.25 -0.94
CA ALA A 103 -6.90 15.47 -0.25
C ALA A 103 -6.72 16.76 -1.08
N THR A 104 -6.18 16.68 -2.31
CA THR A 104 -6.28 17.78 -3.29
C THR A 104 -7.73 18.14 -3.67
N GLN A 105 -8.70 17.30 -3.29
CA GLN A 105 -10.15 17.39 -3.53
C GLN A 105 -10.57 16.74 -4.86
N GLY A 106 -9.64 16.09 -5.57
CA GLY A 106 -9.87 15.37 -6.83
C GLY A 106 -10.41 13.94 -6.63
N VAL A 107 -10.35 13.41 -5.40
CA VAL A 107 -10.76 12.05 -5.03
C VAL A 107 -11.49 12.03 -3.68
N LEU A 108 -10.94 12.74 -2.68
CA LEU A 108 -11.59 12.90 -1.36
C LEU A 108 -12.68 14.00 -1.41
N ASN A 109 -13.79 13.77 -0.70
CA ASN A 109 -14.95 14.67 -0.66
C ASN A 109 -15.64 14.70 0.73
N ALA A 110 -14.86 14.64 1.82
CA ALA A 110 -15.34 14.76 3.22
C ALA A 110 -16.57 13.87 3.58
N GLY A 111 -16.68 12.68 2.97
CA GLY A 111 -17.79 11.72 3.16
C GLY A 111 -17.45 10.34 2.59
N ASN A 112 -16.85 10.28 1.40
CA ASN A 112 -16.23 9.07 0.86
C ASN A 112 -14.78 8.85 1.34
N ALA A 113 -14.27 9.63 2.30
CA ALA A 113 -12.89 9.54 2.77
C ALA A 113 -12.55 8.14 3.32
N SER A 114 -13.42 7.54 4.14
CA SER A 114 -13.23 6.18 4.68
C SER A 114 -13.37 5.07 3.63
N ALA A 115 -14.32 5.22 2.71
CA ALA A 115 -14.52 4.28 1.61
C ALA A 115 -13.31 4.24 0.67
N LEU A 116 -12.86 5.41 0.20
CA LEU A 116 -11.67 5.52 -0.64
C LEU A 116 -10.39 5.19 0.12
N ALA A 117 -10.32 5.40 1.43
CA ALA A 117 -9.17 4.99 2.25
C ALA A 117 -9.01 3.49 2.38
N GLY A 118 -10.08 2.79 2.77
CA GLY A 118 -10.11 1.34 2.80
C GLY A 118 -9.68 0.79 1.45
N SER A 119 -10.27 1.30 0.37
CA SER A 119 -9.85 0.96 -1.00
C SER A 119 -8.37 1.27 -1.30
N PHE A 120 -7.83 2.46 -0.98
CA PHE A 120 -6.44 2.83 -1.30
C PHE A 120 -5.42 1.99 -0.53
N ALA A 121 -5.70 1.74 0.74
CA ALA A 121 -4.95 0.84 1.60
C ALA A 121 -4.95 -0.59 1.03
N ARG A 122 -6.14 -1.17 0.82
CA ARG A 122 -6.30 -2.50 0.20
C ARG A 122 -5.69 -2.55 -1.20
N ALA A 123 -5.70 -1.47 -1.98
CA ALA A 123 -5.12 -1.41 -3.33
C ALA A 123 -3.58 -1.40 -3.33
N LEU A 124 -2.95 -0.60 -2.46
CA LEU A 124 -1.50 -0.65 -2.26
C LEU A 124 -1.10 -2.04 -1.73
N SER A 125 -1.87 -2.58 -0.78
CA SER A 125 -1.74 -3.97 -0.35
C SER A 125 -2.03 -5.01 -1.44
N ALA A 126 -2.91 -4.76 -2.40
CA ALA A 126 -3.30 -5.72 -3.44
C ALA A 126 -2.19 -5.88 -4.47
N SER A 127 -1.59 -4.76 -4.90
CA SER A 127 -0.33 -4.77 -5.63
C SER A 127 0.76 -5.48 -4.80
N ALA A 128 0.96 -5.13 -3.53
CA ALA A 128 1.95 -5.80 -2.66
C ALA A 128 1.72 -7.32 -2.50
N GLU A 129 0.49 -7.77 -2.29
CA GLU A 129 0.08 -9.19 -2.17
C GLU A 129 0.36 -9.98 -3.46
N SER A 130 0.08 -9.40 -4.63
CA SER A 130 0.39 -9.99 -5.94
C SER A 130 1.88 -9.90 -6.28
N GLN A 131 2.56 -8.83 -5.88
CA GLN A 131 4.00 -8.66 -6.03
C GLN A 131 4.80 -9.57 -5.07
N SER A 132 4.25 -10.04 -3.96
CA SER A 132 4.80 -11.18 -3.19
C SER A 132 4.91 -12.47 -4.02
N PHE A 133 4.27 -12.57 -5.19
CA PHE A 133 4.44 -13.66 -6.17
C PHE A 133 5.38 -13.32 -7.34
N ALA A 134 5.85 -12.06 -7.47
CA ALA A 134 6.76 -11.59 -8.52
C ALA A 134 8.14 -11.13 -8.00
N GLN A 135 8.22 -10.76 -6.72
CA GLN A 135 9.42 -10.39 -5.95
C GLN A 135 9.79 -11.48 -4.94
N SER A 136 8.79 -12.14 -4.35
CA SER A 136 8.94 -13.23 -3.37
C SER A 136 8.44 -14.57 -3.94
N GLN A 137 8.63 -14.78 -5.24
CA GLN A 137 8.30 -16.02 -5.95
C GLN A 137 8.91 -17.28 -5.29
N ALA A 138 9.93 -17.14 -4.44
CA ALA A 138 10.43 -18.19 -3.56
C ALA A 138 9.32 -18.96 -2.83
N TYR A 139 8.17 -18.35 -2.53
CA TYR A 139 7.00 -19.01 -1.96
C TYR A 139 6.44 -20.16 -2.86
N GLN A 140 6.67 -20.15 -4.18
CA GLN A 140 6.28 -21.22 -5.10
C GLN A 140 7.21 -22.45 -5.05
N GLN A 141 8.47 -22.29 -4.61
CA GLN A 141 9.43 -23.39 -4.47
C GLN A 141 9.63 -23.81 -3.00
N ALA A 142 9.40 -22.93 -2.03
CA ALA A 142 9.35 -23.20 -0.59
C ALA A 142 8.09 -24.01 -0.15
N SER A 143 7.60 -24.92 -1.00
CA SER A 143 6.60 -25.93 -0.66
C SER A 143 6.78 -27.20 -1.51
N ALA A 144 6.92 -27.04 -2.83
CA ALA A 144 7.15 -28.16 -3.75
C ALA A 144 8.61 -28.66 -3.76
N PHE A 145 9.59 -27.76 -3.74
CA PHE A 145 11.03 -28.12 -3.81
C PHE A 145 11.53 -28.64 -2.46
N GLN A 146 11.08 -28.04 -1.34
CA GLN A 146 11.40 -28.53 0.01
C GLN A 146 10.78 -29.91 0.32
N GLN A 147 9.66 -30.28 -0.32
CA GLN A 147 9.07 -31.62 -0.20
C GLN A 147 9.94 -32.72 -0.82
N ALA A 148 10.79 -32.40 -1.80
CA ALA A 148 11.77 -33.32 -2.37
C ALA A 148 13.01 -33.55 -1.45
N ALA A 149 13.13 -32.84 -0.33
CA ALA A 149 14.19 -33.02 0.68
C ALA A 149 14.01 -34.26 1.57
N ALA A 150 13.17 -35.23 1.18
CA ALA A 150 12.95 -36.54 1.83
C ALA A 150 14.18 -37.50 1.75
N GLN A 151 15.39 -36.95 1.86
CA GLN A 151 16.70 -37.60 1.71
C GLN A 151 17.59 -37.36 2.94
N SER A 152 16.99 -36.92 4.05
CA SER A 152 17.62 -36.79 5.38
C SER A 152 18.15 -38.11 5.96
N ALA A 153 18.99 -38.01 6.99
CA ALA A 153 19.60 -39.15 7.69
C ALA A 153 18.89 -39.51 9.01
N ALA A 154 17.64 -39.07 9.19
CA ALA A 154 16.79 -39.31 10.36
C ALA A 154 16.31 -40.77 10.54
N GLN A 155 17.13 -41.75 10.15
CA GLN A 155 16.86 -43.19 10.28
C GLN A 155 16.62 -43.67 11.73
N SER A 156 17.13 -42.93 12.73
CA SER A 156 16.94 -43.17 14.16
C SER A 156 17.24 -44.61 14.61
N ALA A 157 18.40 -45.13 14.15
CA ALA A 157 18.84 -46.52 14.35
C ALA A 157 20.26 -46.60 14.94
N SER A 158 21.31 -46.60 14.11
CA SER A 158 22.72 -46.59 14.52
C SER A 158 23.36 -45.19 14.51
N ARG A 159 22.56 -44.15 14.22
CA ARG A 159 22.93 -42.73 14.20
C ARG A 159 22.60 -42.05 15.54
N ALA A 160 23.51 -41.20 16.04
CA ALA A 160 23.34 -40.40 17.27
C ALA A 160 22.09 -39.49 17.24
N SER A 1 -35.86 13.73 32.12
CA SER A 1 -35.43 14.63 31.04
C SER A 1 -34.00 14.32 30.55
N GLY A 2 -33.73 14.59 29.28
CA GLY A 2 -32.45 14.33 28.60
C GLY A 2 -32.62 13.86 27.16
N ALA A 3 -31.52 13.89 26.39
CA ALA A 3 -31.47 13.39 25.00
C ALA A 3 -30.03 13.01 24.58
N THR A 4 -29.90 12.23 23.50
CA THR A 4 -28.61 11.77 22.94
C THR A 4 -28.65 11.85 21.41
N SER A 5 -28.22 12.98 20.87
CA SER A 5 -28.13 13.28 19.42
C SER A 5 -26.92 14.20 19.13
N GLN A 6 -26.27 13.97 17.99
CA GLN A 6 -25.15 14.79 17.50
C GLN A 6 -25.44 15.51 16.17
N ALA A 7 -26.46 15.06 15.40
CA ALA A 7 -26.99 15.66 14.15
C ALA A 7 -25.89 16.25 13.21
N ALA A 8 -24.89 15.40 12.88
CA ALA A 8 -23.72 15.76 12.08
C ALA A 8 -23.77 15.18 10.64
N SER A 9 -22.92 15.72 9.76
CA SER A 9 -22.85 15.36 8.33
C SER A 9 -21.44 15.55 7.74
N GLN A 10 -20.84 16.73 7.97
CA GLN A 10 -19.45 17.05 7.60
C GLN A 10 -18.45 16.29 8.52
N SER A 11 -17.69 15.35 7.97
CA SER A 11 -16.59 14.65 8.67
C SER A 11 -15.35 15.56 8.82
N ALA A 12 -15.47 16.58 9.68
CA ALA A 12 -14.51 17.67 9.95
C ALA A 12 -14.15 18.63 8.79
N SER A 13 -14.35 18.22 7.52
CA SER A 13 -14.12 19.01 6.27
C SER A 13 -12.83 19.85 6.22
N SER A 14 -11.77 19.39 6.87
CA SER A 14 -10.47 20.11 6.88
C SER A 14 -9.22 19.23 7.12
N SER A 15 -9.30 18.25 8.02
CA SER A 15 -8.18 17.35 8.42
C SER A 15 -8.41 15.85 8.04
N TYR A 16 -9.34 15.70 7.05
CA TYR A 16 -9.68 14.38 6.49
C TYR A 16 -8.50 13.57 5.90
N SER A 17 -7.40 14.22 5.51
CA SER A 17 -6.23 13.57 4.87
C SER A 17 -5.46 12.63 5.80
N SER A 18 -5.35 13.00 7.08
CA SER A 18 -4.71 12.16 8.11
C SER A 18 -5.69 11.13 8.71
N ALA A 19 -6.97 11.51 8.83
CA ALA A 19 -8.04 10.60 9.27
C ALA A 19 -8.33 9.47 8.24
N PHE A 20 -8.19 9.74 6.93
CA PHE A 20 -8.12 8.74 5.85
C PHE A 20 -7.13 7.63 6.24
N ALA A 21 -5.90 7.98 6.60
CA ALA A 21 -4.86 6.99 6.92
C ALA A 21 -5.21 6.11 8.16
N GLN A 22 -6.19 6.53 8.98
CA GLN A 22 -6.74 5.70 10.06
C GLN A 22 -7.76 4.63 9.55
N ALA A 23 -8.63 4.99 8.64
CA ALA A 23 -9.55 4.06 7.99
C ALA A 23 -8.84 3.14 7.00
N ALA A 24 -7.78 3.59 6.35
CA ALA A 24 -6.81 2.78 5.56
C ALA A 24 -6.28 1.56 6.39
N SER A 25 -5.93 1.78 7.63
CA SER A 25 -5.54 0.72 8.58
C SER A 25 -6.59 -0.39 8.77
N SER A 26 -7.90 -0.10 8.57
CA SER A 26 -8.93 -1.14 8.61
C SER A 26 -8.74 -2.25 7.56
N ALA A 27 -8.32 -1.88 6.35
CA ALA A 27 -8.01 -2.86 5.29
C ALA A 27 -6.52 -3.26 5.27
N LEU A 28 -5.63 -2.36 5.69
CA LEU A 28 -4.18 -2.64 5.86
C LEU A 28 -3.93 -3.77 6.89
N ALA A 29 -4.68 -3.77 8.00
CA ALA A 29 -4.68 -4.86 9.00
C ALA A 29 -5.20 -6.22 8.47
N THR A 30 -6.06 -6.19 7.43
CA THR A 30 -6.52 -7.35 6.63
C THR A 30 -5.42 -7.93 5.69
N SER A 31 -4.29 -7.23 5.52
CA SER A 31 -3.22 -7.61 4.59
C SER A 31 -1.86 -7.60 5.31
N SER A 32 -1.65 -8.56 6.21
CA SER A 32 -0.34 -8.76 6.89
C SER A 32 0.86 -8.88 5.92
N ALA A 33 0.61 -9.36 4.70
CA ALA A 33 1.57 -9.37 3.59
C ALA A 33 2.08 -7.99 3.12
N ILE A 34 1.42 -6.88 3.49
CA ILE A 34 2.03 -5.53 3.30
C ILE A 34 3.25 -5.34 4.22
N SER A 35 3.21 -5.83 5.46
CA SER A 35 4.34 -5.77 6.41
C SER A 35 5.52 -6.64 5.94
N ARG A 36 5.21 -7.76 5.27
CA ARG A 36 6.16 -8.62 4.53
C ARG A 36 6.92 -7.84 3.45
N ALA A 37 6.28 -6.86 2.78
CA ALA A 37 6.94 -6.06 1.75
C ALA A 37 8.17 -5.33 2.34
N PHE A 38 8.03 -4.70 3.52
CA PHE A 38 9.13 -4.07 4.24
C PHE A 38 10.12 -5.09 4.83
N ALA A 39 9.65 -6.26 5.27
CA ALA A 39 10.54 -7.36 5.67
C ALA A 39 11.45 -7.86 4.52
N SER A 40 10.97 -7.79 3.26
CA SER A 40 11.72 -8.10 2.02
C SER A 40 12.77 -7.03 1.62
N VAL A 41 12.69 -5.80 2.20
CA VAL A 41 13.58 -4.69 1.82
C VAL A 41 14.01 -3.87 3.05
N SER A 42 15.24 -4.13 3.48
CA SER A 42 15.90 -3.61 4.68
C SER A 42 16.72 -2.32 4.47
N SER A 43 16.35 -1.50 3.48
CA SER A 43 17.07 -0.27 3.08
C SER A 43 16.12 0.89 2.81
N ALA A 44 16.45 2.09 3.29
CA ALA A 44 15.61 3.29 3.19
C ALA A 44 15.24 3.69 1.74
N SER A 45 16.24 3.79 0.86
CA SER A 45 16.02 4.15 -0.57
C SER A 45 15.30 3.03 -1.34
N ALA A 46 15.60 1.77 -1.05
CA ALA A 46 14.90 0.65 -1.66
C ALA A 46 13.46 0.47 -1.15
N ALA A 47 13.14 0.82 0.09
CA ALA A 47 11.77 0.91 0.59
C ALA A 47 10.99 2.03 -0.14
N SER A 48 11.66 3.15 -0.46
CA SER A 48 11.14 4.17 -1.37
C SER A 48 10.89 3.59 -2.80
N SER A 49 11.77 2.74 -3.33
CA SER A 49 11.57 2.03 -4.61
C SER A 49 10.42 1.01 -4.59
N LEU A 50 10.24 0.28 -3.48
CA LEU A 50 9.04 -0.56 -3.21
C LEU A 50 7.78 0.31 -3.29
N ALA A 51 7.74 1.35 -2.50
CA ALA A 51 6.58 2.24 -2.44
C ALA A 51 6.33 3.02 -3.77
N TYR A 52 7.37 3.28 -4.59
CA TYR A 52 7.27 3.71 -6.00
C TYR A 52 6.61 2.62 -6.90
N ASN A 53 7.18 1.42 -6.96
CA ASN A 53 6.70 0.32 -7.80
C ASN A 53 5.21 -0.01 -7.52
N ILE A 54 4.86 -0.11 -6.24
CA ILE A 54 3.51 -0.43 -5.80
C ILE A 54 2.58 0.80 -5.82
N GLY A 55 3.06 1.99 -5.43
CA GLY A 55 2.26 3.24 -5.41
C GLY A 55 1.70 3.63 -6.78
N LEU A 56 2.46 3.36 -7.84
CA LEU A 56 2.02 3.48 -9.25
C LEU A 56 0.78 2.60 -9.54
N SER A 57 0.88 1.32 -9.27
CA SER A 57 -0.22 0.35 -9.41
C SER A 57 -1.40 0.63 -8.43
N ALA A 58 -1.13 1.14 -7.22
CA ALA A 58 -2.15 1.51 -6.24
C ALA A 58 -3.07 2.63 -6.75
N ALA A 59 -2.45 3.71 -7.21
CA ALA A 59 -3.19 4.80 -7.88
C ALA A 59 -3.96 4.28 -9.12
N ARG A 60 -3.34 3.50 -9.99
CA ARG A 60 -3.98 2.87 -11.16
C ARG A 60 -5.21 2.02 -10.75
N SER A 61 -5.07 1.19 -9.71
CA SER A 61 -6.13 0.29 -9.20
C SER A 61 -7.39 1.06 -8.73
N LEU A 62 -7.20 2.24 -8.12
CA LEU A 62 -8.28 3.19 -7.77
C LEU A 62 -8.78 4.01 -8.97
N GLY A 63 -7.99 4.11 -10.04
CA GLY A 63 -8.31 4.82 -11.28
C GLY A 63 -7.60 6.21 -11.43
N ILE A 64 -6.71 6.55 -10.51
CA ILE A 64 -5.97 7.83 -10.39
C ILE A 64 -4.85 7.87 -11.45
N ALA A 65 -5.03 8.67 -12.50
CA ALA A 65 -4.03 8.90 -13.56
C ALA A 65 -2.77 9.66 -13.07
N SER A 66 -2.79 10.18 -11.84
CA SER A 66 -1.60 10.70 -11.13
C SER A 66 -0.58 9.61 -10.74
N ASP A 67 -0.85 8.33 -11.04
CA ASP A 67 0.03 7.17 -10.70
C ASP A 67 1.56 7.42 -10.85
N THR A 68 2.01 7.93 -11.99
CA THR A 68 3.41 8.27 -12.26
C THR A 68 3.98 9.35 -11.33
N ALA A 69 3.14 10.32 -10.93
CA ALA A 69 3.50 11.39 -10.01
C ALA A 69 3.47 10.94 -8.54
N LEU A 70 2.43 10.16 -8.13
CA LEU A 70 2.29 9.56 -6.80
C LEU A 70 3.46 8.61 -6.51
N ALA A 71 3.82 7.74 -7.47
CA ALA A 71 4.96 6.82 -7.34
C ALA A 71 6.29 7.59 -7.05
N GLY A 72 6.49 8.73 -7.70
CA GLY A 72 7.60 9.67 -7.47
C GLY A 72 7.42 10.67 -6.30
N ALA A 73 6.40 10.49 -5.44
CA ALA A 73 6.07 11.37 -4.30
C ALA A 73 5.86 10.57 -2.99
N LEU A 74 5.31 9.36 -3.08
CA LEU A 74 5.26 8.36 -2.00
C LEU A 74 6.70 7.98 -1.58
N ALA A 75 7.60 7.83 -2.55
CA ALA A 75 9.04 7.63 -2.32
C ALA A 75 9.68 8.73 -1.45
N GLN A 76 9.25 9.99 -1.58
CA GLN A 76 9.69 11.12 -0.73
C GLN A 76 9.15 11.01 0.71
N ALA A 77 7.87 10.65 0.90
CA ALA A 77 7.30 10.40 2.23
C ALA A 77 7.92 9.17 2.95
N VAL A 78 8.10 8.07 2.21
CA VAL A 78 8.64 6.78 2.70
C VAL A 78 10.14 6.87 2.96
N GLY A 79 10.91 7.38 1.99
CA GLY A 79 12.36 7.64 2.14
C GLY A 79 12.66 8.64 3.29
N GLY A 80 11.78 9.63 3.47
CA GLY A 80 11.80 10.60 4.59
C GLY A 80 11.81 9.99 6.01
N VAL A 81 11.37 8.72 6.17
CA VAL A 81 11.38 7.97 7.46
C VAL A 81 11.99 6.55 7.25
N GLY A 82 12.68 6.32 6.12
CA GLY A 82 13.28 5.01 5.80
C GLY A 82 14.31 4.59 6.87
N ALA A 83 14.15 3.35 7.40
CA ALA A 83 14.93 2.74 8.48
C ALA A 83 15.12 3.63 9.74
N GLY A 84 14.16 3.54 10.68
CA GLY A 84 14.30 4.16 12.01
C GLY A 84 13.09 3.95 12.95
N ALA A 85 11.89 3.92 12.37
CA ALA A 85 10.66 3.57 13.06
C ALA A 85 10.35 2.06 12.88
N SER A 86 9.47 1.72 11.92
CA SER A 86 9.06 0.33 11.59
C SER A 86 8.14 0.31 10.37
N ALA A 87 7.67 -0.89 9.99
CA ALA A 87 6.51 -1.08 9.12
C ALA A 87 5.29 -0.19 9.48
N SER A 88 5.10 0.19 10.75
CA SER A 88 4.04 1.13 11.15
C SER A 88 4.23 2.51 10.50
N ALA A 89 5.42 3.08 10.58
CA ALA A 89 5.71 4.37 9.91
C ALA A 89 5.76 4.24 8.38
N TYR A 90 6.26 3.11 7.84
CA TYR A 90 6.30 2.91 6.37
C TYR A 90 4.85 2.81 5.82
N ALA A 91 4.02 1.96 6.43
CA ALA A 91 2.58 1.85 6.15
C ALA A 91 1.81 3.17 6.35
N ASN A 92 2.08 3.91 7.43
CA ASN A 92 1.44 5.21 7.68
C ASN A 92 1.92 6.30 6.68
N ALA A 93 3.22 6.32 6.35
CA ALA A 93 3.74 7.21 5.30
C ALA A 93 3.14 6.90 3.92
N ILE A 94 2.99 5.61 3.63
CA ILE A 94 2.32 5.09 2.42
C ILE A 94 0.82 5.52 2.38
N ALA A 95 0.03 5.17 3.41
CA ALA A 95 -1.40 5.48 3.46
C ALA A 95 -1.68 7.00 3.55
N ARG A 96 -0.88 7.74 4.35
CA ARG A 96 -0.97 9.22 4.42
C ARG A 96 -0.62 9.84 3.06
N ALA A 97 0.46 9.44 2.38
CA ALA A 97 0.85 10.03 1.09
C ALA A 97 -0.15 9.71 -0.02
N ALA A 98 -0.71 8.49 0.00
CA ALA A 98 -1.85 8.13 -0.86
C ALA A 98 -3.07 9.07 -0.65
N GLY A 99 -3.46 9.28 0.62
CA GLY A 99 -4.56 10.18 0.98
C GLY A 99 -4.24 11.66 0.73
N GLN A 100 -3.00 12.09 0.96
CA GLN A 100 -2.48 13.45 0.70
C GLN A 100 -2.68 13.84 -0.77
N PHE A 101 -2.38 12.95 -1.71
CA PHE A 101 -2.54 13.24 -3.14
C PHE A 101 -4.03 13.48 -3.49
N LEU A 102 -4.94 12.69 -2.91
CA LEU A 102 -6.40 12.77 -3.12
C LEU A 102 -7.00 14.03 -2.46
N ALA A 103 -6.52 14.40 -1.27
CA ALA A 103 -6.82 15.67 -0.60
C ALA A 103 -6.27 16.91 -1.35
N THR A 104 -5.06 16.78 -1.91
CA THR A 104 -4.37 17.79 -2.74
C THR A 104 -5.12 18.05 -4.07
N GLN A 105 -5.53 16.98 -4.78
CA GLN A 105 -6.25 17.06 -6.05
C GLN A 105 -7.70 17.53 -5.85
N GLY A 106 -8.46 16.89 -4.94
CA GLY A 106 -9.89 17.17 -4.73
C GLY A 106 -10.81 15.92 -4.77
N VAL A 107 -10.21 14.72 -4.75
CA VAL A 107 -10.95 13.42 -4.75
C VAL A 107 -11.64 13.21 -3.38
N LEU A 108 -10.91 13.52 -2.29
CA LEU A 108 -11.50 13.54 -0.92
C LEU A 108 -12.53 14.68 -0.80
N ASN A 109 -13.65 14.38 -0.09
CA ASN A 109 -14.86 15.22 0.06
C ASN A 109 -15.50 15.08 1.47
N ALA A 110 -14.73 14.64 2.47
CA ALA A 110 -15.14 14.53 3.90
C ALA A 110 -16.44 13.71 4.12
N GLY A 111 -16.53 12.59 3.41
CA GLY A 111 -17.62 11.62 3.54
C GLY A 111 -17.29 10.25 2.93
N ASN A 112 -16.63 10.24 1.75
CA ASN A 112 -15.99 9.06 1.14
C ASN A 112 -14.50 8.93 1.53
N ALA A 113 -13.98 9.69 2.51
CA ALA A 113 -12.57 9.57 2.93
C ALA A 113 -12.27 8.16 3.46
N SER A 114 -13.07 7.61 4.37
CA SER A 114 -12.89 6.23 4.87
C SER A 114 -13.12 5.13 3.82
N ALA A 115 -14.08 5.33 2.91
CA ALA A 115 -14.39 4.41 1.83
C ALA A 115 -13.21 4.29 0.84
N LEU A 116 -12.72 5.43 0.31
CA LEU A 116 -11.49 5.48 -0.52
C LEU A 116 -10.25 5.02 0.27
N ALA A 117 -10.15 5.33 1.56
CA ALA A 117 -9.00 4.92 2.35
C ALA A 117 -8.85 3.41 2.46
N GLY A 118 -9.94 2.75 2.87
CA GLY A 118 -10.00 1.26 2.91
C GLY A 118 -9.65 0.64 1.51
N SER A 119 -10.24 1.15 0.46
CA SER A 119 -9.86 0.73 -0.90
C SER A 119 -8.39 1.02 -1.30
N PHE A 120 -7.86 2.19 -1.00
CA PHE A 120 -6.47 2.55 -1.31
C PHE A 120 -5.50 1.68 -0.56
N ALA A 121 -5.77 1.53 0.73
CA ALA A 121 -5.02 0.61 1.56
C ALA A 121 -4.96 -0.83 1.00
N ARG A 122 -6.17 -1.38 0.75
CA ARG A 122 -6.32 -2.73 0.18
C ARG A 122 -5.73 -2.80 -1.25
N ALA A 123 -5.74 -1.72 -2.02
CA ALA A 123 -5.27 -1.73 -3.42
C ALA A 123 -3.72 -1.65 -3.52
N LEU A 124 -3.16 -0.76 -2.74
CA LEU A 124 -1.70 -0.65 -2.55
C LEU A 124 -1.17 -1.97 -1.93
N SER A 125 -1.83 -2.49 -0.89
CA SER A 125 -1.47 -3.81 -0.32
C SER A 125 -1.80 -5.00 -1.25
N ALA A 126 -2.88 -4.96 -2.07
CA ALA A 126 -3.15 -6.02 -3.08
C ALA A 126 -2.10 -6.05 -4.19
N SER A 127 -1.67 -4.87 -4.65
CA SER A 127 -0.51 -4.74 -5.52
C SER A 127 0.75 -5.32 -4.83
N ALA A 128 1.04 -4.98 -3.58
CA ALA A 128 2.16 -5.58 -2.83
C ALA A 128 2.07 -7.13 -2.65
N GLU A 129 0.88 -7.64 -2.33
CA GLU A 129 0.55 -9.10 -2.30
C GLU A 129 0.85 -9.77 -3.67
N SER A 130 0.36 -9.15 -4.75
CA SER A 130 0.57 -9.61 -6.13
C SER A 130 2.02 -9.38 -6.60
N GLN A 131 2.75 -8.40 -6.07
CA GLN A 131 4.18 -8.23 -6.37
C GLN A 131 5.03 -9.37 -5.80
N SER A 132 4.70 -9.92 -4.63
CA SER A 132 5.30 -11.19 -4.17
C SER A 132 5.03 -12.38 -5.15
N PHE A 133 4.04 -12.26 -6.06
CA PHE A 133 3.76 -13.18 -7.18
C PHE A 133 4.30 -12.74 -8.56
N ALA A 134 4.83 -11.52 -8.68
CA ALA A 134 5.33 -10.94 -9.94
C ALA A 134 6.86 -10.63 -9.94
N GLN A 135 7.44 -10.48 -8.74
CA GLN A 135 8.90 -10.31 -8.48
C GLN A 135 9.49 -11.51 -7.71
N SER A 136 8.64 -12.35 -7.10
CA SER A 136 8.97 -13.53 -6.27
C SER A 136 8.14 -14.75 -6.70
N GLN A 137 7.81 -14.81 -8.01
CA GLN A 137 7.12 -15.94 -8.65
C GLN A 137 7.82 -17.30 -8.41
N ALA A 138 9.04 -17.33 -7.89
CA ALA A 138 9.67 -18.51 -7.30
C ALA A 138 8.73 -19.25 -6.30
N TYR A 139 7.92 -18.53 -5.52
CA TYR A 139 6.89 -19.10 -4.62
C TYR A 139 5.82 -19.95 -5.34
N GLN A 140 5.46 -19.62 -6.58
CA GLN A 140 4.46 -20.35 -7.36
C GLN A 140 4.98 -21.75 -7.76
N GLN A 141 6.20 -21.82 -8.33
CA GLN A 141 6.84 -23.12 -8.63
C GLN A 141 7.26 -23.86 -7.34
N ALA A 142 7.81 -23.17 -6.33
CA ALA A 142 8.12 -23.68 -4.99
C ALA A 142 6.87 -23.87 -4.09
N SER A 143 5.74 -24.24 -4.71
CA SER A 143 4.53 -24.73 -4.05
C SER A 143 3.80 -25.78 -4.94
N ALA A 144 3.60 -25.47 -6.23
CA ALA A 144 2.99 -26.40 -7.17
C ALA A 144 3.95 -27.53 -7.64
N PHE A 145 5.19 -27.19 -8.03
CA PHE A 145 6.16 -28.17 -8.56
C PHE A 145 6.73 -29.09 -7.45
N GLN A 146 6.99 -28.54 -6.26
CA GLN A 146 7.42 -29.32 -5.10
C GLN A 146 6.36 -30.33 -4.60
N GLN A 147 5.06 -30.03 -4.75
CA GLN A 147 3.97 -30.98 -4.46
C GLN A 147 3.93 -32.18 -5.44
N ALA A 148 4.45 -32.02 -6.66
CA ALA A 148 4.60 -33.10 -7.65
C ALA A 148 5.94 -33.86 -7.53
N ALA A 149 6.84 -33.47 -6.61
CA ALA A 149 8.15 -34.12 -6.37
C ALA A 149 8.06 -35.46 -5.59
N ALA A 150 6.84 -36.01 -5.38
CA ALA A 150 6.56 -37.31 -4.73
C ALA A 150 7.14 -38.56 -5.49
N GLN A 151 8.15 -38.36 -6.34
CA GLN A 151 8.86 -39.36 -7.16
C GLN A 151 10.36 -39.50 -6.74
N SER A 152 10.69 -39.03 -5.54
CA SER A 152 12.03 -39.09 -4.92
C SER A 152 12.04 -40.07 -3.72
N ALA A 153 13.22 -40.28 -3.11
CA ALA A 153 13.43 -41.16 -1.94
C ALA A 153 12.90 -40.56 -0.59
N ALA A 154 12.16 -39.45 -0.64
CA ALA A 154 11.64 -38.71 0.53
C ALA A 154 10.33 -39.34 1.12
N GLN A 155 10.17 -40.67 1.05
CA GLN A 155 9.03 -41.44 1.62
C GLN A 155 8.83 -41.17 3.13
N SER A 156 7.62 -41.34 3.64
CA SER A 156 7.30 -41.14 5.07
C SER A 156 7.54 -42.41 5.93
N ALA A 157 7.24 -43.59 5.38
CA ALA A 157 7.41 -44.87 6.08
C ALA A 157 8.89 -45.14 6.42
N SER A 158 9.19 -45.34 7.72
CA SER A 158 10.55 -45.55 8.27
C SER A 158 11.61 -44.53 7.76
N ARG A 159 11.30 -43.23 7.91
CA ARG A 159 12.16 -42.09 7.50
C ARG A 159 12.20 -41.04 8.61
N ALA A 160 13.41 -40.65 9.03
CA ALA A 160 13.65 -39.56 9.99
C ALA A 160 13.56 -38.11 9.38
N SER A 1 -8.17 -9.94 11.76
CA SER A 1 -8.96 -8.70 11.77
C SER A 1 -10.32 -8.91 11.11
N GLY A 2 -10.36 -9.22 9.81
CA GLY A 2 -11.60 -9.25 9.03
C GLY A 2 -12.17 -7.84 8.73
N ALA A 3 -13.43 -7.78 8.30
CA ALA A 3 -14.16 -6.54 8.00
C ALA A 3 -14.54 -5.71 9.27
N THR A 4 -13.54 -5.22 10.00
CA THR A 4 -13.64 -4.36 11.22
C THR A 4 -14.14 -2.93 10.94
N SER A 5 -15.32 -2.84 10.30
CA SER A 5 -16.04 -1.62 9.87
C SER A 5 -15.53 -1.12 8.53
N GLN A 6 -16.36 -1.27 7.48
CA GLN A 6 -16.04 -0.96 6.07
C GLN A 6 -17.23 -0.25 5.39
N ALA A 7 -17.39 1.04 5.71
CA ALA A 7 -18.35 1.96 5.10
C ALA A 7 -17.81 3.41 5.09
N ALA A 8 -18.39 4.28 4.26
CA ALA A 8 -18.09 5.71 4.21
C ALA A 8 -18.36 6.44 5.55
N SER A 9 -17.56 7.47 5.87
CA SER A 9 -17.57 8.15 7.17
C SER A 9 -18.49 9.39 7.22
N GLN A 10 -18.26 10.38 6.35
CA GLN A 10 -18.99 11.66 6.21
C GLN A 10 -19.55 12.26 7.52
N SER A 11 -18.68 12.76 8.40
CA SER A 11 -19.10 13.40 9.65
C SER A 11 -18.17 14.53 10.14
N ALA A 12 -16.87 14.28 10.30
CA ALA A 12 -15.94 15.23 10.90
C ALA A 12 -15.73 16.53 10.08
N SER A 13 -15.74 16.41 8.74
CA SER A 13 -15.67 17.52 7.76
C SER A 13 -14.66 18.65 8.07
N SER A 14 -13.47 18.28 8.57
CA SER A 14 -12.40 19.24 8.93
C SER A 14 -10.99 18.62 9.04
N SER A 15 -10.88 17.44 9.66
CA SER A 15 -9.61 16.75 9.96
C SER A 15 -9.54 15.35 9.31
N TYR A 16 -10.14 15.23 8.13
CA TYR A 16 -10.16 14.01 7.32
C TYR A 16 -8.77 13.50 6.92
N SER A 17 -7.74 14.36 6.93
CA SER A 17 -6.35 14.00 6.62
C SER A 17 -5.80 12.85 7.48
N SER A 18 -6.18 12.80 8.76
CA SER A 18 -5.88 11.67 9.66
C SER A 18 -6.99 10.62 9.69
N ALA A 19 -8.27 11.00 9.51
CA ALA A 19 -9.38 10.03 9.47
C ALA A 19 -9.23 9.04 8.31
N PHE A 20 -8.86 9.53 7.11
CA PHE A 20 -8.54 8.68 5.96
C PHE A 20 -7.31 7.81 6.29
N ALA A 21 -6.23 8.39 6.82
CA ALA A 21 -4.97 7.66 7.06
C ALA A 21 -5.07 6.61 8.19
N GLN A 22 -6.04 6.76 9.10
CA GLN A 22 -6.36 5.77 10.13
C GLN A 22 -7.32 4.68 9.60
N ALA A 23 -8.26 5.02 8.72
CA ALA A 23 -9.10 4.06 8.00
C ALA A 23 -8.30 3.23 6.95
N ALA A 24 -7.23 3.78 6.39
CA ALA A 24 -6.23 3.04 5.62
C ALA A 24 -5.69 1.84 6.42
N SER A 25 -5.27 2.06 7.69
CA SER A 25 -4.83 0.97 8.59
C SER A 25 -5.90 -0.10 8.84
N SER A 26 -7.20 0.20 8.72
CA SER A 26 -8.28 -0.80 8.79
C SER A 26 -8.14 -1.87 7.70
N ALA A 27 -7.83 -1.46 6.46
CA ALA A 27 -7.58 -2.35 5.35
C ALA A 27 -6.15 -2.90 5.31
N LEU A 28 -5.15 -2.10 5.72
CA LEU A 28 -3.75 -2.54 5.84
C LEU A 28 -3.59 -3.70 6.84
N ALA A 29 -4.32 -3.66 7.97
CA ALA A 29 -4.42 -4.74 8.95
C ALA A 29 -5.14 -6.01 8.42
N THR A 30 -5.88 -5.89 7.30
CA THR A 30 -6.50 -7.02 6.57
C THR A 30 -5.52 -7.71 5.61
N SER A 31 -4.32 -7.15 5.41
CA SER A 31 -3.28 -7.65 4.50
C SER A 31 -1.95 -7.87 5.23
N SER A 32 -1.87 -8.92 6.04
CA SER A 32 -0.63 -9.29 6.77
C SER A 32 0.59 -9.47 5.85
N ALA A 33 0.38 -9.89 4.60
CA ALA A 33 1.42 -9.99 3.57
C ALA A 33 1.99 -8.61 3.11
N ILE A 34 1.41 -7.47 3.49
CA ILE A 34 2.07 -6.17 3.31
C ILE A 34 3.32 -6.05 4.19
N SER A 35 3.25 -6.52 5.44
CA SER A 35 4.40 -6.54 6.35
C SER A 35 5.53 -7.42 5.81
N ARG A 36 5.20 -8.46 5.03
CA ARG A 36 6.18 -9.31 4.33
C ARG A 36 6.95 -8.57 3.24
N ALA A 37 6.37 -7.55 2.59
CA ALA A 37 7.10 -6.67 1.67
C ALA A 37 8.24 -5.95 2.41
N PHE A 38 7.93 -5.31 3.55
CA PHE A 38 8.93 -4.62 4.38
C PHE A 38 9.92 -5.58 5.07
N ALA A 39 9.48 -6.80 5.42
CA ALA A 39 10.34 -7.87 5.93
C ALA A 39 11.39 -8.35 4.90
N SER A 40 11.07 -8.29 3.61
CA SER A 40 12.01 -8.54 2.50
C SER A 40 12.87 -7.32 2.12
N VAL A 41 12.45 -6.11 2.50
CA VAL A 41 13.03 -4.82 2.10
C VAL A 41 13.63 -4.09 3.32
N SER A 42 14.86 -4.46 3.66
CA SER A 42 15.60 -3.99 4.84
C SER A 42 16.49 -2.75 4.56
N SER A 43 16.07 -1.87 3.66
CA SER A 43 16.81 -0.67 3.21
C SER A 43 15.87 0.52 2.98
N ALA A 44 16.32 1.72 3.37
CA ALA A 44 15.56 2.96 3.22
C ALA A 44 15.14 3.26 1.77
N SER A 45 16.12 3.37 0.88
CA SER A 45 15.90 3.64 -0.55
C SER A 45 15.13 2.51 -1.25
N ALA A 46 15.34 1.25 -0.84
CA ALA A 46 14.60 0.11 -1.38
C ALA A 46 13.13 0.11 -0.92
N ALA A 47 12.81 0.55 0.30
CA ALA A 47 11.43 0.79 0.72
C ALA A 47 10.78 1.90 -0.12
N SER A 48 11.52 2.96 -0.42
CA SER A 48 11.11 3.99 -1.39
C SER A 48 10.85 3.41 -2.78
N SER A 49 11.69 2.50 -3.27
CA SER A 49 11.51 1.81 -4.56
C SER A 49 10.29 0.89 -4.57
N LEU A 50 10.03 0.15 -3.48
CA LEU A 50 8.80 -0.64 -3.34
C LEU A 50 7.58 0.29 -3.35
N ALA A 51 7.57 1.35 -2.55
CA ALA A 51 6.47 2.31 -2.57
C ALA A 51 6.31 3.02 -3.93
N TYR A 52 7.39 3.36 -4.64
CA TYR A 52 7.35 3.87 -6.02
C TYR A 52 6.70 2.84 -6.98
N ASN A 53 7.21 1.61 -7.08
CA ASN A 53 6.66 0.57 -7.95
C ASN A 53 5.19 0.22 -7.61
N ILE A 54 4.91 -0.07 -6.35
CA ILE A 54 3.60 -0.50 -5.86
C ILE A 54 2.60 0.66 -5.83
N GLY A 55 3.02 1.88 -5.49
CA GLY A 55 2.19 3.09 -5.46
C GLY A 55 1.69 3.52 -6.84
N LEU A 56 2.52 3.31 -7.87
CA LEU A 56 2.12 3.44 -9.28
C LEU A 56 0.95 2.50 -9.58
N SER A 57 1.08 1.22 -9.20
CA SER A 57 0.01 0.21 -9.34
C SER A 57 -1.21 0.49 -8.44
N ALA A 58 -1.01 1.04 -7.25
CA ALA A 58 -2.08 1.38 -6.29
C ALA A 58 -2.98 2.51 -6.83
N ALA A 59 -2.36 3.63 -7.25
CA ALA A 59 -3.04 4.69 -7.96
C ALA A 59 -3.79 4.15 -9.19
N ARG A 60 -3.14 3.29 -10.02
CA ARG A 60 -3.79 2.64 -11.17
C ARG A 60 -5.00 1.76 -10.79
N SER A 61 -4.91 1.04 -9.67
CA SER A 61 -5.99 0.20 -9.13
C SER A 61 -7.24 1.01 -8.74
N LEU A 62 -7.06 2.25 -8.26
CA LEU A 62 -8.14 3.21 -8.00
C LEU A 62 -8.53 4.04 -9.26
N GLY A 63 -7.80 3.91 -10.37
CA GLY A 63 -8.00 4.66 -11.61
C GLY A 63 -7.36 6.07 -11.62
N ILE A 64 -6.55 6.38 -10.60
CA ILE A 64 -5.86 7.66 -10.43
C ILE A 64 -4.71 7.80 -11.45
N ALA A 65 -4.91 8.59 -12.50
CA ALA A 65 -3.91 8.86 -13.54
C ALA A 65 -2.62 9.54 -13.03
N SER A 66 -2.62 10.10 -11.80
CA SER A 66 -1.39 10.60 -11.16
C SER A 66 -0.38 9.50 -10.80
N ASP A 67 -0.66 8.21 -11.04
CA ASP A 67 0.21 7.07 -10.72
C ASP A 67 1.73 7.33 -10.79
N THR A 68 2.24 7.79 -11.94
CA THR A 68 3.65 8.15 -12.16
C THR A 68 4.13 9.32 -11.27
N ALA A 69 3.31 10.35 -11.07
CA ALA A 69 3.61 11.52 -10.24
C ALA A 69 3.54 11.19 -8.74
N LEU A 70 2.52 10.45 -8.30
CA LEU A 70 2.42 9.94 -6.93
C LEU A 70 3.56 8.98 -6.61
N ALA A 71 3.89 8.02 -7.49
CA ALA A 71 5.02 7.12 -7.29
C ALA A 71 6.33 7.90 -7.09
N GLY A 72 6.53 8.97 -7.85
CA GLY A 72 7.63 9.93 -7.72
C GLY A 72 7.58 10.84 -6.48
N ALA A 73 6.51 10.79 -5.67
CA ALA A 73 6.31 11.55 -4.43
C ALA A 73 6.15 10.64 -3.19
N LEU A 74 5.75 9.37 -3.38
CA LEU A 74 5.60 8.35 -2.35
C LEU A 74 6.98 7.86 -1.89
N ALA A 75 7.93 7.76 -2.81
CA ALA A 75 9.35 7.61 -2.52
C ALA A 75 9.94 8.75 -1.66
N GLN A 76 9.36 9.96 -1.67
CA GLN A 76 9.76 11.02 -0.72
C GLN A 76 9.18 10.79 0.68
N ALA A 77 7.90 10.40 0.79
CA ALA A 77 7.29 10.09 2.09
C ALA A 77 7.96 8.87 2.78
N VAL A 78 8.39 7.88 2.00
CA VAL A 78 9.02 6.64 2.48
C VAL A 78 10.54 6.75 2.61
N GLY A 79 11.22 7.49 1.71
CA GLY A 79 12.66 7.73 1.79
C GLY A 79 13.04 8.79 2.83
N GLY A 80 12.16 9.78 3.04
CA GLY A 80 12.24 10.76 4.13
C GLY A 80 12.10 10.13 5.53
N VAL A 81 11.53 8.93 5.62
CA VAL A 81 11.36 8.14 6.86
C VAL A 81 11.68 6.67 6.58
N GLY A 82 12.87 6.39 6.03
CA GLY A 82 13.34 5.04 5.71
C GLY A 82 14.29 4.52 6.78
N ALA A 83 13.91 3.42 7.46
CA ALA A 83 14.55 2.84 8.65
C ALA A 83 14.68 3.81 9.85
N GLY A 84 13.95 3.55 10.94
CA GLY A 84 14.11 4.24 12.21
C GLY A 84 12.93 4.06 13.18
N ALA A 85 11.71 4.03 12.64
CA ALA A 85 10.47 3.80 13.41
C ALA A 85 9.99 2.35 13.26
N SER A 86 9.41 2.00 12.10
CA SER A 86 8.92 0.66 11.70
C SER A 86 8.09 0.72 10.42
N ALA A 87 7.60 -0.44 9.97
CA ALA A 87 6.52 -0.56 9.00
C ALA A 87 5.31 0.36 9.27
N SER A 88 4.98 0.70 10.53
CA SER A 88 3.90 1.67 10.83
C SER A 88 4.22 3.09 10.40
N ALA A 89 5.49 3.52 10.41
CA ALA A 89 5.88 4.81 9.84
C ALA A 89 5.73 4.81 8.32
N TYR A 90 6.22 3.77 7.66
CA TYR A 90 6.17 3.69 6.19
C TYR A 90 4.71 3.55 5.74
N ALA A 91 3.92 2.67 6.38
CA ALA A 91 2.49 2.53 6.18
C ALA A 91 1.71 3.84 6.34
N ASN A 92 1.87 4.56 7.45
CA ASN A 92 1.14 5.81 7.64
C ASN A 92 1.62 6.90 6.67
N ALA A 93 2.92 7.02 6.38
CA ALA A 93 3.45 7.94 5.38
C ALA A 93 2.98 7.60 3.96
N ILE A 94 2.89 6.32 3.61
CA ILE A 94 2.37 5.80 2.34
C ILE A 94 0.88 6.13 2.19
N ALA A 95 0.06 5.75 3.19
CA ALA A 95 -1.36 6.06 3.21
C ALA A 95 -1.60 7.57 3.16
N ARG A 96 -0.90 8.36 4.00
CA ARG A 96 -0.94 9.82 4.02
C ARG A 96 -0.61 10.40 2.64
N ALA A 97 0.54 10.10 2.05
CA ALA A 97 0.89 10.62 0.72
C ALA A 97 -0.09 10.19 -0.38
N ALA A 98 -0.61 8.96 -0.34
CA ALA A 98 -1.69 8.51 -1.24
C ALA A 98 -2.95 9.39 -1.13
N GLY A 99 -3.42 9.68 0.09
CA GLY A 99 -4.63 10.49 0.32
C GLY A 99 -4.41 12.00 0.30
N GLN A 100 -3.20 12.48 0.55
CA GLN A 100 -2.77 13.86 0.24
C GLN A 100 -3.04 14.16 -1.24
N PHE A 101 -2.79 13.20 -2.14
CA PHE A 101 -3.10 13.34 -3.57
C PHE A 101 -4.60 13.27 -3.88
N LEU A 102 -5.39 12.47 -3.14
CA LEU A 102 -6.85 12.47 -3.25
C LEU A 102 -7.45 13.82 -2.81
N ALA A 103 -6.90 14.42 -1.76
CA ALA A 103 -7.25 15.75 -1.26
C ALA A 103 -6.83 16.86 -2.24
N THR A 104 -5.63 16.76 -2.81
CA THR A 104 -5.05 17.70 -3.79
C THR A 104 -5.82 17.71 -5.13
N GLN A 105 -6.18 16.54 -5.67
CA GLN A 105 -6.91 16.47 -6.95
C GLN A 105 -8.40 16.83 -6.83
N GLY A 106 -8.97 16.79 -5.61
CA GLY A 106 -10.36 17.17 -5.32
C GLY A 106 -11.36 15.99 -5.26
N VAL A 107 -10.88 14.76 -5.08
CA VAL A 107 -11.70 13.52 -5.05
C VAL A 107 -12.08 13.12 -3.61
N LEU A 108 -11.23 13.48 -2.65
CA LEU A 108 -11.45 13.30 -1.21
C LEU A 108 -11.90 14.64 -0.59
N ASN A 109 -13.06 14.62 0.06
CA ASN A 109 -13.75 15.80 0.61
C ASN A 109 -14.41 15.48 1.97
N ALA A 110 -13.70 14.74 2.83
CA ALA A 110 -14.14 14.28 4.16
C ALA A 110 -15.43 13.39 4.20
N GLY A 111 -15.89 12.89 3.05
CA GLY A 111 -17.12 12.11 2.91
C GLY A 111 -16.87 10.64 2.56
N ASN A 112 -15.86 10.40 1.72
CA ASN A 112 -15.36 9.09 1.30
C ASN A 112 -13.90 8.90 1.76
N ALA A 113 -13.53 9.49 2.92
CA ALA A 113 -12.22 9.34 3.55
C ALA A 113 -11.88 7.87 3.81
N SER A 114 -12.71 7.16 4.58
CA SER A 114 -12.53 5.72 4.85
C SER A 114 -12.73 4.84 3.61
N ALA A 115 -13.63 5.23 2.69
CA ALA A 115 -13.89 4.48 1.46
C ALA A 115 -12.67 4.50 0.51
N LEU A 116 -12.16 5.69 0.15
CA LEU A 116 -10.98 5.80 -0.73
C LEU A 116 -9.71 5.38 -0.01
N ALA A 117 -9.45 5.77 1.24
CA ALA A 117 -8.19 5.43 1.90
C ALA A 117 -8.13 3.97 2.34
N GLY A 118 -9.25 3.39 2.78
CA GLY A 118 -9.39 1.96 2.95
C GLY A 118 -9.07 1.23 1.65
N SER A 119 -9.71 1.62 0.54
CA SER A 119 -9.40 1.05 -0.78
C SER A 119 -7.97 1.33 -1.26
N PHE A 120 -7.35 2.49 -1.00
CA PHE A 120 -5.97 2.80 -1.40
C PHE A 120 -4.98 1.95 -0.61
N ALA A 121 -5.16 1.86 0.70
CA ALA A 121 -4.41 0.96 1.56
C ALA A 121 -4.54 -0.49 1.12
N ARG A 122 -5.78 -0.99 0.94
CA ARG A 122 -6.04 -2.34 0.41
C ARG A 122 -5.52 -2.55 -1.00
N ALA A 123 -5.47 -1.53 -1.85
CA ALA A 123 -5.02 -1.63 -3.24
C ALA A 123 -3.50 -1.66 -3.34
N LEU A 124 -2.82 -0.78 -2.61
CA LEU A 124 -1.36 -0.77 -2.48
C LEU A 124 -0.90 -2.08 -1.82
N SER A 125 -1.58 -2.52 -0.76
CA SER A 125 -1.29 -3.80 -0.12
C SER A 125 -1.63 -4.99 -1.02
N ALA A 126 -2.79 -5.03 -1.70
CA ALA A 126 -3.14 -6.09 -2.66
C ALA A 126 -2.16 -6.15 -3.84
N SER A 127 -1.71 -4.98 -4.34
CA SER A 127 -0.63 -4.91 -5.30
C SER A 127 0.65 -5.52 -4.72
N ALA A 128 1.02 -5.25 -3.47
CA ALA A 128 2.13 -5.97 -2.81
C ALA A 128 1.89 -7.49 -2.66
N GLU A 129 0.68 -7.94 -2.30
CA GLU A 129 0.31 -9.36 -2.20
C GLU A 129 0.43 -10.09 -3.56
N SER A 130 0.00 -9.44 -4.65
CA SER A 130 0.09 -9.94 -6.02
C SER A 130 1.50 -9.78 -6.60
N GLN A 131 2.25 -8.74 -6.21
CA GLN A 131 3.65 -8.56 -6.58
C GLN A 131 4.55 -9.61 -5.94
N SER A 132 4.16 -10.32 -4.87
CA SER A 132 4.84 -11.54 -4.42
C SER A 132 4.96 -12.60 -5.54
N PHE A 133 4.02 -12.65 -6.49
CA PHE A 133 4.12 -13.50 -7.68
C PHE A 133 5.07 -12.92 -8.76
N ALA A 134 5.10 -11.59 -8.95
CA ALA A 134 5.94 -10.94 -9.98
C ALA A 134 7.41 -10.74 -9.55
N GLN A 135 7.66 -10.39 -8.28
CA GLN A 135 9.00 -10.21 -7.69
C GLN A 135 9.73 -11.54 -7.42
N SER A 136 8.96 -12.63 -7.25
CA SER A 136 9.44 -13.99 -6.98
C SER A 136 9.07 -14.95 -8.13
N GLN A 137 8.88 -14.41 -9.35
CA GLN A 137 8.54 -15.17 -10.55
C GLN A 137 9.63 -16.17 -11.00
N ALA A 138 10.80 -16.16 -10.33
CA ALA A 138 11.86 -17.15 -10.46
C ALA A 138 11.36 -18.60 -10.28
N TYR A 139 10.33 -18.81 -9.44
CA TYR A 139 9.58 -20.07 -9.37
C TYR A 139 8.45 -20.14 -10.43
N GLN A 140 7.66 -19.07 -10.64
CA GLN A 140 6.48 -19.08 -11.53
C GLN A 140 6.73 -19.56 -12.96
N GLN A 141 7.94 -19.37 -13.50
CA GLN A 141 8.31 -19.95 -14.80
C GLN A 141 8.17 -21.48 -14.83
N ALA A 142 8.57 -22.18 -13.77
CA ALA A 142 8.24 -23.59 -13.56
C ALA A 142 6.78 -23.74 -13.09
N SER A 143 6.16 -24.90 -13.33
CA SER A 143 4.74 -25.21 -13.02
C SER A 143 3.69 -24.40 -13.81
N ALA A 144 4.05 -23.30 -14.51
CA ALA A 144 3.19 -22.60 -15.48
C ALA A 144 3.61 -22.85 -16.93
N PHE A 145 4.92 -22.97 -17.23
CA PHE A 145 5.42 -23.26 -18.58
C PHE A 145 5.41 -24.77 -18.90
N GLN A 146 5.62 -25.65 -17.91
CA GLN A 146 5.51 -27.11 -18.10
C GLN A 146 4.05 -27.56 -18.30
N GLN A 147 3.11 -26.95 -17.57
CA GLN A 147 1.66 -27.19 -17.69
C GLN A 147 1.05 -26.52 -18.94
N ALA A 148 1.79 -25.67 -19.67
CA ALA A 148 1.38 -25.21 -21.01
C ALA A 148 1.33 -26.34 -22.05
N ALA A 149 1.86 -27.53 -21.74
CA ALA A 149 1.70 -28.76 -22.53
C ALA A 149 0.46 -29.60 -22.12
N ALA A 150 -0.36 -29.13 -21.17
CA ALA A 150 -1.57 -29.80 -20.69
C ALA A 150 -2.87 -29.34 -21.40
N GLN A 151 -2.76 -28.69 -22.57
CA GLN A 151 -3.87 -28.56 -23.54
C GLN A 151 -4.25 -29.93 -24.17
N SER A 152 -4.66 -30.90 -23.34
CA SER A 152 -5.19 -32.19 -23.77
C SER A 152 -6.47 -32.01 -24.60
N ALA A 153 -6.63 -32.85 -25.62
CA ALA A 153 -7.75 -32.78 -26.57
C ALA A 153 -8.86 -33.81 -26.23
N ALA A 154 -8.99 -34.16 -24.94
CA ALA A 154 -9.96 -35.10 -24.40
C ALA A 154 -11.15 -34.41 -23.68
N GLN A 155 -11.27 -33.08 -23.80
CA GLN A 155 -12.39 -32.29 -23.28
C GLN A 155 -13.73 -32.72 -23.92
N SER A 156 -14.75 -32.99 -23.10
CA SER A 156 -16.07 -33.51 -23.53
C SER A 156 -15.99 -34.79 -24.40
N ALA A 157 -17.06 -35.11 -25.15
CA ALA A 157 -17.17 -36.26 -26.04
C ALA A 157 -17.50 -35.83 -27.50
N SER A 158 -16.99 -34.68 -27.92
CA SER A 158 -17.21 -34.05 -29.24
C SER A 158 -16.00 -33.27 -29.76
N ARG A 159 -15.33 -32.48 -28.91
CA ARG A 159 -14.13 -31.69 -29.24
C ARG A 159 -12.92 -32.64 -29.44
N ALA A 160 -12.41 -32.73 -30.67
CA ALA A 160 -11.35 -33.67 -31.11
C ALA A 160 -11.53 -35.13 -30.61
N SER A 1 -37.48 13.27 14.51
CA SER A 1 -36.51 13.33 13.40
C SER A 1 -36.74 12.26 12.32
N GLY A 2 -37.00 11.00 12.74
CA GLY A 2 -37.42 9.89 11.86
C GLY A 2 -36.40 9.51 10.77
N ALA A 3 -35.36 8.75 11.15
CA ALA A 3 -34.15 8.45 10.36
C ALA A 3 -33.33 9.71 10.01
N THR A 4 -32.22 9.55 9.28
CA THR A 4 -31.36 10.65 8.79
C THR A 4 -31.97 11.33 7.55
N SER A 5 -33.15 11.92 7.73
CA SER A 5 -33.85 12.71 6.70
C SER A 5 -33.01 13.91 6.20
N GLN A 6 -33.33 14.41 4.99
CA GLN A 6 -32.50 15.37 4.22
C GLN A 6 -31.05 14.88 4.09
N ALA A 7 -30.84 13.88 3.21
CA ALA A 7 -29.56 13.19 2.94
C ALA A 7 -28.31 14.10 2.94
N ALA A 8 -27.62 14.15 4.09
CA ALA A 8 -26.50 15.05 4.34
C ALA A 8 -25.19 14.63 3.63
N SER A 9 -24.19 15.51 3.66
CA SER A 9 -22.85 15.34 3.08
C SER A 9 -21.76 15.79 4.05
N GLN A 10 -20.49 15.40 3.76
CA GLN A 10 -19.33 15.44 4.67
C GLN A 10 -19.49 14.54 5.93
N SER A 11 -18.37 14.22 6.59
CA SER A 11 -18.30 13.30 7.75
C SER A 11 -17.14 13.60 8.72
N ALA A 12 -15.98 13.97 8.18
CA ALA A 12 -14.75 14.28 8.92
C ALA A 12 -14.15 15.63 8.46
N SER A 13 -15.02 16.57 8.06
CA SER A 13 -14.77 17.94 7.56
C SER A 13 -14.12 18.92 8.56
N SER A 14 -13.12 18.43 9.29
CA SER A 14 -12.37 19.13 10.33
C SER A 14 -10.91 18.64 10.42
N SER A 15 -10.67 17.33 10.23
CA SER A 15 -9.32 16.72 10.25
C SER A 15 -9.23 15.39 9.47
N TYR A 16 -9.95 15.29 8.35
CA TYR A 16 -9.93 14.11 7.47
C TYR A 16 -8.51 13.64 7.07
N SER A 17 -7.52 14.53 7.06
CA SER A 17 -6.11 14.21 6.79
C SER A 17 -5.51 13.12 7.68
N SER A 18 -6.00 12.95 8.91
CA SER A 18 -5.64 11.82 9.79
C SER A 18 -6.72 10.74 9.82
N ALA A 19 -8.00 11.08 9.67
CA ALA A 19 -9.08 10.09 9.60
C ALA A 19 -8.93 9.13 8.41
N PHE A 20 -8.55 9.64 7.22
CA PHE A 20 -8.24 8.80 6.06
C PHE A 20 -7.00 7.93 6.33
N ALA A 21 -5.91 8.51 6.85
CA ALA A 21 -4.64 7.80 7.08
C ALA A 21 -4.73 6.75 8.22
N GLN A 22 -5.71 6.88 9.11
CA GLN A 22 -6.04 5.90 10.14
C GLN A 22 -7.07 4.87 9.67
N ALA A 23 -8.06 5.25 8.84
CA ALA A 23 -8.98 4.31 8.20
C ALA A 23 -8.30 3.41 7.16
N ALA A 24 -7.20 3.88 6.55
CA ALA A 24 -6.25 3.03 5.83
C ALA A 24 -5.81 1.81 6.67
N SER A 25 -5.47 2.01 7.95
CA SER A 25 -5.09 0.94 8.87
C SER A 25 -6.18 -0.13 9.06
N SER A 26 -7.46 0.24 8.96
CA SER A 26 -8.59 -0.71 8.99
C SER A 26 -8.49 -1.78 7.89
N ALA A 27 -8.03 -1.39 6.70
CA ALA A 27 -7.82 -2.27 5.56
C ALA A 27 -6.40 -2.88 5.53
N LEU A 28 -5.38 -2.14 5.95
CA LEU A 28 -3.98 -2.60 6.06
C LEU A 28 -3.86 -3.76 7.06
N ALA A 29 -4.54 -3.67 8.21
CA ALA A 29 -4.67 -4.76 9.19
C ALA A 29 -5.50 -5.96 8.67
N THR A 30 -6.37 -5.74 7.68
CA THR A 30 -7.17 -6.79 7.02
C THR A 30 -6.34 -7.72 6.10
N SER A 31 -5.12 -7.31 5.71
CA SER A 31 -4.23 -8.09 4.85
C SER A 31 -2.76 -7.95 5.26
N SER A 32 -2.31 -8.82 6.18
CA SER A 32 -0.92 -8.90 6.69
C SER A 32 0.15 -9.02 5.58
N ALA A 33 -0.21 -9.46 4.37
CA ALA A 33 0.67 -9.51 3.21
C ALA A 33 1.20 -8.12 2.76
N ILE A 34 0.52 -7.01 3.06
CA ILE A 34 1.07 -5.66 2.86
C ILE A 34 2.28 -5.42 3.77
N SER A 35 2.27 -5.94 5.00
CA SER A 35 3.43 -5.91 5.89
C SER A 35 4.57 -6.80 5.39
N ARG A 36 4.26 -7.96 4.81
CA ARG A 36 5.24 -8.80 4.10
C ARG A 36 5.90 -8.04 2.93
N ALA A 37 5.19 -7.13 2.26
CA ALA A 37 5.74 -6.29 1.19
C ALA A 37 6.97 -5.49 1.64
N PHE A 38 6.88 -4.77 2.77
CA PHE A 38 8.06 -4.11 3.35
C PHE A 38 9.06 -5.14 3.92
N ALA A 39 8.60 -6.25 4.51
CA ALA A 39 9.49 -7.25 5.12
C ALA A 39 10.44 -7.94 4.10
N SER A 40 10.07 -7.99 2.82
CA SER A 40 10.95 -8.41 1.71
C SER A 40 12.14 -7.47 1.43
N VAL A 41 12.26 -6.34 2.15
CA VAL A 41 13.30 -5.31 2.00
C VAL A 41 13.71 -4.73 3.37
N SER A 42 14.93 -4.19 3.49
CA SER A 42 15.53 -3.74 4.76
C SER A 42 16.44 -2.50 4.61
N SER A 43 16.13 -1.62 3.65
CA SER A 43 16.89 -0.40 3.33
C SER A 43 15.94 0.74 2.97
N ALA A 44 16.20 1.95 3.46
CA ALA A 44 15.34 3.13 3.22
C ALA A 44 15.15 3.44 1.72
N SER A 45 16.23 3.40 0.94
CA SER A 45 16.23 3.68 -0.51
C SER A 45 15.58 2.57 -1.34
N ALA A 46 15.61 1.31 -0.87
CA ALA A 46 14.89 0.21 -1.53
C ALA A 46 13.41 0.16 -1.10
N ALA A 47 13.07 0.57 0.13
CA ALA A 47 11.69 0.80 0.55
C ALA A 47 11.03 1.95 -0.23
N SER A 48 11.78 2.98 -0.62
CA SER A 48 11.29 4.00 -1.56
C SER A 48 11.01 3.41 -2.96
N SER A 49 11.84 2.48 -3.45
CA SER A 49 11.58 1.72 -4.69
C SER A 49 10.38 0.76 -4.59
N LEU A 50 10.17 0.14 -3.42
CA LEU A 50 8.94 -0.62 -3.12
C LEU A 50 7.72 0.30 -3.21
N ALA A 51 7.65 1.37 -2.43
CA ALA A 51 6.50 2.27 -2.44
C ALA A 51 6.31 3.02 -3.77
N TYR A 52 7.37 3.21 -4.55
CA TYR A 52 7.30 3.64 -5.95
C TYR A 52 6.54 2.58 -6.78
N ASN A 53 7.04 1.35 -6.87
CA ASN A 53 6.44 0.27 -7.68
C ASN A 53 5.02 -0.11 -7.22
N ILE A 54 4.84 -0.37 -5.93
CA ILE A 54 3.55 -0.74 -5.33
C ILE A 54 2.58 0.46 -5.35
N GLY A 55 3.06 1.69 -5.16
CA GLY A 55 2.23 2.91 -5.23
C GLY A 55 1.72 3.21 -6.65
N LEU A 56 2.55 3.01 -7.67
CA LEU A 56 2.18 3.07 -9.08
C LEU A 56 1.06 2.06 -9.38
N SER A 57 1.24 0.80 -8.95
CA SER A 57 0.24 -0.26 -9.09
C SER A 57 -1.04 -0.02 -8.27
N ALA A 58 -0.94 0.51 -7.06
CA ALA A 58 -2.08 0.83 -6.19
C ALA A 58 -2.95 1.94 -6.79
N ALA A 59 -2.34 3.07 -7.18
CA ALA A 59 -3.00 4.15 -7.91
C ALA A 59 -3.70 3.64 -9.18
N ARG A 60 -3.00 2.84 -10.00
CA ARG A 60 -3.60 2.19 -11.18
C ARG A 60 -4.79 1.30 -10.83
N SER A 61 -4.67 0.45 -9.81
CA SER A 61 -5.71 -0.48 -9.34
C SER A 61 -7.02 0.23 -8.95
N LEU A 62 -6.90 1.43 -8.37
CA LEU A 62 -8.02 2.31 -8.00
C LEU A 62 -8.56 3.12 -9.19
N GLY A 63 -7.68 3.49 -10.13
CA GLY A 63 -7.99 4.30 -11.34
C GLY A 63 -7.30 5.66 -11.40
N ILE A 64 -6.46 6.01 -10.39
CA ILE A 64 -5.68 7.25 -10.32
C ILE A 64 -4.58 7.25 -11.42
N ALA A 65 -4.77 8.06 -12.46
CA ALA A 65 -3.78 8.29 -13.53
C ALA A 65 -2.53 9.08 -13.06
N SER A 66 -2.55 9.64 -11.85
CA SER A 66 -1.37 10.19 -11.16
C SER A 66 -0.38 9.11 -10.73
N ASP A 67 -0.63 7.82 -10.97
CA ASP A 67 0.25 6.69 -10.62
C ASP A 67 1.76 6.97 -10.72
N THR A 68 2.23 7.49 -11.86
CA THR A 68 3.63 7.87 -12.11
C THR A 68 4.15 9.02 -11.24
N ALA A 69 3.34 10.07 -11.04
CA ALA A 69 3.69 11.23 -10.22
C ALA A 69 3.62 10.90 -8.72
N LEU A 70 2.59 10.15 -8.30
CA LEU A 70 2.44 9.62 -6.95
C LEU A 70 3.58 8.67 -6.60
N ALA A 71 4.01 7.76 -7.49
CA ALA A 71 5.16 6.89 -7.24
C ALA A 71 6.42 7.71 -6.87
N GLY A 72 6.66 8.83 -7.55
CA GLY A 72 7.70 9.81 -7.26
C GLY A 72 7.45 10.73 -6.03
N ALA A 73 6.35 10.54 -5.30
CA ALA A 73 5.97 11.32 -4.11
C ALA A 73 5.74 10.44 -2.86
N LEU A 74 5.20 9.22 -3.04
CA LEU A 74 5.15 8.16 -2.02
C LEU A 74 6.55 7.73 -1.61
N ALA A 75 7.46 7.61 -2.58
CA ALA A 75 8.89 7.39 -2.35
C ALA A 75 9.52 8.46 -1.44
N GLN A 76 9.10 9.72 -1.57
CA GLN A 76 9.55 10.84 -0.72
C GLN A 76 8.93 10.81 0.69
N ALA A 77 7.75 10.22 0.87
CA ALA A 77 7.18 9.98 2.20
C ALA A 77 7.85 8.78 2.91
N VAL A 78 7.84 7.58 2.30
CA VAL A 78 8.43 6.37 2.90
C VAL A 78 9.95 6.45 3.01
N GLY A 79 10.62 7.14 2.08
CA GLY A 79 12.08 7.29 2.06
C GLY A 79 12.56 8.47 2.91
N GLY A 80 11.72 9.49 3.11
CA GLY A 80 11.93 10.56 4.09
C GLY A 80 11.92 10.06 5.55
N VAL A 81 11.24 8.94 5.83
CA VAL A 81 11.15 8.29 7.16
C VAL A 81 11.36 6.77 7.03
N GLY A 82 12.34 6.35 6.22
CA GLY A 82 12.70 4.95 6.01
C GLY A 82 13.78 4.46 6.99
N ALA A 83 13.80 3.16 7.27
CA ALA A 83 14.75 2.46 8.15
C ALA A 83 15.14 3.23 9.44
N GLY A 84 14.18 3.41 10.35
CA GLY A 84 14.42 4.03 11.66
C GLY A 84 13.24 4.04 12.63
N ALA A 85 12.01 4.20 12.13
CA ALA A 85 10.79 4.19 12.93
C ALA A 85 10.22 2.76 13.10
N SER A 86 9.59 2.22 12.05
CA SER A 86 8.90 0.92 11.94
C SER A 86 7.97 0.90 10.72
N ALA A 87 7.38 -0.27 10.42
CA ALA A 87 6.17 -0.43 9.65
C ALA A 87 5.08 0.61 9.94
N SER A 88 4.94 1.07 11.19
CA SER A 88 3.97 2.11 11.55
C SER A 88 4.23 3.41 10.75
N ALA A 89 5.48 3.86 10.66
CA ALA A 89 5.84 4.99 9.82
C ALA A 89 5.80 4.66 8.32
N TYR A 90 6.21 3.45 7.89
CA TYR A 90 6.15 3.10 6.47
C TYR A 90 4.70 3.08 5.98
N ALA A 91 3.82 2.37 6.68
CA ALA A 91 2.36 2.37 6.47
C ALA A 91 1.75 3.77 6.55
N ASN A 92 2.05 4.56 7.59
CA ASN A 92 1.50 5.92 7.72
C ASN A 92 2.01 6.84 6.60
N ALA A 93 3.28 6.74 6.19
CA ALA A 93 3.85 7.51 5.07
C ALA A 93 3.25 7.11 3.72
N ILE A 94 3.13 5.81 3.47
CA ILE A 94 2.49 5.21 2.30
C ILE A 94 1.02 5.63 2.21
N ALA A 95 0.25 5.45 3.29
CA ALA A 95 -1.17 5.80 3.36
C ALA A 95 -1.39 7.32 3.30
N ARG A 96 -0.68 8.13 4.10
CA ARG A 96 -0.80 9.60 4.08
C ARG A 96 -0.46 10.14 2.69
N ALA A 97 0.58 9.66 2.02
CA ALA A 97 0.93 10.08 0.67
C ALA A 97 -0.11 9.66 -0.37
N ALA A 98 -0.64 8.43 -0.28
CA ALA A 98 -1.76 7.96 -1.11
C ALA A 98 -2.94 8.94 -1.05
N GLY A 99 -3.34 9.37 0.15
CA GLY A 99 -4.43 10.34 0.34
C GLY A 99 -4.03 11.82 0.20
N GLN A 100 -2.75 12.19 0.33
CA GLN A 100 -2.25 13.54 0.00
C GLN A 100 -2.60 13.88 -1.45
N PHE A 101 -2.39 12.95 -2.38
CA PHE A 101 -2.84 13.12 -3.75
C PHE A 101 -4.37 13.23 -3.88
N LEU A 102 -5.15 12.38 -3.19
CA LEU A 102 -6.62 12.43 -3.26
C LEU A 102 -7.17 13.79 -2.80
N ALA A 103 -6.60 14.35 -1.72
CA ALA A 103 -6.91 15.67 -1.20
C ALA A 103 -6.50 16.80 -2.18
N THR A 104 -5.36 16.64 -2.85
CA THR A 104 -4.85 17.53 -3.90
C THR A 104 -5.71 17.52 -5.18
N GLN A 105 -6.15 16.35 -5.65
CA GLN A 105 -7.04 16.20 -6.82
C GLN A 105 -8.48 16.65 -6.52
N GLY A 106 -9.01 16.31 -5.34
CA GLY A 106 -10.42 16.54 -4.98
C GLY A 106 -11.32 15.31 -5.18
N VAL A 107 -10.76 14.09 -5.23
CA VAL A 107 -11.53 12.83 -5.07
C VAL A 107 -11.89 12.60 -3.60
N LEU A 108 -11.05 13.06 -2.68
CA LEU A 108 -11.26 13.06 -1.24
C LEU A 108 -11.86 14.42 -0.80
N ASN A 109 -13.04 14.39 -0.17
CA ASN A 109 -13.83 15.59 0.17
C ASN A 109 -14.30 15.59 1.65
N ALA A 110 -13.56 14.92 2.53
CA ALA A 110 -13.86 14.75 3.96
C ALA A 110 -15.19 14.01 4.27
N GLY A 111 -15.67 13.17 3.36
CA GLY A 111 -16.90 12.37 3.49
C GLY A 111 -16.76 10.92 3.04
N ASN A 112 -15.85 10.65 2.09
CA ASN A 112 -15.43 9.32 1.64
C ASN A 112 -13.95 9.06 2.00
N ALA A 113 -13.47 9.63 3.12
CA ALA A 113 -12.12 9.45 3.65
C ALA A 113 -11.77 7.97 3.91
N SER A 114 -12.59 7.28 4.70
CA SER A 114 -12.42 5.85 4.99
C SER A 114 -12.66 4.95 3.79
N ALA A 115 -13.57 5.32 2.89
CA ALA A 115 -13.83 4.58 1.66
C ALA A 115 -12.62 4.63 0.71
N LEU A 116 -12.13 5.82 0.35
CA LEU A 116 -10.97 5.97 -0.54
C LEU A 116 -9.69 5.46 0.11
N ALA A 117 -9.33 5.89 1.32
CA ALA A 117 -8.05 5.51 1.92
C ALA A 117 -8.03 4.06 2.42
N GLY A 118 -9.16 3.50 2.86
CA GLY A 118 -9.34 2.07 3.07
C GLY A 118 -9.14 1.29 1.77
N SER A 119 -9.74 1.75 0.66
CA SER A 119 -9.50 1.15 -0.65
C SER A 119 -8.03 1.31 -1.10
N PHE A 120 -7.39 2.46 -0.92
CA PHE A 120 -5.98 2.70 -1.30
C PHE A 120 -5.03 1.81 -0.49
N ALA A 121 -5.25 1.69 0.81
CA ALA A 121 -4.57 0.75 1.69
C ALA A 121 -4.73 -0.70 1.22
N ARG A 122 -5.97 -1.17 1.06
CA ARG A 122 -6.25 -2.53 0.57
C ARG A 122 -5.73 -2.75 -0.87
N ALA A 123 -5.64 -1.71 -1.68
CA ALA A 123 -5.10 -1.76 -3.04
C ALA A 123 -3.57 -1.90 -3.03
N LEU A 124 -2.87 -1.21 -2.11
CA LEU A 124 -1.47 -1.50 -1.79
C LEU A 124 -1.29 -2.94 -1.29
N SER A 125 -2.21 -3.46 -0.46
CA SER A 125 -2.20 -4.86 -0.07
C SER A 125 -2.40 -5.80 -1.26
N ALA A 126 -3.44 -5.58 -2.06
CA ALA A 126 -3.79 -6.41 -3.22
C ALA A 126 -2.73 -6.38 -4.32
N SER A 127 -2.13 -5.22 -4.60
CA SER A 127 -0.98 -5.12 -5.50
C SER A 127 0.25 -5.76 -4.90
N ALA A 128 0.56 -5.62 -3.60
CA ALA A 128 1.65 -6.34 -2.94
C ALA A 128 1.47 -7.88 -2.95
N GLU A 129 0.26 -8.38 -2.71
CA GLU A 129 -0.10 -9.81 -2.79
C GLU A 129 0.19 -10.40 -4.17
N SER A 130 -0.04 -9.63 -5.24
CA SER A 130 0.30 -10.00 -6.63
C SER A 130 1.77 -9.72 -6.98
N GLN A 131 2.34 -8.63 -6.49
CA GLN A 131 3.76 -8.26 -6.67
C GLN A 131 4.70 -9.22 -5.93
N SER A 132 4.23 -10.05 -5.01
CA SER A 132 4.97 -11.22 -4.52
C SER A 132 5.49 -12.10 -5.68
N PHE A 133 4.71 -12.27 -6.76
CA PHE A 133 5.18 -12.96 -7.99
C PHE A 133 6.37 -12.26 -8.69
N ALA A 134 6.60 -10.97 -8.44
CA ALA A 134 7.65 -10.15 -9.07
C ALA A 134 8.77 -9.69 -8.09
N GLN A 135 8.51 -9.77 -6.79
CA GLN A 135 9.42 -9.39 -5.69
C GLN A 135 10.05 -10.63 -5.00
N SER A 136 9.37 -11.78 -5.10
CA SER A 136 9.81 -13.10 -4.61
C SER A 136 10.04 -14.08 -5.77
N GLN A 137 10.26 -13.56 -6.99
CA GLN A 137 10.62 -14.34 -8.19
C GLN A 137 11.98 -15.07 -8.10
N ALA A 138 12.58 -15.25 -6.92
CA ALA A 138 13.82 -16.01 -6.69
C ALA A 138 13.82 -17.43 -7.31
N TYR A 139 12.64 -18.04 -7.44
CA TYR A 139 12.40 -19.27 -8.21
C TYR A 139 12.33 -19.02 -9.74
N GLN A 140 11.54 -18.04 -10.18
CA GLN A 140 11.29 -17.77 -11.62
C GLN A 140 12.49 -17.12 -12.34
N GLN A 141 13.38 -16.46 -11.60
CA GLN A 141 14.63 -15.86 -12.10
C GLN A 141 15.77 -16.87 -12.26
N ALA A 142 15.77 -17.98 -11.51
CA ALA A 142 16.83 -18.99 -11.57
C ALA A 142 16.97 -19.57 -12.99
N SER A 143 18.22 -19.84 -13.40
CA SER A 143 18.68 -20.21 -14.76
C SER A 143 18.98 -18.98 -15.65
N ALA A 144 18.24 -17.88 -15.48
CA ALA A 144 18.47 -16.62 -16.23
C ALA A 144 19.31 -15.60 -15.43
N PHE A 145 18.96 -15.37 -14.16
CA PHE A 145 19.68 -14.47 -13.25
C PHE A 145 21.01 -15.05 -12.77
N GLN A 146 21.10 -16.37 -12.55
CA GLN A 146 22.35 -17.03 -12.13
C GLN A 146 23.48 -16.88 -13.17
N GLN A 147 23.10 -16.85 -14.46
CA GLN A 147 23.99 -16.59 -15.60
C GLN A 147 24.26 -15.09 -15.82
N ALA A 148 23.46 -14.20 -15.21
CA ALA A 148 23.63 -12.74 -15.22
C ALA A 148 24.28 -12.20 -13.92
N ALA A 149 24.73 -13.08 -13.02
CA ALA A 149 25.43 -12.76 -11.76
C ALA A 149 26.83 -12.08 -11.94
N ALA A 150 27.20 -11.74 -13.19
CA ALA A 150 28.37 -10.93 -13.55
C ALA A 150 28.31 -9.45 -13.11
N GLN A 151 27.21 -9.03 -12.46
CA GLN A 151 26.97 -7.70 -11.89
C GLN A 151 27.01 -7.79 -10.35
N SER A 152 28.16 -8.21 -9.81
CA SER A 152 28.44 -8.36 -8.36
C SER A 152 28.29 -7.04 -7.58
N ALA A 153 27.12 -6.85 -6.97
CA ALA A 153 26.75 -5.65 -6.19
C ALA A 153 27.22 -5.68 -4.72
N ALA A 154 28.17 -6.56 -4.37
CA ALA A 154 28.86 -6.65 -3.07
C ALA A 154 29.81 -5.46 -2.77
N GLN A 155 29.40 -4.24 -3.13
CA GLN A 155 30.07 -2.96 -2.88
C GLN A 155 30.15 -2.63 -1.38
N SER A 156 30.89 -1.58 -1.01
CA SER A 156 31.10 -1.18 0.41
C SER A 156 30.26 0.03 0.84
N ALA A 157 29.98 0.96 -0.08
CA ALA A 157 29.06 2.09 0.12
C ALA A 157 27.65 1.75 -0.39
N SER A 158 26.65 2.57 -0.01
CA SER A 158 25.22 2.49 -0.35
C SER A 158 24.47 1.25 0.19
N ARG A 159 25.01 0.04 0.00
CA ARG A 159 24.49 -1.24 0.57
C ARG A 159 24.80 -1.38 2.07
N ALA A 160 24.06 -2.26 2.76
CA ALA A 160 24.10 -2.47 4.20
C ALA A 160 25.43 -3.08 4.73
N SER A 1 -24.19 -16.69 12.54
CA SER A 1 -24.36 -15.31 12.05
C SER A 1 -23.67 -14.29 12.99
N GLY A 2 -23.43 -13.07 12.49
CA GLY A 2 -22.78 -12.00 13.22
C GLY A 2 -21.67 -11.33 12.40
N ALA A 3 -21.97 -10.17 11.82
CA ALA A 3 -21.04 -9.34 11.06
C ALA A 3 -21.44 -7.85 11.13
N THR A 4 -20.50 -6.94 10.86
CA THR A 4 -20.74 -5.49 10.80
C THR A 4 -19.75 -4.81 9.83
N SER A 5 -20.26 -3.83 9.07
CA SER A 5 -19.51 -3.08 8.04
C SER A 5 -20.10 -1.68 7.88
N GLN A 6 -19.76 -0.77 8.79
CA GLN A 6 -20.20 0.64 8.75
C GLN A 6 -19.10 1.57 9.28
N ALA A 7 -18.35 2.18 8.35
CA ALA A 7 -17.28 3.14 8.62
C ALA A 7 -17.32 4.28 7.59
N ALA A 8 -16.97 5.49 8.03
CA ALA A 8 -16.93 6.73 7.26
C ALA A 8 -15.94 7.73 7.89
N SER A 9 -15.69 8.87 7.23
CA SER A 9 -14.83 9.93 7.75
C SER A 9 -15.34 11.31 7.31
N GLN A 10 -15.79 12.10 8.28
CA GLN A 10 -16.35 13.44 8.14
C GLN A 10 -16.24 14.18 9.49
N SER A 11 -15.02 14.35 10.01
CA SER A 11 -14.69 15.12 11.21
C SER A 11 -14.89 16.64 11.01
N ALA A 12 -16.13 17.06 10.74
CA ALA A 12 -16.56 18.42 10.40
C ALA A 12 -15.79 19.04 9.20
N SER A 13 -15.55 18.22 8.16
CA SER A 13 -14.81 18.55 6.92
C SER A 13 -13.45 19.24 7.12
N SER A 14 -12.62 18.67 8.00
CA SER A 14 -11.25 19.11 8.31
C SER A 14 -10.38 17.97 8.87
N SER A 15 -9.05 18.08 8.71
CA SER A 15 -8.04 17.05 9.07
C SER A 15 -8.26 15.65 8.47
N TYR A 16 -9.12 15.58 7.46
CA TYR A 16 -9.50 14.39 6.70
C TYR A 16 -8.33 13.66 6.05
N SER A 17 -7.19 14.31 5.83
CA SER A 17 -5.98 13.72 5.20
C SER A 17 -5.26 12.73 6.12
N SER A 18 -5.21 13.04 7.43
CA SER A 18 -4.69 12.13 8.46
C SER A 18 -5.75 11.12 8.92
N ALA A 19 -7.02 11.54 9.05
CA ALA A 19 -8.12 10.63 9.37
C ALA A 19 -8.43 9.61 8.26
N PHE A 20 -8.21 9.96 6.98
CA PHE A 20 -8.11 9.02 5.85
C PHE A 20 -7.07 7.94 6.17
N ALA A 21 -5.85 8.35 6.51
CA ALA A 21 -4.74 7.42 6.69
C ALA A 21 -4.94 6.42 7.85
N GLN A 22 -5.84 6.73 8.79
CA GLN A 22 -6.29 5.81 9.84
C GLN A 22 -7.33 4.79 9.34
N ALA A 23 -8.28 5.19 8.49
CA ALA A 23 -9.23 4.28 7.85
C ALA A 23 -8.55 3.34 6.83
N ALA A 24 -7.49 3.83 6.17
CA ALA A 24 -6.53 3.02 5.44
C ALA A 24 -5.99 1.88 6.33
N SER A 25 -5.55 2.19 7.55
CA SER A 25 -5.09 1.20 8.52
C SER A 25 -6.10 0.06 8.78
N SER A 26 -7.42 0.30 8.69
CA SER A 26 -8.45 -0.75 8.83
C SER A 26 -8.31 -1.86 7.77
N ALA A 27 -7.96 -1.50 6.54
CA ALA A 27 -7.76 -2.45 5.44
C ALA A 27 -6.31 -2.93 5.32
N LEU A 28 -5.33 -2.07 5.64
CA LEU A 28 -3.92 -2.45 5.74
C LEU A 28 -3.71 -3.54 6.81
N ALA A 29 -4.37 -3.42 7.97
CA ALA A 29 -4.39 -4.45 9.02
C ALA A 29 -5.13 -5.74 8.61
N THR A 30 -6.02 -5.68 7.61
CA THR A 30 -6.68 -6.85 7.00
C THR A 30 -5.72 -7.70 6.14
N SER A 31 -4.54 -7.16 5.81
CA SER A 31 -3.51 -7.78 4.98
C SER A 31 -2.13 -7.59 5.62
N SER A 32 -1.79 -8.46 6.57
CA SER A 32 -0.46 -8.48 7.22
C SER A 32 0.71 -8.56 6.22
N ALA A 33 0.46 -9.11 5.03
CA ALA A 33 1.37 -9.10 3.88
C ALA A 33 1.82 -7.68 3.43
N ILE A 34 1.13 -6.60 3.80
CA ILE A 34 1.63 -5.22 3.62
C ILE A 34 2.96 -5.00 4.37
N SER A 35 3.07 -5.51 5.59
CA SER A 35 4.30 -5.44 6.39
C SER A 35 5.36 -6.34 5.77
N ARG A 36 4.96 -7.50 5.22
CA ARG A 36 5.85 -8.38 4.46
C ARG A 36 6.42 -7.74 3.19
N ALA A 37 5.71 -6.79 2.58
CA ALA A 37 6.22 -5.99 1.47
C ALA A 37 7.46 -5.17 1.87
N PHE A 38 7.39 -4.42 2.98
CA PHE A 38 8.56 -3.73 3.53
C PHE A 38 9.63 -4.75 3.95
N ALA A 39 9.26 -5.85 4.64
CA ALA A 39 10.20 -6.87 5.11
C ALA A 39 10.99 -7.57 3.98
N SER A 40 10.50 -7.51 2.74
CA SER A 40 11.19 -8.00 1.53
C SER A 40 12.47 -7.22 1.18
N VAL A 41 12.59 -5.98 1.65
CA VAL A 41 13.71 -5.05 1.43
C VAL A 41 14.23 -4.50 2.77
N SER A 42 15.47 -4.02 2.81
CA SER A 42 16.12 -3.58 4.06
C SER A 42 16.98 -2.31 3.85
N SER A 43 16.47 -1.40 3.02
CA SER A 43 17.14 -0.16 2.59
C SER A 43 16.15 0.99 2.45
N ALA A 44 16.53 2.17 2.94
CA ALA A 44 15.74 3.40 2.90
C ALA A 44 15.36 3.84 1.48
N SER A 45 16.33 3.80 0.56
CA SER A 45 16.13 4.17 -0.84
C SER A 45 15.40 3.08 -1.64
N ALA A 46 15.67 1.80 -1.35
CA ALA A 46 14.95 0.67 -1.94
C ALA A 46 13.47 0.61 -1.49
N ALA A 47 13.15 1.05 -0.27
CA ALA A 47 11.76 1.24 0.17
C ALA A 47 11.04 2.33 -0.64
N SER A 48 11.75 3.41 -1.01
CA SER A 48 11.25 4.39 -1.98
C SER A 48 10.92 3.74 -3.32
N SER A 49 11.76 2.82 -3.81
CA SER A 49 11.45 2.01 -5.01
C SER A 49 10.26 1.05 -4.82
N LEU A 50 10.12 0.40 -3.65
CA LEU A 50 8.92 -0.40 -3.32
C LEU A 50 7.66 0.47 -3.40
N ALA A 51 7.62 1.62 -2.70
CA ALA A 51 6.47 2.51 -2.78
C ALA A 51 6.25 3.08 -4.19
N TYR A 52 7.29 3.40 -4.95
CA TYR A 52 7.14 3.79 -6.35
C TYR A 52 6.50 2.67 -7.19
N ASN A 53 7.05 1.44 -7.11
CA ASN A 53 6.59 0.27 -7.87
C ASN A 53 5.14 -0.12 -7.52
N ILE A 54 4.82 -0.18 -6.22
CA ILE A 54 3.51 -0.63 -5.73
C ILE A 54 2.50 0.51 -5.74
N GLY A 55 2.91 1.75 -5.43
CA GLY A 55 2.10 2.97 -5.54
C GLY A 55 1.59 3.22 -6.97
N LEU A 56 2.37 2.82 -7.99
CA LEU A 56 1.93 2.79 -9.38
C LEU A 56 0.67 1.92 -9.55
N SER A 57 0.72 0.69 -9.04
CA SER A 57 -0.41 -0.26 -9.05
C SER A 57 -1.54 0.15 -8.10
N ALA A 58 -1.25 0.78 -6.96
CA ALA A 58 -2.25 1.28 -6.01
C ALA A 58 -3.13 2.36 -6.63
N ALA A 59 -2.50 3.38 -7.19
CA ALA A 59 -3.17 4.43 -7.94
C ALA A 59 -3.98 3.83 -9.10
N ARG A 60 -3.42 2.90 -9.89
CA ARG A 60 -4.15 2.18 -10.95
C ARG A 60 -5.37 1.38 -10.45
N SER A 61 -5.24 0.72 -9.30
CA SER A 61 -6.31 -0.04 -8.62
C SER A 61 -7.48 0.86 -8.19
N LEU A 62 -7.20 2.10 -7.80
CA LEU A 62 -8.19 3.13 -7.47
C LEU A 62 -8.67 3.92 -8.72
N GLY A 63 -7.98 3.77 -9.85
CA GLY A 63 -8.23 4.47 -11.12
C GLY A 63 -7.55 5.84 -11.24
N ILE A 64 -6.71 6.21 -10.26
CA ILE A 64 -5.91 7.43 -10.22
C ILE A 64 -4.82 7.37 -11.31
N ALA A 65 -4.95 8.17 -12.37
CA ALA A 65 -3.96 8.31 -13.44
C ALA A 65 -2.68 9.06 -13.01
N SER A 66 -2.67 9.59 -11.78
CA SER A 66 -1.51 10.16 -11.12
C SER A 66 -0.59 9.10 -10.50
N ASP A 67 -0.70 7.82 -10.92
CA ASP A 67 0.23 6.75 -10.53
C ASP A 67 1.70 7.19 -10.57
N THR A 68 2.17 7.76 -11.68
CA THR A 68 3.55 8.27 -11.82
C THR A 68 3.89 9.44 -10.88
N ALA A 69 2.99 10.41 -10.74
CA ALA A 69 3.18 11.60 -9.91
C ALA A 69 3.16 11.26 -8.41
N LEU A 70 2.20 10.42 -8.00
CA LEU A 70 2.12 9.84 -6.66
C LEU A 70 3.32 8.94 -6.39
N ALA A 71 3.74 8.05 -7.29
CA ALA A 71 4.92 7.23 -7.08
C ALA A 71 6.18 8.07 -6.79
N GLY A 72 6.28 9.25 -7.42
CA GLY A 72 7.29 10.29 -7.13
C GLY A 72 7.07 11.13 -5.85
N ALA A 73 5.98 10.90 -5.11
CA ALA A 73 5.64 11.56 -3.83
C ALA A 73 5.47 10.55 -2.67
N LEU A 74 5.14 9.29 -2.97
CA LEU A 74 5.02 8.15 -2.06
C LEU A 74 6.42 7.69 -1.63
N ALA A 75 7.34 7.64 -2.60
CA ALA A 75 8.79 7.49 -2.39
C ALA A 75 9.37 8.52 -1.40
N GLN A 76 8.79 9.72 -1.30
CA GLN A 76 9.22 10.78 -0.38
C GLN A 76 8.63 10.61 1.02
N ALA A 77 7.39 10.12 1.15
CA ALA A 77 6.80 9.81 2.44
C ALA A 77 7.45 8.55 3.06
N VAL A 78 7.54 7.45 2.31
CA VAL A 78 8.21 6.21 2.77
C VAL A 78 9.71 6.42 2.98
N GLY A 79 10.36 7.20 2.10
CA GLY A 79 11.79 7.50 2.14
C GLY A 79 12.17 8.51 3.23
N GLY A 80 11.23 9.37 3.61
CA GLY A 80 11.33 10.29 4.76
C GLY A 80 11.48 9.57 6.11
N VAL A 81 11.08 8.30 6.19
CA VAL A 81 11.24 7.41 7.35
C VAL A 81 11.82 6.04 6.91
N GLY A 82 12.75 6.09 5.95
CA GLY A 82 13.48 4.92 5.45
C GLY A 82 14.36 4.28 6.53
N ALA A 83 13.79 3.33 7.27
CA ALA A 83 14.39 2.55 8.36
C ALA A 83 14.74 3.39 9.61
N GLY A 84 13.92 3.26 10.65
CA GLY A 84 14.03 4.02 11.90
C GLY A 84 12.80 3.90 12.82
N ALA A 85 11.64 3.51 12.25
CA ALA A 85 10.38 3.37 12.98
C ALA A 85 9.82 1.93 12.88
N SER A 86 9.31 1.49 11.70
CA SER A 86 8.69 0.17 11.38
C SER A 86 7.75 0.30 10.17
N ALA A 87 7.11 -0.81 9.76
CA ALA A 87 5.92 -0.84 8.91
C ALA A 87 4.87 0.21 9.29
N SER A 88 4.72 0.63 10.56
CA SER A 88 3.81 1.72 10.94
C SER A 88 4.20 3.08 10.34
N ALA A 89 5.50 3.40 10.24
CA ALA A 89 5.93 4.59 9.51
C ALA A 89 5.63 4.49 8.04
N TYR A 90 5.81 3.31 7.43
CA TYR A 90 5.60 3.10 6.02
C TYR A 90 4.11 3.07 5.71
N ALA A 91 3.30 2.37 6.50
CA ALA A 91 1.85 2.31 6.45
C ALA A 91 1.24 3.69 6.60
N ASN A 92 1.60 4.45 7.64
CA ASN A 92 1.08 5.82 7.79
C ASN A 92 1.63 6.75 6.72
N ALA A 93 2.90 6.63 6.30
CA ALA A 93 3.45 7.49 5.25
C ALA A 93 2.77 7.23 3.91
N ILE A 94 2.63 5.95 3.54
CA ILE A 94 1.93 5.49 2.35
C ILE A 94 0.47 5.92 2.41
N ALA A 95 -0.22 5.71 3.53
CA ALA A 95 -1.63 6.08 3.69
C ALA A 95 -1.86 7.61 3.76
N ARG A 96 -0.97 8.37 4.42
CA ARG A 96 -0.98 9.84 4.40
C ARG A 96 -0.73 10.33 2.98
N ALA A 97 0.37 9.95 2.34
CA ALA A 97 0.71 10.36 0.97
C ALA A 97 -0.32 9.91 -0.08
N ALA A 98 -0.92 8.73 0.09
CA ALA A 98 -2.10 8.29 -0.65
C ALA A 98 -3.20 9.35 -0.57
N GLY A 99 -3.69 9.63 0.64
CA GLY A 99 -4.75 10.60 0.88
C GLY A 99 -4.36 12.05 0.59
N GLN A 100 -3.10 12.42 0.75
CA GLN A 100 -2.54 13.74 0.42
C GLN A 100 -2.79 14.06 -1.05
N PHE A 101 -2.53 13.12 -1.96
CA PHE A 101 -2.78 13.31 -3.38
C PHE A 101 -4.27 13.42 -3.69
N LEU A 102 -5.11 12.61 -3.05
CA LEU A 102 -6.56 12.64 -3.23
C LEU A 102 -7.17 13.95 -2.71
N ALA A 103 -6.70 14.44 -1.57
CA ALA A 103 -7.03 15.74 -0.97
C ALA A 103 -6.52 16.93 -1.81
N THR A 104 -5.39 16.77 -2.50
CA THR A 104 -4.80 17.74 -3.43
C THR A 104 -5.56 17.82 -4.75
N GLN A 105 -5.87 16.69 -5.37
CA GLN A 105 -6.63 16.59 -6.62
C GLN A 105 -8.11 17.01 -6.43
N GLY A 106 -8.78 16.44 -5.42
CA GLY A 106 -10.21 16.62 -5.15
C GLY A 106 -11.02 15.32 -5.13
N VAL A 107 -10.38 14.14 -5.21
CA VAL A 107 -11.00 12.83 -4.92
C VAL A 107 -11.50 12.78 -3.47
N LEU A 108 -10.72 13.32 -2.54
CA LEU A 108 -11.05 13.37 -1.12
C LEU A 108 -11.88 14.64 -0.83
N ASN A 109 -13.04 14.46 -0.22
CA ASN A 109 -14.04 15.51 0.04
C ASN A 109 -14.63 15.42 1.46
N ALA A 110 -13.85 14.84 2.40
CA ALA A 110 -14.24 14.60 3.79
C ALA A 110 -15.60 13.89 3.97
N GLY A 111 -15.84 12.85 3.15
CA GLY A 111 -17.07 12.04 3.19
C GLY A 111 -16.85 10.62 2.66
N ASN A 112 -16.10 10.50 1.55
CA ASN A 112 -15.57 9.24 1.03
C ASN A 112 -14.10 9.02 1.42
N ALA A 113 -13.52 9.81 2.33
CA ALA A 113 -12.12 9.69 2.72
C ALA A 113 -11.85 8.29 3.31
N SER A 114 -12.62 7.84 4.31
CA SER A 114 -12.49 6.47 4.86
C SER A 114 -12.77 5.37 3.82
N ALA A 115 -13.78 5.57 2.96
CA ALA A 115 -14.15 4.61 1.92
C ALA A 115 -13.00 4.39 0.92
N LEU A 116 -12.45 5.48 0.37
CA LEU A 116 -11.30 5.42 -0.53
C LEU A 116 -10.01 5.05 0.21
N ALA A 117 -9.84 5.41 1.48
CA ALA A 117 -8.66 5.05 2.27
C ALA A 117 -8.54 3.55 2.49
N GLY A 118 -9.61 2.92 3.00
CA GLY A 118 -9.68 1.47 3.12
C GLY A 118 -9.36 0.82 1.78
N SER A 119 -9.99 1.28 0.69
CA SER A 119 -9.66 0.82 -0.66
C SER A 119 -8.21 1.10 -1.08
N PHE A 120 -7.58 2.22 -0.74
CA PHE A 120 -6.19 2.58 -1.07
C PHE A 120 -5.20 1.67 -0.36
N ALA A 121 -5.41 1.50 0.93
CA ALA A 121 -4.66 0.60 1.76
C ALA A 121 -4.76 -0.84 1.25
N ARG A 122 -5.98 -1.37 1.12
CA ARG A 122 -6.22 -2.69 0.53
C ARG A 122 -5.67 -2.77 -0.90
N ALA A 123 -5.68 -1.69 -1.69
CA ALA A 123 -5.11 -1.69 -3.03
C ALA A 123 -3.60 -1.90 -3.00
N LEU A 124 -2.88 -1.13 -2.18
CA LEU A 124 -1.44 -1.33 -1.95
C LEU A 124 -1.14 -2.69 -1.33
N SER A 125 -2.01 -3.17 -0.46
CA SER A 125 -1.89 -4.50 0.15
C SER A 125 -2.11 -5.60 -0.88
N ALA A 126 -3.09 -5.48 -1.77
CA ALA A 126 -3.37 -6.41 -2.86
C ALA A 126 -2.28 -6.42 -3.92
N SER A 127 -1.80 -5.26 -4.36
CA SER A 127 -0.65 -5.19 -5.26
C SER A 127 0.60 -5.75 -4.60
N ALA A 128 0.89 -5.47 -3.33
CA ALA A 128 2.00 -6.11 -2.60
C ALA A 128 1.82 -7.64 -2.40
N GLU A 129 0.63 -8.12 -2.04
CA GLU A 129 0.26 -9.53 -1.89
C GLU A 129 0.44 -10.30 -3.21
N SER A 130 -0.01 -9.72 -4.32
CA SER A 130 0.20 -10.28 -5.66
C SER A 130 1.66 -10.12 -6.10
N GLN A 131 2.35 -9.03 -5.77
CA GLN A 131 3.78 -8.88 -6.03
C GLN A 131 4.65 -9.90 -5.29
N SER A 132 4.16 -10.59 -4.25
CA SER A 132 4.78 -11.82 -3.74
C SER A 132 4.93 -12.92 -4.82
N PHE A 133 4.08 -12.94 -5.85
CA PHE A 133 4.28 -13.76 -7.06
C PHE A 133 5.41 -13.21 -7.93
N ALA A 134 5.43 -11.90 -8.23
CA ALA A 134 6.41 -11.30 -9.15
C ALA A 134 7.83 -11.14 -8.57
N GLN A 135 7.97 -10.92 -7.25
CA GLN A 135 9.26 -10.81 -6.55
C GLN A 135 10.00 -12.16 -6.44
N SER A 136 9.22 -13.25 -6.39
CA SER A 136 9.68 -14.64 -6.20
C SER A 136 9.25 -15.50 -7.40
N GLN A 137 9.18 -14.89 -8.59
CA GLN A 137 8.81 -15.55 -9.85
C GLN A 137 9.87 -16.53 -10.38
N ALA A 138 10.97 -16.71 -9.64
CA ALA A 138 12.05 -17.67 -9.90
C ALA A 138 11.54 -19.09 -10.20
N TYR A 139 10.39 -19.47 -9.64
CA TYR A 139 9.68 -20.73 -9.97
C TYR A 139 8.34 -20.50 -10.70
N GLN A 140 7.65 -19.38 -10.47
CA GLN A 140 6.31 -19.09 -11.05
C GLN A 140 6.33 -19.14 -12.60
N GLN A 141 7.48 -18.85 -13.22
CA GLN A 141 7.74 -19.04 -14.66
C GLN A 141 7.41 -20.45 -15.22
N ALA A 142 7.46 -21.49 -14.38
CA ALA A 142 7.17 -22.88 -14.73
C ALA A 142 6.24 -23.55 -13.69
N SER A 143 5.28 -22.77 -13.18
CA SER A 143 4.25 -23.23 -12.23
C SER A 143 2.98 -22.36 -12.24
N ALA A 144 3.12 -21.06 -12.52
CA ALA A 144 2.02 -20.12 -12.69
C ALA A 144 1.68 -19.91 -14.17
N PHE A 145 2.68 -19.73 -15.03
CA PHE A 145 2.47 -19.59 -16.49
C PHE A 145 1.74 -20.81 -17.09
N GLN A 146 2.04 -22.02 -16.58
CA GLN A 146 1.35 -23.27 -16.96
C GLN A 146 -0.05 -23.43 -16.36
N GLN A 147 -0.33 -22.83 -15.18
CA GLN A 147 -1.65 -22.84 -14.53
C GLN A 147 -2.57 -21.72 -15.03
N ALA A 148 -1.99 -20.64 -15.55
CA ALA A 148 -2.64 -19.54 -16.27
C ALA A 148 -3.19 -19.94 -17.66
N ALA A 149 -3.20 -21.24 -18.00
CA ALA A 149 -3.85 -21.80 -19.19
C ALA A 149 -5.39 -21.58 -19.24
N ALA A 150 -5.99 -21.13 -18.13
CA ALA A 150 -7.41 -20.77 -18.00
C ALA A 150 -7.63 -19.24 -17.84
N GLN A 151 -6.69 -18.41 -18.31
CA GLN A 151 -6.84 -16.95 -18.47
C GLN A 151 -7.83 -16.56 -19.60
N SER A 152 -9.04 -17.15 -19.59
CA SER A 152 -10.15 -16.76 -20.47
C SER A 152 -10.48 -15.27 -20.34
N ALA A 153 -10.42 -14.53 -21.45
CA ALA A 153 -10.72 -13.09 -21.53
C ALA A 153 -12.25 -12.80 -21.68
N ALA A 154 -13.08 -13.72 -21.19
CA ALA A 154 -14.55 -13.64 -21.20
C ALA A 154 -15.14 -12.94 -19.95
N GLN A 155 -14.30 -12.26 -19.16
CA GLN A 155 -14.69 -11.53 -17.95
C GLN A 155 -15.10 -10.08 -18.27
N SER A 156 -16.05 -9.53 -17.49
CA SER A 156 -16.68 -8.21 -17.70
C SER A 156 -16.95 -7.49 -16.38
N ALA A 157 -15.88 -7.21 -15.63
CA ALA A 157 -15.94 -6.55 -14.32
C ALA A 157 -14.88 -5.43 -14.17
N SER A 158 -13.59 -5.76 -14.26
CA SER A 158 -12.47 -4.82 -14.08
C SER A 158 -11.14 -5.39 -14.60
N ARG A 159 -11.09 -5.71 -15.91
CA ARG A 159 -9.96 -6.37 -16.58
C ARG A 159 -9.44 -5.54 -17.76
N ALA A 160 -8.36 -4.80 -17.52
CA ALA A 160 -7.72 -3.83 -18.44
C ALA A 160 -8.73 -2.92 -19.20
N SER A 1 -13.73 -6.14 17.67
CA SER A 1 -14.49 -5.08 18.36
C SER A 1 -16.02 -5.28 18.31
N GLY A 2 -16.79 -4.39 18.94
CA GLY A 2 -18.26 -4.51 19.01
C GLY A 2 -18.89 -3.50 19.96
N ALA A 3 -18.90 -2.22 19.55
CA ALA A 3 -19.47 -1.11 20.30
C ALA A 3 -20.06 -0.04 19.36
N THR A 4 -20.84 0.88 19.92
CA THR A 4 -21.36 2.06 19.21
C THR A 4 -20.27 3.12 18.99
N SER A 5 -20.40 3.93 17.93
CA SER A 5 -19.49 5.04 17.60
C SER A 5 -20.24 6.37 17.64
N GLN A 6 -19.58 7.42 18.16
CA GLN A 6 -20.14 8.76 18.32
C GLN A 6 -19.63 9.70 17.22
N ALA A 7 -19.98 9.39 15.97
CA ALA A 7 -19.75 10.25 14.81
C ALA A 7 -20.69 11.47 14.79
N ALA A 8 -20.45 12.38 13.85
CA ALA A 8 -21.24 13.60 13.61
C ALA A 8 -21.40 13.86 12.09
N SER A 9 -22.09 14.94 11.72
CA SER A 9 -22.28 15.41 10.32
C SER A 9 -21.00 16.00 9.68
N GLN A 10 -19.87 15.31 9.84
CA GLN A 10 -18.56 15.64 9.29
C GLN A 10 -17.71 14.37 9.14
N SER A 11 -16.99 14.24 8.02
CA SER A 11 -16.05 13.14 7.76
C SER A 11 -14.63 13.70 7.66
N ALA A 12 -14.22 14.37 8.75
CA ALA A 12 -12.96 15.10 8.90
C ALA A 12 -12.75 16.25 7.89
N SER A 13 -13.74 17.14 7.70
CA SER A 13 -13.76 18.27 6.73
C SER A 13 -12.73 19.39 6.96
N SER A 14 -11.48 19.02 7.28
CA SER A 14 -10.34 19.88 7.61
C SER A 14 -9.01 19.10 7.63
N SER A 15 -9.04 17.85 8.13
CA SER A 15 -7.88 16.95 8.31
C SER A 15 -8.16 15.52 7.84
N TYR A 16 -9.04 15.42 6.84
CA TYR A 16 -9.36 14.20 6.11
C TYR A 16 -8.14 13.45 5.55
N SER A 17 -6.99 14.11 5.37
CA SER A 17 -5.77 13.47 4.85
C SER A 17 -5.17 12.44 5.81
N SER A 18 -5.24 12.68 7.13
CA SER A 18 -4.77 11.77 8.17
C SER A 18 -5.89 10.82 8.63
N ALA A 19 -7.13 11.32 8.74
CA ALA A 19 -8.32 10.52 9.04
C ALA A 19 -8.65 9.48 7.94
N PHE A 20 -8.34 9.78 6.66
CA PHE A 20 -8.27 8.82 5.56
C PHE A 20 -7.35 7.65 5.96
N ALA A 21 -6.08 7.93 6.25
CA ALA A 21 -5.07 6.91 6.50
C ALA A 21 -5.34 6.03 7.74
N GLN A 22 -6.30 6.43 8.56
CA GLN A 22 -6.87 5.65 9.66
C GLN A 22 -7.78 4.51 9.16
N ALA A 23 -8.69 4.78 8.23
CA ALA A 23 -9.55 3.79 7.59
C ALA A 23 -8.81 2.94 6.54
N ALA A 24 -7.71 3.46 5.99
CA ALA A 24 -6.74 2.69 5.26
C ALA A 24 -6.25 1.50 6.12
N SER A 25 -5.92 1.75 7.39
CA SER A 25 -5.58 0.69 8.35
C SER A 25 -6.64 -0.41 8.49
N SER A 26 -7.93 -0.12 8.28
CA SER A 26 -9.01 -1.14 8.30
C SER A 26 -8.83 -2.24 7.25
N ALA A 27 -8.33 -1.88 6.07
CA ALA A 27 -8.04 -2.82 4.98
C ALA A 27 -6.59 -3.34 5.03
N LEU A 28 -5.64 -2.52 5.47
CA LEU A 28 -4.25 -2.92 5.70
C LEU A 28 -4.15 -4.02 6.78
N ALA A 29 -4.91 -3.91 7.87
CA ALA A 29 -5.06 -4.93 8.91
C ALA A 29 -5.75 -6.22 8.41
N THR A 30 -6.50 -6.14 7.31
CA THR A 30 -7.08 -7.30 6.59
C THR A 30 -6.03 -8.05 5.75
N SER A 31 -4.85 -7.46 5.51
CA SER A 31 -3.79 -7.97 4.64
C SER A 31 -2.38 -7.71 5.21
N SER A 32 -2.03 -8.41 6.30
CA SER A 32 -0.69 -8.37 6.93
C SER A 32 0.48 -8.67 5.98
N ALA A 33 0.21 -9.31 4.84
CA ALA A 33 1.14 -9.47 3.72
C ALA A 33 1.75 -8.13 3.22
N ILE A 34 1.13 -6.98 3.49
CA ILE A 34 1.72 -5.67 3.22
C ILE A 34 3.05 -5.47 3.96
N SER A 35 3.11 -5.87 5.24
CA SER A 35 4.31 -5.78 6.07
C SER A 35 5.39 -6.73 5.56
N ARG A 36 4.97 -7.85 4.93
CA ARG A 36 5.85 -8.78 4.23
C ARG A 36 6.54 -8.16 3.01
N ALA A 37 5.88 -7.24 2.31
CA ALA A 37 6.48 -6.51 1.19
C ALA A 37 7.64 -5.63 1.66
N PHE A 38 7.46 -4.88 2.74
CA PHE A 38 8.54 -4.11 3.35
C PHE A 38 9.59 -4.99 4.04
N ALA A 39 9.23 -6.18 4.53
CA ALA A 39 10.18 -7.16 5.03
C ALA A 39 11.06 -7.78 3.93
N SER A 40 10.62 -7.74 2.66
CA SER A 40 11.39 -8.21 1.49
C SER A 40 12.55 -7.28 1.10
N VAL A 41 12.44 -5.98 1.38
CA VAL A 41 13.45 -4.92 1.12
C VAL A 41 14.05 -4.41 2.44
N SER A 42 15.30 -3.91 2.42
CA SER A 42 15.99 -3.47 3.64
C SER A 42 16.91 -2.26 3.41
N SER A 43 16.41 -1.31 2.62
CA SER A 43 17.12 -0.12 2.15
C SER A 43 16.18 1.08 2.07
N ALA A 44 16.63 2.26 2.54
CA ALA A 44 15.84 3.49 2.56
C ALA A 44 15.39 3.93 1.15
N SER A 45 16.34 3.96 0.20
CA SER A 45 16.11 4.35 -1.20
C SER A 45 15.33 3.27 -1.97
N ALA A 46 15.59 1.99 -1.71
CA ALA A 46 14.82 0.89 -2.32
C ALA A 46 13.39 0.78 -1.77
N ALA A 47 13.15 1.11 -0.50
CA ALA A 47 11.81 1.24 0.07
C ALA A 47 11.04 2.42 -0.55
N SER A 48 11.71 3.54 -0.83
CA SER A 48 11.13 4.64 -1.61
C SER A 48 10.78 4.21 -3.05
N SER A 49 11.63 3.41 -3.69
CA SER A 49 11.31 2.77 -4.97
C SER A 49 10.09 1.85 -4.85
N LEU A 50 10.00 0.98 -3.84
CA LEU A 50 8.83 0.11 -3.62
C LEU A 50 7.55 0.91 -3.38
N ALA A 51 7.58 1.97 -2.58
CA ALA A 51 6.48 2.90 -2.45
C ALA A 51 6.06 3.54 -3.78
N TYR A 52 7.01 3.92 -4.64
CA TYR A 52 6.68 4.35 -5.99
C TYR A 52 6.06 3.19 -6.82
N ASN A 53 6.68 2.01 -6.81
CA ASN A 53 6.35 0.86 -7.67
C ASN A 53 4.95 0.29 -7.37
N ILE A 54 4.66 0.12 -6.08
CA ILE A 54 3.41 -0.42 -5.55
C ILE A 54 2.38 0.73 -5.41
N GLY A 55 2.81 1.95 -5.04
CA GLY A 55 2.00 3.17 -5.00
C GLY A 55 1.36 3.53 -6.34
N LEU A 56 2.11 3.32 -7.43
CA LEU A 56 1.56 3.35 -8.78
C LEU A 56 0.37 2.39 -8.91
N SER A 57 0.51 1.15 -8.44
CA SER A 57 -0.59 0.18 -8.46
C SER A 57 -1.74 0.51 -7.51
N ALA A 58 -1.52 1.11 -6.33
CA ALA A 58 -2.63 1.57 -5.49
C ALA A 58 -3.53 2.56 -6.21
N ALA A 59 -2.93 3.57 -6.83
CA ALA A 59 -3.64 4.53 -7.65
C ALA A 59 -4.23 3.87 -8.92
N ARG A 60 -3.46 3.08 -9.68
CA ARG A 60 -3.89 2.40 -10.92
C ARG A 60 -5.02 1.39 -10.73
N SER A 61 -5.01 0.66 -9.62
CA SER A 61 -6.07 -0.27 -9.18
C SER A 61 -7.41 0.44 -8.98
N LEU A 62 -7.37 1.68 -8.49
CA LEU A 62 -8.54 2.56 -8.31
C LEU A 62 -8.84 3.42 -9.55
N GLY A 63 -7.92 3.47 -10.52
CA GLY A 63 -8.00 4.24 -11.77
C GLY A 63 -7.47 5.68 -11.68
N ILE A 64 -6.84 6.05 -10.55
CA ILE A 64 -6.21 7.34 -10.30
C ILE A 64 -5.00 7.54 -11.24
N ALA A 65 -5.13 8.42 -12.23
CA ALA A 65 -4.04 8.78 -13.16
C ALA A 65 -2.89 9.56 -12.50
N SER A 66 -3.09 10.01 -11.26
CA SER A 66 -2.03 10.50 -10.39
C SER A 66 -1.10 9.39 -9.90
N ASP A 67 -1.28 8.14 -10.29
CA ASP A 67 -0.35 7.04 -9.99
C ASP A 67 1.14 7.41 -10.07
N THR A 68 1.62 7.93 -11.20
CA THR A 68 3.02 8.34 -11.38
C THR A 68 3.45 9.51 -10.48
N ALA A 69 2.59 10.51 -10.31
CA ALA A 69 2.85 11.72 -9.53
C ALA A 69 2.82 11.43 -8.02
N LEU A 70 1.82 10.66 -7.58
CA LEU A 70 1.65 10.14 -6.23
C LEU A 70 2.77 9.18 -5.89
N ALA A 71 3.12 8.22 -6.75
CA ALA A 71 4.30 7.38 -6.56
C ALA A 71 5.58 8.21 -6.32
N GLY A 72 5.75 9.31 -7.07
CA GLY A 72 6.81 10.31 -6.88
C GLY A 72 6.68 11.23 -5.64
N ALA A 73 5.60 11.10 -4.86
CA ALA A 73 5.35 11.78 -3.57
C ALA A 73 5.25 10.80 -2.39
N LEU A 74 4.87 9.55 -2.63
CA LEU A 74 4.81 8.46 -1.67
C LEU A 74 6.23 8.03 -1.28
N ALA A 75 7.09 7.91 -2.28
CA ALA A 75 8.53 7.74 -2.13
C ALA A 75 9.17 8.86 -1.26
N GLN A 76 8.58 10.06 -1.21
CA GLN A 76 9.06 11.13 -0.31
C GLN A 76 8.61 10.91 1.15
N ALA A 77 7.40 10.40 1.38
CA ALA A 77 6.91 10.09 2.73
C ALA A 77 7.66 8.88 3.33
N VAL A 78 7.74 7.75 2.61
CA VAL A 78 8.50 6.57 3.08
C VAL A 78 10.02 6.83 3.06
N GLY A 79 10.52 7.60 2.08
CA GLY A 79 11.95 7.93 1.95
C GLY A 79 12.42 8.95 2.99
N GLY A 80 11.47 9.67 3.60
CA GLY A 80 11.68 10.51 4.78
C GLY A 80 11.84 9.73 6.09
N VAL A 81 11.58 8.42 6.09
CA VAL A 81 11.70 7.52 7.26
C VAL A 81 12.37 6.18 6.92
N GLY A 82 13.05 6.09 5.78
CA GLY A 82 13.73 4.89 5.29
C GLY A 82 14.75 4.35 6.30
N ALA A 83 14.45 3.19 6.88
CA ALA A 83 15.15 2.56 8.02
C ALA A 83 15.24 3.46 9.29
N GLY A 84 14.43 3.13 10.30
CA GLY A 84 14.52 3.76 11.63
C GLY A 84 13.31 3.45 12.52
N ALA A 85 12.11 3.55 11.95
CA ALA A 85 10.85 3.19 12.60
C ALA A 85 10.52 1.70 12.38
N SER A 86 9.85 1.35 11.27
CA SER A 86 9.43 -0.02 10.85
C SER A 86 8.42 0.03 9.71
N ALA A 87 7.92 -1.15 9.30
CA ALA A 87 6.71 -1.29 8.51
C ALA A 87 5.52 -0.44 8.99
N SER A 88 5.41 -0.07 10.27
CA SER A 88 4.38 0.88 10.71
C SER A 88 4.56 2.25 10.09
N ALA A 89 5.77 2.82 10.11
CA ALA A 89 6.05 4.10 9.47
C ALA A 89 6.04 3.99 7.95
N TYR A 90 6.45 2.86 7.37
CA TYR A 90 6.38 2.71 5.91
C TYR A 90 4.91 2.59 5.49
N ALA A 91 4.13 1.69 6.08
CA ALA A 91 2.69 1.54 5.85
C ALA A 91 1.88 2.81 6.13
N ASN A 92 2.18 3.53 7.22
CA ASN A 92 1.53 4.80 7.54
C ASN A 92 2.01 5.89 6.58
N ALA A 93 3.29 6.02 6.27
CA ALA A 93 3.79 6.96 5.26
C ALA A 93 3.24 6.66 3.87
N ILE A 94 3.03 5.38 3.55
CA ILE A 94 2.39 4.88 2.33
C ILE A 94 0.92 5.26 2.35
N ALA A 95 0.12 4.85 3.32
CA ALA A 95 -1.31 5.16 3.40
C ALA A 95 -1.59 6.68 3.54
N ARG A 96 -0.84 7.39 4.40
CA ARG A 96 -0.96 8.86 4.56
C ARG A 96 -0.60 9.60 3.30
N ALA A 97 0.47 9.22 2.58
CA ALA A 97 0.82 9.85 1.32
C ALA A 97 -0.16 9.46 0.22
N ALA A 98 -0.59 8.19 0.24
CA ALA A 98 -1.61 7.68 -0.66
C ALA A 98 -2.87 8.52 -0.56
N GLY A 99 -3.22 9.02 0.64
CA GLY A 99 -4.30 9.99 0.87
C GLY A 99 -3.89 11.46 0.74
N GLN A 100 -2.62 11.82 0.99
CA GLN A 100 -2.12 13.20 0.88
C GLN A 100 -2.38 13.72 -0.52
N PHE A 101 -2.15 12.89 -1.54
CA PHE A 101 -2.30 13.32 -2.92
C PHE A 101 -3.75 13.67 -3.26
N LEU A 102 -4.72 12.86 -2.82
CA LEU A 102 -6.14 13.12 -3.05
C LEU A 102 -6.64 14.30 -2.23
N ALA A 103 -6.13 14.44 -1.00
CA ALA A 103 -6.34 15.60 -0.15
C ALA A 103 -5.73 16.91 -0.74
N THR A 104 -4.63 16.79 -1.48
CA THR A 104 -3.90 17.88 -2.15
C THR A 104 -4.57 18.28 -3.48
N GLN A 105 -4.89 17.32 -4.34
CA GLN A 105 -5.58 17.53 -5.62
C GLN A 105 -7.04 17.97 -5.41
N GLY A 106 -7.77 17.29 -4.54
CA GLY A 106 -9.22 17.48 -4.32
C GLY A 106 -10.08 16.26 -4.71
N VAL A 107 -9.47 15.11 -5.03
CA VAL A 107 -10.17 13.81 -5.17
C VAL A 107 -10.90 13.46 -3.85
N LEU A 108 -10.32 13.84 -2.71
CA LEU A 108 -10.96 13.72 -1.41
C LEU A 108 -11.96 14.87 -1.16
N ASN A 109 -13.12 14.53 -0.58
CA ASN A 109 -14.26 15.44 -0.36
C ASN A 109 -14.83 15.34 1.07
N ALA A 110 -14.01 14.87 2.04
CA ALA A 110 -14.41 14.66 3.43
C ALA A 110 -15.72 13.87 3.60
N GLY A 111 -15.80 12.71 2.94
CA GLY A 111 -16.99 11.86 2.91
C GLY A 111 -16.72 10.46 2.37
N ASN A 112 -16.01 10.39 1.24
CA ASN A 112 -15.38 9.17 0.72
C ASN A 112 -13.94 8.99 1.23
N ALA A 113 -13.49 9.73 2.25
CA ALA A 113 -12.16 9.57 2.82
C ALA A 113 -11.96 8.11 3.29
N SER A 114 -12.84 7.62 4.16
CA SER A 114 -12.74 6.25 4.68
C SER A 114 -12.97 5.16 3.63
N ALA A 115 -13.89 5.41 2.68
CA ALA A 115 -14.18 4.49 1.59
C ALA A 115 -13.00 4.34 0.61
N LEU A 116 -12.46 5.48 0.15
CA LEU A 116 -11.29 5.54 -0.71
C LEU A 116 -10.02 5.13 0.04
N ALA A 117 -9.95 5.31 1.36
CA ALA A 117 -8.80 4.91 2.17
C ALA A 117 -8.69 3.41 2.35
N GLY A 118 -9.76 2.77 2.84
CA GLY A 118 -9.84 1.31 2.90
C GLY A 118 -9.53 0.71 1.54
N SER A 119 -10.12 1.26 0.46
CA SER A 119 -9.78 0.83 -0.90
C SER A 119 -8.32 1.12 -1.28
N PHE A 120 -7.71 2.26 -0.96
CA PHE A 120 -6.29 2.59 -1.23
C PHE A 120 -5.31 1.67 -0.52
N ALA A 121 -5.54 1.43 0.78
CA ALA A 121 -4.78 0.50 1.58
C ALA A 121 -4.80 -0.90 1.00
N ARG A 122 -6.00 -1.45 0.80
CA ARG A 122 -6.18 -2.74 0.14
C ARG A 122 -5.64 -2.72 -1.29
N ALA A 123 -5.69 -1.61 -2.02
CA ALA A 123 -5.22 -1.52 -3.41
C ALA A 123 -3.68 -1.54 -3.48
N LEU A 124 -3.01 -0.88 -2.52
CA LEU A 124 -1.57 -0.95 -2.33
C LEU A 124 -1.19 -2.36 -1.89
N SER A 125 -1.84 -2.85 -0.84
CA SER A 125 -1.66 -4.21 -0.35
C SER A 125 -1.98 -5.26 -1.41
N ALA A 126 -2.96 -5.06 -2.31
CA ALA A 126 -3.32 -6.00 -3.37
C ALA A 126 -2.17 -6.22 -4.34
N SER A 127 -1.50 -5.13 -4.74
CA SER A 127 -0.25 -5.22 -5.49
C SER A 127 0.82 -5.91 -4.66
N ALA A 128 1.09 -5.46 -3.43
CA ALA A 128 2.09 -6.05 -2.54
C ALA A 128 1.89 -7.56 -2.28
N GLU A 129 0.65 -8.01 -2.05
CA GLU A 129 0.19 -9.38 -1.88
C GLU A 129 0.50 -10.26 -3.10
N SER A 130 0.32 -9.72 -4.32
CA SER A 130 0.69 -10.39 -5.57
C SER A 130 2.19 -10.28 -5.86
N GLN A 131 2.84 -9.19 -5.46
CA GLN A 131 4.30 -8.99 -5.54
C GLN A 131 5.04 -9.93 -4.58
N SER A 132 4.44 -10.36 -3.46
CA SER A 132 4.91 -11.49 -2.64
C SER A 132 4.96 -12.82 -3.40
N PHE A 133 4.48 -12.89 -4.64
CA PHE A 133 4.61 -14.03 -5.55
C PHE A 133 5.56 -13.78 -6.74
N ALA A 134 5.96 -12.53 -6.99
CA ALA A 134 6.90 -12.14 -8.05
C ALA A 134 8.29 -11.69 -7.51
N GLN A 135 8.37 -11.28 -6.24
CA GLN A 135 9.59 -10.93 -5.49
C GLN A 135 9.88 -11.89 -4.32
N SER A 136 8.85 -12.56 -3.80
CA SER A 136 8.94 -13.54 -2.70
C SER A 136 8.31 -14.88 -3.12
N GLN A 137 8.51 -15.28 -4.38
CA GLN A 137 8.12 -16.60 -4.94
C GLN A 137 8.64 -17.80 -4.11
N ALA A 138 9.57 -17.58 -3.19
CA ALA A 138 9.92 -18.50 -2.11
C ALA A 138 8.70 -19.01 -1.31
N TYR A 139 7.57 -18.28 -1.31
CA TYR A 139 6.27 -18.69 -0.75
C TYR A 139 5.50 -19.72 -1.63
N GLN A 140 5.76 -19.79 -2.93
CA GLN A 140 5.16 -20.79 -3.82
C GLN A 140 5.86 -22.15 -3.69
N GLN A 141 7.20 -22.16 -3.73
CA GLN A 141 8.02 -23.36 -3.47
C GLN A 141 7.99 -23.83 -2.00
N ALA A 142 7.44 -23.05 -1.08
CA ALA A 142 7.19 -23.37 0.35
C ALA A 142 6.13 -24.47 0.57
N SER A 143 6.34 -25.62 -0.08
CA SER A 143 5.56 -26.87 0.01
C SER A 143 6.35 -28.05 -0.58
N ALA A 144 7.09 -27.82 -1.68
CA ALA A 144 7.92 -28.82 -2.36
C ALA A 144 9.44 -28.68 -2.08
N PHE A 145 9.88 -27.50 -1.62
CA PHE A 145 11.28 -27.21 -1.24
C PHE A 145 11.46 -27.11 0.29
N GLN A 146 10.54 -26.47 1.01
CA GLN A 146 10.58 -26.44 2.48
C GLN A 146 10.56 -27.86 3.11
N GLN A 147 9.92 -28.81 2.41
CA GLN A 147 9.86 -30.22 2.78
C GLN A 147 11.21 -30.95 2.70
N ALA A 148 12.18 -30.45 1.91
CA ALA A 148 13.55 -30.98 1.90
C ALA A 148 14.30 -30.70 3.22
N ALA A 149 13.90 -29.65 3.95
CA ALA A 149 14.39 -29.26 5.27
C ALA A 149 13.43 -29.63 6.41
N ALA A 150 12.52 -30.59 6.19
CA ALA A 150 11.60 -31.14 7.19
C ALA A 150 12.27 -32.07 8.24
N GLN A 151 13.60 -31.96 8.43
CA GLN A 151 14.39 -32.71 9.42
C GLN A 151 14.17 -32.26 10.89
N SER A 152 13.00 -31.70 11.18
CA SER A 152 12.60 -31.15 12.49
C SER A 152 11.51 -32.01 13.16
N ALA A 153 11.07 -31.63 14.36
CA ALA A 153 9.98 -32.29 15.09
C ALA A 153 8.57 -31.80 14.68
N ALA A 154 8.42 -31.32 13.44
CA ALA A 154 7.16 -30.88 12.82
C ALA A 154 6.30 -32.06 12.29
N GLN A 155 6.32 -33.21 12.99
CA GLN A 155 5.51 -34.39 12.69
C GLN A 155 3.99 -34.08 12.69
N SER A 156 3.21 -34.96 12.05
CA SER A 156 1.77 -34.81 11.85
C SER A 156 1.04 -36.12 12.23
N ALA A 157 0.93 -36.35 13.54
CA ALA A 157 0.28 -37.52 14.14
C ALA A 157 -0.47 -37.18 15.44
N SER A 158 0.24 -36.70 16.47
CA SER A 158 -0.34 -36.28 17.77
C SER A 158 -0.24 -34.77 18.03
N ARG A 159 0.85 -34.12 17.60
CA ARG A 159 1.08 -32.67 17.68
C ARG A 159 0.02 -31.89 16.89
N ALA A 160 -0.98 -31.36 17.58
CA ALA A 160 -2.12 -30.60 17.02
C ALA A 160 -2.78 -29.71 18.11
N SER A 1 -41.37 5.56 8.80
CA SER A 1 -40.76 6.64 8.01
C SER A 1 -40.13 7.72 8.90
N GLY A 2 -39.21 8.52 8.35
CA GLY A 2 -38.53 9.60 9.08
C GLY A 2 -37.13 9.93 8.56
N ALA A 3 -37.02 10.34 7.29
CA ALA A 3 -35.77 10.66 6.62
C ALA A 3 -35.90 11.95 5.76
N THR A 4 -35.14 12.98 6.11
CA THR A 4 -35.14 14.31 5.45
C THR A 4 -33.73 14.94 5.41
N SER A 5 -32.70 14.09 5.41
CA SER A 5 -31.28 14.48 5.49
C SER A 5 -30.40 13.54 4.64
N GLN A 6 -30.31 13.81 3.33
CA GLN A 6 -29.54 13.05 2.35
C GLN A 6 -28.52 13.95 1.62
N ALA A 7 -27.62 14.54 2.42
CA ALA A 7 -26.47 15.33 1.97
C ALA A 7 -25.31 15.24 2.98
N ALA A 8 -24.18 14.63 2.57
CA ALA A 8 -22.98 14.48 3.40
C ALA A 8 -21.70 14.47 2.54
N SER A 9 -21.04 15.63 2.48
CA SER A 9 -19.74 15.87 1.82
C SER A 9 -19.11 17.16 2.36
N GLN A 10 -17.78 17.23 2.43
CA GLN A 10 -16.98 18.34 2.99
C GLN A 10 -17.51 18.90 4.34
N SER A 11 -17.81 18.01 5.30
CA SER A 11 -18.38 18.42 6.61
C SER A 11 -17.30 18.75 7.65
N ALA A 12 -16.35 17.82 7.91
CA ALA A 12 -15.28 18.02 8.90
C ALA A 12 -14.28 19.13 8.49
N SER A 13 -13.96 19.20 7.19
CA SER A 13 -13.05 20.17 6.52
C SER A 13 -11.63 20.24 7.09
N SER A 14 -10.65 19.80 6.29
CA SER A 14 -9.27 19.46 6.74
C SER A 14 -9.26 18.42 7.89
N SER A 15 -8.08 18.01 8.35
CA SER A 15 -7.83 16.94 9.34
C SER A 15 -8.35 15.54 8.94
N TYR A 16 -9.09 15.45 7.84
CA TYR A 16 -9.52 14.21 7.19
C TYR A 16 -8.38 13.24 6.86
N SER A 17 -7.13 13.72 6.75
CA SER A 17 -5.98 12.92 6.33
C SER A 17 -5.54 11.93 7.41
N SER A 18 -5.64 12.29 8.69
CA SER A 18 -5.41 11.36 9.80
C SER A 18 -6.52 10.30 9.87
N ALA A 19 -7.79 10.68 9.66
CA ALA A 19 -8.93 9.77 9.62
C ALA A 19 -8.91 8.84 8.40
N PHE A 20 -8.52 9.34 7.23
CA PHE A 20 -8.21 8.56 6.03
C PHE A 20 -7.08 7.56 6.35
N ALA A 21 -5.88 8.02 6.74
CA ALA A 21 -4.74 7.12 6.97
C ALA A 21 -4.95 6.14 8.16
N GLN A 22 -5.95 6.39 9.01
CA GLN A 22 -6.45 5.44 10.02
C GLN A 22 -7.44 4.42 9.45
N ALA A 23 -8.42 4.82 8.66
CA ALA A 23 -9.33 3.90 7.96
C ALA A 23 -8.62 3.03 6.91
N ALA A 24 -7.49 3.50 6.37
CA ALA A 24 -6.53 2.69 5.63
C ALA A 24 -6.14 1.44 6.42
N SER A 25 -5.77 1.60 7.70
CA SER A 25 -5.47 0.50 8.62
C SER A 25 -6.61 -0.54 8.74
N SER A 26 -7.87 -0.16 8.53
CA SER A 26 -9.01 -1.11 8.54
C SER A 26 -8.85 -2.22 7.48
N ALA A 27 -8.35 -1.87 6.30
CA ALA A 27 -8.04 -2.83 5.24
C ALA A 27 -6.60 -3.36 5.29
N LEU A 28 -5.65 -2.53 5.72
CA LEU A 28 -4.25 -2.94 5.90
C LEU A 28 -4.09 -4.04 6.97
N ALA A 29 -4.89 -4.00 8.05
CA ALA A 29 -5.01 -5.06 9.06
C ALA A 29 -5.56 -6.39 8.50
N THR A 30 -6.27 -6.35 7.37
CA THR A 30 -6.75 -7.50 6.59
C THR A 30 -5.68 -8.02 5.58
N SER A 31 -4.56 -7.31 5.44
CA SER A 31 -3.50 -7.53 4.43
C SER A 31 -2.10 -7.52 5.07
N SER A 32 -1.84 -8.45 5.99
CA SER A 32 -0.54 -8.59 6.67
C SER A 32 0.65 -8.76 5.70
N ALA A 33 0.41 -9.29 4.50
CA ALA A 33 1.36 -9.34 3.38
C ALA A 33 1.89 -7.96 2.93
N ILE A 34 1.28 -6.83 3.32
CA ILE A 34 1.88 -5.50 3.11
C ILE A 34 3.19 -5.35 3.89
N SER A 35 3.25 -5.85 5.12
CA SER A 35 4.47 -5.83 5.93
C SER A 35 5.55 -6.70 5.32
N ARG A 36 5.16 -7.76 4.59
CA ARG A 36 6.06 -8.58 3.78
C ARG A 36 6.65 -7.86 2.57
N ALA A 37 5.95 -6.87 2.01
CA ALA A 37 6.52 -5.98 0.99
C ALA A 37 7.76 -5.27 1.55
N PHE A 38 7.66 -4.66 2.74
CA PHE A 38 8.80 -4.03 3.43
C PHE A 38 9.85 -5.05 3.89
N ALA A 39 9.44 -6.22 4.37
CA ALA A 39 10.36 -7.31 4.75
C ALA A 39 11.22 -7.84 3.58
N SER A 40 10.76 -7.64 2.34
CA SER A 40 11.51 -7.91 1.10
C SER A 40 12.63 -6.89 0.81
N VAL A 41 12.74 -5.80 1.61
CA VAL A 41 13.68 -4.67 1.39
C VAL A 41 14.16 -4.02 2.70
N SER A 42 15.36 -4.40 3.14
CA SER A 42 16.00 -3.94 4.40
C SER A 42 16.73 -2.59 4.30
N SER A 43 16.27 -1.69 3.42
CA SER A 43 16.91 -0.40 3.09
C SER A 43 15.88 0.71 2.92
N ALA A 44 16.08 1.86 3.58
CA ALA A 44 15.18 3.03 3.52
C ALA A 44 15.04 3.61 2.10
N SER A 45 16.16 3.78 1.39
CA SER A 45 16.18 4.35 0.03
C SER A 45 15.59 3.38 -0.99
N ALA A 46 15.79 2.06 -0.82
CA ALA A 46 15.16 1.03 -1.65
C ALA A 46 13.66 0.84 -1.34
N ALA A 47 13.23 1.03 -0.08
CA ALA A 47 11.81 1.08 0.27
C ALA A 47 11.07 2.26 -0.39
N SER A 48 11.76 3.36 -0.70
CA SER A 48 11.23 4.44 -1.56
C SER A 48 10.92 3.94 -2.98
N SER A 49 11.80 3.11 -3.56
CA SER A 49 11.54 2.44 -4.85
C SER A 49 10.39 1.43 -4.77
N LEU A 50 10.22 0.72 -3.65
CA LEU A 50 9.03 -0.13 -3.43
C LEU A 50 7.74 0.70 -3.42
N ALA A 51 7.67 1.78 -2.65
CA ALA A 51 6.52 2.69 -2.66
C ALA A 51 6.25 3.36 -4.01
N TYR A 52 7.29 3.62 -4.81
CA TYR A 52 7.12 3.94 -6.23
C TYR A 52 6.45 2.78 -6.98
N ASN A 53 7.00 1.55 -6.87
CA ASN A 53 6.56 0.36 -7.59
C ASN A 53 5.09 0.01 -7.32
N ILE A 54 4.70 0.00 -6.04
CA ILE A 54 3.34 -0.33 -5.62
C ILE A 54 2.44 0.90 -5.65
N GLY A 55 2.92 2.10 -5.30
CA GLY A 55 2.13 3.33 -5.33
C GLY A 55 1.63 3.70 -6.73
N LEU A 56 2.44 3.45 -7.77
CA LEU A 56 1.99 3.55 -9.17
C LEU A 56 0.82 2.59 -9.42
N SER A 57 0.99 1.31 -9.08
CA SER A 57 -0.02 0.27 -9.26
C SER A 57 -1.25 0.45 -8.34
N ALA A 58 -1.12 1.05 -7.17
CA ALA A 58 -2.23 1.37 -6.26
C ALA A 58 -3.16 2.38 -6.92
N ALA A 59 -2.62 3.57 -7.21
CA ALA A 59 -3.30 4.59 -7.99
C ALA A 59 -3.89 4.01 -9.28
N ARG A 60 -3.16 3.18 -10.05
CA ARG A 60 -3.69 2.49 -11.25
C ARG A 60 -4.86 1.53 -10.97
N SER A 61 -4.80 0.75 -9.88
CA SER A 61 -5.87 -0.17 -9.42
C SER A 61 -7.16 0.58 -9.04
N LEU A 62 -7.04 1.82 -8.55
CA LEU A 62 -8.16 2.72 -8.27
C LEU A 62 -8.59 3.59 -9.47
N GLY A 63 -7.74 3.68 -10.51
CA GLY A 63 -7.98 4.45 -11.75
C GLY A 63 -7.47 5.90 -11.71
N ILE A 64 -6.54 6.21 -10.81
CA ILE A 64 -6.00 7.53 -10.52
C ILE A 64 -4.78 7.81 -11.43
N ALA A 65 -4.91 8.75 -12.37
CA ALA A 65 -3.82 9.17 -13.27
C ALA A 65 -2.63 9.85 -12.56
N SER A 66 -2.79 10.15 -11.27
CA SER A 66 -1.70 10.55 -10.37
C SER A 66 -0.70 9.43 -10.10
N ASP A 67 -0.94 8.18 -10.54
CA ASP A 67 -0.01 7.05 -10.38
C ASP A 67 1.48 7.40 -10.58
N THR A 68 1.85 8.00 -11.70
CA THR A 68 3.22 8.43 -12.03
C THR A 68 3.76 9.51 -11.09
N ALA A 69 2.95 10.52 -10.76
CA ALA A 69 3.33 11.63 -9.90
C ALA A 69 3.42 11.21 -8.42
N LEU A 70 2.44 10.42 -7.96
CA LEU A 70 2.39 9.77 -6.66
C LEU A 70 3.54 8.79 -6.48
N ALA A 71 3.88 7.96 -7.46
CA ALA A 71 5.04 7.08 -7.35
C ALA A 71 6.34 7.87 -7.06
N GLY A 72 6.47 9.07 -7.62
CA GLY A 72 7.56 10.02 -7.35
C GLY A 72 7.34 10.96 -6.13
N ALA A 73 6.27 10.78 -5.34
CA ALA A 73 5.93 11.59 -4.15
C ALA A 73 5.68 10.75 -2.88
N LEU A 74 5.20 9.52 -3.04
CA LEU A 74 5.05 8.51 -1.99
C LEU A 74 6.42 8.01 -1.53
N ALA A 75 7.35 7.85 -2.48
CA ALA A 75 8.78 7.65 -2.24
C ALA A 75 9.38 8.74 -1.31
N GLN A 76 8.90 9.98 -1.35
CA GLN A 76 9.35 11.03 -0.42
C GLN A 76 8.75 10.87 0.99
N ALA A 77 7.56 10.30 1.13
CA ALA A 77 6.99 10.00 2.45
C ALA A 77 7.65 8.76 3.08
N VAL A 78 7.65 7.61 2.39
CA VAL A 78 8.27 6.37 2.90
C VAL A 78 9.80 6.48 3.02
N GLY A 79 10.44 7.27 2.16
CA GLY A 79 11.89 7.48 2.12
C GLY A 79 12.34 8.65 3.00
N GLY A 80 11.42 9.56 3.33
CA GLY A 80 11.60 10.58 4.37
C GLY A 80 11.59 10.01 5.79
N VAL A 81 10.95 8.84 5.99
CA VAL A 81 10.85 8.12 7.28
C VAL A 81 11.08 6.61 7.10
N GLY A 82 12.10 6.24 6.32
CA GLY A 82 12.52 4.85 6.12
C GLY A 82 13.59 4.44 7.13
N ALA A 83 13.64 3.13 7.48
CA ALA A 83 14.54 2.51 8.46
C ALA A 83 14.78 3.33 9.75
N GLY A 84 13.84 3.25 10.70
CA GLY A 84 13.98 3.85 12.04
C GLY A 84 12.74 3.72 12.92
N ALA A 85 11.55 3.82 12.31
CA ALA A 85 10.27 3.60 12.97
C ALA A 85 9.84 2.12 12.84
N SER A 86 9.15 1.74 11.76
CA SER A 86 8.64 0.38 11.44
C SER A 86 7.71 0.41 10.23
N ALA A 87 7.12 -0.75 9.89
CA ALA A 87 5.93 -0.85 9.05
C ALA A 87 4.80 0.12 9.44
N SER A 88 4.70 0.58 10.70
CA SER A 88 3.73 1.62 11.08
C SER A 88 4.05 2.95 10.38
N ALA A 89 5.30 3.43 10.41
CA ALA A 89 5.67 4.62 9.64
C ALA A 89 5.67 4.36 8.14
N TYR A 90 6.08 3.19 7.65
CA TYR A 90 6.07 2.95 6.20
C TYR A 90 4.62 2.92 5.70
N ALA A 91 3.75 2.13 6.31
CA ALA A 91 2.32 2.08 6.02
C ALA A 91 1.61 3.41 6.23
N ASN A 92 1.89 4.16 7.30
CA ASN A 92 1.29 5.48 7.52
C ASN A 92 1.83 6.48 6.50
N ALA A 93 3.12 6.50 6.18
CA ALA A 93 3.70 7.34 5.15
C ALA A 93 3.14 7.00 3.76
N ILE A 94 2.97 5.71 3.46
CA ILE A 94 2.38 5.18 2.23
C ILE A 94 0.90 5.56 2.14
N ALA A 95 0.10 5.28 3.16
CA ALA A 95 -1.30 5.67 3.23
C ALA A 95 -1.44 7.20 3.20
N ARG A 96 -0.91 7.94 4.18
CA ARG A 96 -0.98 9.42 4.23
C ARG A 96 -0.60 10.09 2.91
N ALA A 97 0.43 9.60 2.22
CA ALA A 97 0.85 10.13 0.91
C ALA A 97 -0.12 9.78 -0.21
N ALA A 98 -0.66 8.56 -0.21
CA ALA A 98 -1.77 8.19 -1.08
C ALA A 98 -2.94 9.17 -0.92
N GLY A 99 -3.27 9.58 0.31
CA GLY A 99 -4.29 10.59 0.61
C GLY A 99 -3.86 12.04 0.43
N GLN A 100 -2.57 12.37 0.54
CA GLN A 100 -2.04 13.69 0.21
C GLN A 100 -2.43 14.09 -1.22
N PHE A 101 -2.30 13.16 -2.17
CA PHE A 101 -2.71 13.41 -3.56
C PHE A 101 -4.22 13.50 -3.73
N LEU A 102 -4.99 12.64 -3.06
CA LEU A 102 -6.46 12.68 -3.10
C LEU A 102 -7.02 14.01 -2.56
N ALA A 103 -6.45 14.50 -1.47
CA ALA A 103 -6.73 15.81 -0.86
C ALA A 103 -6.28 16.99 -1.75
N THR A 104 -5.17 16.82 -2.48
CA THR A 104 -4.63 17.82 -3.42
C THR A 104 -5.45 17.92 -4.71
N GLN A 105 -5.81 16.79 -5.32
CA GLN A 105 -6.60 16.72 -6.55
C GLN A 105 -8.08 17.09 -6.32
N GLY A 106 -8.66 16.64 -5.20
CA GLY A 106 -10.07 16.84 -4.86
C GLY A 106 -10.91 15.56 -4.83
N VAL A 107 -10.29 14.38 -4.97
CA VAL A 107 -10.94 13.07 -4.79
C VAL A 107 -11.39 12.89 -3.33
N LEU A 108 -10.58 13.39 -2.38
CA LEU A 108 -10.90 13.40 -0.95
C LEU A 108 -11.73 14.64 -0.58
N ASN A 109 -12.88 14.42 0.07
CA ASN A 109 -13.88 15.44 0.38
C ASN A 109 -14.42 15.30 1.82
N ALA A 110 -13.54 14.94 2.77
CA ALA A 110 -13.85 14.82 4.20
C ALA A 110 -15.13 14.01 4.54
N GLY A 111 -15.40 12.97 3.73
CA GLY A 111 -16.64 12.17 3.80
C GLY A 111 -16.51 10.77 3.19
N ASN A 112 -15.90 10.67 2.01
CA ASN A 112 -15.37 9.43 1.44
C ASN A 112 -13.90 9.17 1.83
N ALA A 113 -13.33 9.97 2.76
CA ALA A 113 -11.96 9.84 3.22
C ALA A 113 -11.66 8.41 3.71
N SER A 114 -12.52 7.85 4.57
CA SER A 114 -12.39 6.47 5.06
C SER A 114 -12.69 5.40 4.01
N ALA A 115 -13.67 5.63 3.14
CA ALA A 115 -14.05 4.70 2.06
C ALA A 115 -12.92 4.54 1.04
N LEU A 116 -12.39 5.66 0.53
CA LEU A 116 -11.21 5.66 -0.33
C LEU A 116 -9.95 5.22 0.42
N ALA A 117 -9.80 5.49 1.72
CA ALA A 117 -8.64 5.06 2.47
C ALA A 117 -8.54 3.54 2.59
N GLY A 118 -9.60 2.88 3.07
CA GLY A 118 -9.68 1.43 3.12
C GLY A 118 -9.42 0.86 1.72
N SER A 119 -10.03 1.44 0.68
CA SER A 119 -9.77 1.06 -0.71
C SER A 119 -8.31 1.27 -1.14
N PHE A 120 -7.64 2.39 -0.83
CA PHE A 120 -6.24 2.67 -1.16
C PHE A 120 -5.23 1.80 -0.42
N ALA A 121 -5.48 1.60 0.86
CA ALA A 121 -4.76 0.69 1.71
C ALA A 121 -4.84 -0.73 1.16
N ARG A 122 -6.06 -1.25 0.93
CA ARG A 122 -6.29 -2.54 0.29
C ARG A 122 -5.76 -2.58 -1.14
N ALA A 123 -5.78 -1.50 -1.92
CA ALA A 123 -5.33 -1.50 -3.31
C ALA A 123 -3.81 -1.57 -3.42
N LEU A 124 -3.10 -0.75 -2.64
CA LEU A 124 -1.64 -0.79 -2.53
C LEU A 124 -1.21 -2.13 -1.89
N SER A 125 -1.87 -2.58 -0.82
CA SER A 125 -1.54 -3.86 -0.19
C SER A 125 -1.89 -5.08 -1.06
N ALA A 126 -3.04 -5.11 -1.75
CA ALA A 126 -3.44 -6.15 -2.70
C ALA A 126 -2.52 -6.19 -3.92
N SER A 127 -2.13 -5.02 -4.43
CA SER A 127 -1.14 -4.88 -5.48
C SER A 127 0.18 -5.53 -5.06
N ALA A 128 0.72 -5.15 -3.90
CA ALA A 128 1.89 -5.80 -3.32
C ALA A 128 1.64 -7.27 -2.92
N GLU A 129 0.42 -7.70 -2.60
CA GLU A 129 0.09 -9.10 -2.31
C GLU A 129 0.29 -10.00 -3.54
N SER A 130 -0.25 -9.56 -4.68
CA SER A 130 -0.11 -10.26 -5.97
C SER A 130 1.31 -10.13 -6.52
N GLN A 131 1.94 -8.94 -6.43
CA GLN A 131 3.33 -8.75 -6.85
C GLN A 131 4.32 -9.47 -5.94
N SER A 132 4.13 -9.55 -4.61
CA SER A 132 4.98 -10.36 -3.72
C SER A 132 5.00 -11.83 -4.17
N PHE A 133 3.90 -12.36 -4.70
CA PHE A 133 3.87 -13.70 -5.28
C PHE A 133 4.68 -13.86 -6.58
N ALA A 134 4.92 -12.78 -7.33
CA ALA A 134 5.72 -12.77 -8.57
C ALA A 134 7.18 -12.30 -8.35
N GLN A 135 7.43 -11.50 -7.30
CA GLN A 135 8.73 -10.96 -6.89
C GLN A 135 9.46 -11.89 -5.90
N SER A 136 8.72 -12.61 -5.03
CA SER A 136 9.25 -13.60 -4.09
C SER A 136 8.79 -15.04 -4.43
N GLN A 137 8.51 -15.28 -5.73
CA GLN A 137 8.29 -16.61 -6.31
C GLN A 137 9.42 -17.62 -6.06
N ALA A 138 10.56 -17.21 -5.48
CA ALA A 138 11.58 -18.12 -4.97
C ALA A 138 11.02 -19.23 -4.05
N TYR A 139 9.87 -19.01 -3.40
CA TYR A 139 9.10 -20.01 -2.66
C TYR A 139 8.50 -21.14 -3.54
N GLN A 140 8.21 -20.88 -4.83
CA GLN A 140 7.70 -21.89 -5.78
C GLN A 140 8.76 -22.93 -6.14
N GLN A 141 10.01 -22.50 -6.35
CA GLN A 141 11.15 -23.38 -6.62
C GLN A 141 11.83 -23.90 -5.34
N ALA A 142 11.44 -23.41 -4.16
CA ALA A 142 11.82 -23.93 -2.85
C ALA A 142 11.05 -25.23 -2.48
N SER A 143 11.00 -25.57 -1.19
CA SER A 143 10.44 -26.80 -0.59
C SER A 143 11.23 -28.09 -0.90
N ALA A 144 11.69 -28.25 -2.15
CA ALA A 144 12.62 -29.31 -2.57
C ALA A 144 14.09 -28.84 -2.60
N PHE A 145 14.33 -27.57 -2.94
CA PHE A 145 15.67 -26.96 -2.99
C PHE A 145 16.16 -26.51 -1.60
N GLN A 146 15.29 -25.93 -0.77
CA GLN A 146 15.63 -25.55 0.62
C GLN A 146 15.90 -26.79 1.50
N GLN A 147 15.21 -27.91 1.23
CA GLN A 147 15.41 -29.20 1.89
C GLN A 147 16.74 -29.89 1.51
N ALA A 148 17.34 -29.56 0.36
CA ALA A 148 18.68 -30.06 -0.01
C ALA A 148 19.78 -29.58 0.98
N ALA A 149 19.56 -28.42 1.61
CA ALA A 149 20.43 -27.84 2.64
C ALA A 149 19.83 -27.96 4.07
N ALA A 150 18.82 -28.83 4.27
CA ALA A 150 18.28 -29.18 5.59
C ALA A 150 19.20 -30.14 6.39
N GLN A 151 20.52 -29.90 6.34
CA GLN A 151 21.52 -30.56 7.20
C GLN A 151 21.24 -30.34 8.70
N SER A 152 20.62 -29.21 9.04
CA SER A 152 20.13 -28.89 10.39
C SER A 152 18.85 -29.66 10.72
N ALA A 153 18.72 -30.12 11.97
CA ALA A 153 17.53 -30.77 12.50
C ALA A 153 16.58 -29.79 13.23
N ALA A 154 16.75 -28.48 13.03
CA ALA A 154 15.88 -27.40 13.50
C ALA A 154 14.52 -27.31 12.74
N GLN A 155 13.88 -28.46 12.47
CA GLN A 155 12.51 -28.57 11.96
C GLN A 155 11.46 -27.91 12.90
N SER A 156 10.19 -27.88 12.48
CA SER A 156 9.04 -27.45 13.29
C SER A 156 9.01 -28.05 14.70
N ALA A 157 8.46 -27.30 15.66
CA ALA A 157 8.37 -27.63 17.08
C ALA A 157 7.81 -29.04 17.35
N SER A 158 8.71 -29.99 17.62
CA SER A 158 8.41 -31.43 17.81
C SER A 158 9.62 -32.19 18.39
N ARG A 159 10.82 -31.97 17.83
CA ARG A 159 12.09 -32.58 18.27
C ARG A 159 12.45 -32.13 19.70
N ALA A 160 12.32 -33.04 20.68
CA ALA A 160 12.42 -32.76 22.12
C ALA A 160 13.22 -33.86 22.87
N SER A 1 -20.17 -10.08 21.50
CA SER A 1 -20.26 -8.70 21.01
C SER A 1 -20.52 -8.68 19.49
N GLY A 2 -20.78 -7.50 18.94
CA GLY A 2 -20.96 -7.25 17.50
C GLY A 2 -20.76 -5.78 17.14
N ALA A 3 -20.70 -5.50 15.84
CA ALA A 3 -20.51 -4.15 15.29
C ALA A 3 -21.26 -4.02 13.96
N THR A 4 -22.36 -3.26 13.98
CA THR A 4 -23.17 -2.94 12.80
C THR A 4 -22.70 -1.62 12.18
N SER A 5 -22.69 -1.55 10.84
CA SER A 5 -22.42 -0.30 10.11
C SER A 5 -23.52 0.75 10.32
N GLN A 6 -23.21 2.01 10.02
CA GLN A 6 -24.18 3.13 10.06
C GLN A 6 -24.25 3.88 8.72
N ALA A 7 -23.11 4.34 8.21
CA ALA A 7 -22.92 5.21 7.04
C ALA A 7 -23.66 6.57 7.10
N ALA A 8 -22.96 7.65 6.78
CA ALA A 8 -23.46 9.03 6.80
C ALA A 8 -22.56 9.97 5.98
N SER A 9 -22.99 11.22 5.78
CA SER A 9 -22.18 12.34 5.29
C SER A 9 -21.32 12.97 6.40
N GLN A 10 -20.38 13.86 6.03
CA GLN A 10 -19.46 14.60 6.93
C GLN A 10 -18.79 13.72 8.01
N SER A 11 -17.93 12.78 7.61
CA SER A 11 -17.13 11.98 8.55
C SER A 11 -15.95 12.76 9.16
N ALA A 12 -15.35 13.69 8.40
CA ALA A 12 -14.11 14.39 8.77
C ALA A 12 -13.88 15.70 7.99
N SER A 13 -14.90 16.56 7.88
CA SER A 13 -14.91 17.84 7.11
C SER A 13 -14.04 18.97 7.71
N SER A 14 -12.84 18.62 8.21
CA SER A 14 -11.82 19.48 8.83
C SER A 14 -10.43 18.82 8.89
N SER A 15 -10.37 17.49 9.10
CA SER A 15 -9.11 16.74 9.30
C SER A 15 -9.19 15.32 8.70
N TYR A 16 -9.80 15.23 7.51
CA TYR A 16 -9.89 13.99 6.72
C TYR A 16 -8.53 13.31 6.50
N SER A 17 -7.41 14.05 6.51
CA SER A 17 -6.05 13.53 6.30
C SER A 17 -5.62 12.43 7.28
N SER A 18 -6.16 12.43 8.49
CA SER A 18 -5.98 11.34 9.47
C SER A 18 -7.17 10.38 9.51
N ALA A 19 -8.41 10.84 9.28
CA ALA A 19 -9.59 9.98 9.26
C ALA A 19 -9.55 8.94 8.13
N PHE A 20 -9.13 9.36 6.93
CA PHE A 20 -8.88 8.45 5.81
C PHE A 20 -7.73 7.49 6.18
N ALA A 21 -6.60 8.00 6.70
CA ALA A 21 -5.43 7.17 7.02
C ALA A 21 -5.70 6.15 8.16
N GLN A 22 -6.67 6.43 9.02
CA GLN A 22 -7.19 5.51 10.03
C GLN A 22 -8.04 4.38 9.40
N ALA A 23 -8.92 4.70 8.44
CA ALA A 23 -9.68 3.69 7.67
C ALA A 23 -8.79 2.88 6.72
N ALA A 24 -7.72 3.49 6.20
CA ALA A 24 -6.63 2.80 5.51
C ALA A 24 -6.01 1.71 6.41
N SER A 25 -5.66 2.03 7.66
CA SER A 25 -5.17 1.03 8.62
C SER A 25 -6.15 -0.14 8.84
N SER A 26 -7.47 0.05 8.77
CA SER A 26 -8.46 -1.05 8.83
C SER A 26 -8.27 -2.08 7.72
N ALA A 27 -7.87 -1.64 6.51
CA ALA A 27 -7.61 -2.50 5.36
C ALA A 27 -6.17 -3.01 5.30
N LEU A 28 -5.19 -2.19 5.71
CA LEU A 28 -3.78 -2.59 5.83
C LEU A 28 -3.59 -3.71 6.88
N ALA A 29 -4.20 -3.56 8.06
CA ALA A 29 -4.19 -4.58 9.12
C ALA A 29 -4.96 -5.86 8.73
N THR A 30 -5.93 -5.76 7.81
CA THR A 30 -6.64 -6.90 7.18
C THR A 30 -5.73 -7.73 6.26
N SER A 31 -4.60 -7.18 5.81
CA SER A 31 -3.66 -7.82 4.87
C SER A 31 -2.23 -7.70 5.38
N SER A 32 -1.89 -8.43 6.45
CA SER A 32 -0.54 -8.49 7.06
C SER A 32 0.59 -8.75 6.05
N ALA A 33 0.27 -9.36 4.90
CA ALA A 33 1.15 -9.51 3.75
C ALA A 33 1.74 -8.18 3.20
N ILE A 34 1.16 -7.01 3.51
CA ILE A 34 1.77 -5.68 3.27
C ILE A 34 3.10 -5.52 4.00
N SER A 35 3.18 -6.00 5.24
CA SER A 35 4.41 -5.99 6.04
C SER A 35 5.44 -6.95 5.44
N ARG A 36 4.99 -8.09 4.88
CA ARG A 36 5.84 -9.03 4.11
C ARG A 36 6.53 -8.36 2.90
N ALA A 37 5.87 -7.41 2.24
CA ALA A 37 6.45 -6.68 1.11
C ALA A 37 7.63 -5.80 1.55
N PHE A 38 7.50 -5.02 2.63
CA PHE A 38 8.63 -4.30 3.24
C PHE A 38 9.69 -5.28 3.82
N ALA A 39 9.28 -6.43 4.38
CA ALA A 39 10.22 -7.42 4.94
C ALA A 39 11.21 -7.99 3.90
N SER A 40 10.86 -7.95 2.60
CA SER A 40 11.75 -8.28 1.47
C SER A 40 12.72 -7.15 1.08
N VAL A 41 12.66 -6.00 1.76
CA VAL A 41 13.32 -4.73 1.40
C VAL A 41 13.94 -4.07 2.65
N SER A 42 15.23 -4.33 2.89
CA SER A 42 15.97 -3.93 4.10
C SER A 42 16.88 -2.70 3.85
N SER A 43 16.40 -1.74 3.05
CA SER A 43 17.13 -0.54 2.62
C SER A 43 16.19 0.66 2.45
N ALA A 44 16.64 1.85 2.87
CA ALA A 44 15.85 3.09 2.83
C ALA A 44 15.40 3.50 1.41
N SER A 45 16.34 3.57 0.47
CA SER A 45 16.10 3.91 -0.93
C SER A 45 15.39 2.80 -1.71
N ALA A 46 15.56 1.54 -1.28
CA ALA A 46 14.80 0.42 -1.86
C ALA A 46 13.34 0.39 -1.35
N ALA A 47 13.07 0.78 -0.10
CA ALA A 47 11.71 0.93 0.43
C ALA A 47 10.97 2.08 -0.28
N SER A 48 11.67 3.18 -0.58
CA SER A 48 11.12 4.25 -1.42
C SER A 48 10.91 3.80 -2.88
N SER A 49 11.78 2.95 -3.43
CA SER A 49 11.59 2.30 -4.74
C SER A 49 10.39 1.33 -4.76
N LEU A 50 10.16 0.55 -3.69
CA LEU A 50 8.93 -0.23 -3.51
C LEU A 50 7.73 0.71 -3.55
N ALA A 51 7.73 1.78 -2.77
CA ALA A 51 6.67 2.78 -2.82
C ALA A 51 6.49 3.41 -4.22
N TYR A 52 7.56 3.55 -5.02
CA TYR A 52 7.46 3.97 -6.42
C TYR A 52 6.73 2.92 -7.29
N ASN A 53 7.20 1.67 -7.27
CA ASN A 53 6.74 0.58 -8.14
C ASN A 53 5.33 0.09 -7.77
N ILE A 54 5.09 -0.11 -6.47
CA ILE A 54 3.78 -0.47 -5.90
C ILE A 54 2.82 0.73 -5.96
N GLY A 55 3.28 1.96 -5.69
CA GLY A 55 2.47 3.17 -5.83
C GLY A 55 1.89 3.35 -7.22
N LEU A 56 2.66 2.99 -8.25
CA LEU A 56 2.18 2.91 -9.64
C LEU A 56 0.98 1.97 -9.78
N SER A 57 1.11 0.74 -9.27
CA SER A 57 0.08 -0.30 -9.30
C SER A 57 -1.14 0.02 -8.41
N ALA A 58 -0.92 0.64 -7.24
CA ALA A 58 -1.97 1.05 -6.30
C ALA A 58 -2.86 2.15 -6.90
N ALA A 59 -2.23 3.20 -7.43
CA ALA A 59 -2.93 4.25 -8.16
C ALA A 59 -3.67 3.70 -9.39
N ARG A 60 -3.04 2.83 -10.20
CA ARG A 60 -3.71 2.11 -11.32
C ARG A 60 -4.92 1.29 -10.84
N SER A 61 -4.78 0.56 -9.74
CA SER A 61 -5.84 -0.26 -9.12
C SER A 61 -7.08 0.58 -8.71
N LEU A 62 -6.86 1.81 -8.25
CA LEU A 62 -7.91 2.80 -7.94
C LEU A 62 -8.37 3.62 -9.17
N GLY A 63 -7.66 3.53 -10.29
CA GLY A 63 -7.89 4.32 -11.51
C GLY A 63 -7.31 5.75 -11.48
N ILE A 64 -6.51 6.07 -10.46
CA ILE A 64 -5.80 7.35 -10.26
C ILE A 64 -4.67 7.47 -11.29
N ALA A 65 -4.81 8.37 -12.27
CA ALA A 65 -3.76 8.66 -13.26
C ALA A 65 -2.50 9.34 -12.68
N SER A 66 -2.59 9.79 -11.43
CA SER A 66 -1.45 10.29 -10.63
C SER A 66 -0.44 9.21 -10.26
N ASP A 67 -0.53 7.98 -10.77
CA ASP A 67 0.45 6.90 -10.52
C ASP A 67 1.91 7.36 -10.49
N THR A 68 2.41 7.98 -11.57
CA THR A 68 3.78 8.53 -11.64
C THR A 68 4.03 9.71 -10.69
N ALA A 69 3.07 10.63 -10.54
CA ALA A 69 3.20 11.83 -9.71
C ALA A 69 3.20 11.50 -8.21
N LEU A 70 2.29 10.61 -7.77
CA LEU A 70 2.22 10.04 -6.44
C LEU A 70 3.45 9.19 -6.17
N ALA A 71 3.86 8.28 -7.06
CA ALA A 71 5.08 7.49 -6.88
C ALA A 71 6.33 8.39 -6.66
N GLY A 72 6.42 9.49 -7.42
CA GLY A 72 7.41 10.56 -7.27
C GLY A 72 7.26 11.46 -6.03
N ALA A 73 6.25 11.24 -5.17
CA ALA A 73 6.01 11.93 -3.90
C ALA A 73 5.96 10.96 -2.70
N LEU A 74 5.58 9.70 -2.95
CA LEU A 74 5.54 8.59 -2.00
C LEU A 74 6.94 8.09 -1.70
N ALA A 75 7.80 7.99 -2.72
CA ALA A 75 9.22 7.75 -2.51
C ALA A 75 9.95 8.90 -1.77
N GLN A 76 9.39 10.12 -1.77
CA GLN A 76 9.90 11.24 -0.98
C GLN A 76 9.42 11.17 0.49
N ALA A 77 8.17 10.77 0.74
CA ALA A 77 7.70 10.44 2.08
C ALA A 77 8.47 9.25 2.69
N VAL A 78 8.45 8.09 2.02
CA VAL A 78 9.08 6.82 2.45
C VAL A 78 10.62 6.90 2.47
N GLY A 79 11.24 7.55 1.48
CA GLY A 79 12.69 7.78 1.44
C GLY A 79 13.19 8.73 2.53
N GLY A 80 12.32 9.64 2.99
CA GLY A 80 12.54 10.48 4.17
C GLY A 80 12.31 9.77 5.52
N VAL A 81 11.87 8.51 5.51
CA VAL A 81 11.62 7.67 6.69
C VAL A 81 12.01 6.21 6.41
N GLY A 82 13.22 5.99 5.89
CA GLY A 82 13.74 4.65 5.58
C GLY A 82 14.75 4.17 6.64
N ALA A 83 14.49 2.99 7.21
CA ALA A 83 15.23 2.35 8.33
C ALA A 83 15.42 3.24 9.58
N GLY A 84 14.56 3.06 10.58
CA GLY A 84 14.68 3.69 11.90
C GLY A 84 13.34 3.88 12.62
N ALA A 85 12.25 4.02 11.87
CA ALA A 85 10.91 4.20 12.41
C ALA A 85 10.21 2.84 12.66
N SER A 86 9.65 2.20 11.60
CA SER A 86 8.93 0.91 11.56
C SER A 86 7.93 0.88 10.40
N ALA A 87 7.48 -0.32 10.00
CA ALA A 87 6.29 -0.51 9.17
C ALA A 87 5.07 0.29 9.65
N SER A 88 4.92 0.62 10.94
CA SER A 88 3.89 1.57 11.38
C SER A 88 4.06 2.94 10.73
N ALA A 89 5.23 3.58 10.85
CA ALA A 89 5.49 4.86 10.20
C ALA A 89 5.52 4.73 8.67
N TYR A 90 6.02 3.63 8.10
CA TYR A 90 6.04 3.43 6.65
C TYR A 90 4.60 3.31 6.12
N ALA A 91 3.78 2.41 6.69
CA ALA A 91 2.36 2.26 6.37
C ALA A 91 1.56 3.55 6.57
N ASN A 92 1.73 4.22 7.71
CA ASN A 92 1.06 5.47 8.01
C ASN A 92 1.47 6.55 7.01
N ALA A 93 2.78 6.76 6.75
CA ALA A 93 3.26 7.73 5.76
C ALA A 93 2.85 7.37 4.32
N ILE A 94 2.81 6.08 3.98
CA ILE A 94 2.36 5.57 2.67
C ILE A 94 0.87 5.91 2.48
N ALA A 95 0.01 5.52 3.43
CA ALA A 95 -1.41 5.87 3.38
C ALA A 95 -1.61 7.40 3.40
N ARG A 96 -1.01 8.10 4.37
CA ARG A 96 -1.02 9.57 4.48
C ARG A 96 -0.67 10.24 3.16
N ALA A 97 0.45 9.90 2.54
CA ALA A 97 0.83 10.46 1.23
C ALA A 97 -0.13 10.03 0.09
N ALA A 98 -0.65 8.80 0.11
CA ALA A 98 -1.67 8.32 -0.84
C ALA A 98 -2.89 9.27 -0.88
N GLY A 99 -3.51 9.55 0.28
CA GLY A 99 -4.68 10.42 0.38
C GLY A 99 -4.38 11.92 0.49
N GLN A 100 -3.16 12.34 0.88
CA GLN A 100 -2.68 13.72 0.70
C GLN A 100 -2.82 14.13 -0.79
N PHE A 101 -2.43 13.25 -1.71
CA PHE A 101 -2.59 13.50 -3.14
C PHE A 101 -4.07 13.57 -3.55
N LEU A 102 -4.92 12.67 -3.03
CA LEU A 102 -6.36 12.67 -3.30
C LEU A 102 -7.06 13.95 -2.82
N ALA A 103 -6.68 14.47 -1.66
CA ALA A 103 -7.13 15.76 -1.13
C ALA A 103 -6.62 16.96 -1.95
N THR A 104 -5.41 16.87 -2.50
CA THR A 104 -4.81 17.85 -3.43
C THR A 104 -5.51 17.86 -4.79
N GLN A 105 -5.81 16.69 -5.38
CA GLN A 105 -6.47 16.56 -6.68
C GLN A 105 -7.99 16.88 -6.61
N GLY A 106 -8.68 16.41 -5.57
CA GLY A 106 -10.14 16.56 -5.41
C GLY A 106 -10.93 15.24 -5.41
N VAL A 107 -10.23 14.08 -5.44
CA VAL A 107 -10.84 12.75 -5.22
C VAL A 107 -11.38 12.64 -3.78
N LEU A 108 -10.67 13.23 -2.81
CA LEU A 108 -11.02 13.19 -1.39
C LEU A 108 -11.82 14.44 -1.01
N ASN A 109 -13.07 14.22 -0.57
CA ASN A 109 -14.10 15.26 -0.36
C ASN A 109 -14.75 15.16 1.05
N ALA A 110 -13.99 14.66 2.03
CA ALA A 110 -14.37 14.52 3.45
C ALA A 110 -15.65 13.69 3.73
N GLY A 111 -15.98 12.75 2.82
CA GLY A 111 -17.16 11.89 2.91
C GLY A 111 -16.93 10.49 2.31
N ASN A 112 -16.27 10.43 1.15
CA ASN A 112 -15.70 9.19 0.59
C ASN A 112 -14.23 8.98 0.99
N ALA A 113 -13.68 9.77 1.91
CA ALA A 113 -12.29 9.67 2.35
C ALA A 113 -11.97 8.28 2.90
N SER A 114 -12.71 7.81 3.91
CA SER A 114 -12.55 6.48 4.50
C SER A 114 -12.83 5.33 3.51
N ALA A 115 -13.80 5.52 2.61
CA ALA A 115 -14.17 4.53 1.60
C ALA A 115 -13.02 4.31 0.58
N LEU A 116 -12.55 5.41 -0.03
CA LEU A 116 -11.44 5.36 -0.99
C LEU A 116 -10.12 5.02 -0.29
N ALA A 117 -9.91 5.42 0.96
CA ALA A 117 -8.74 5.07 1.75
C ALA A 117 -8.66 3.59 2.10
N GLY A 118 -9.75 2.99 2.59
CA GLY A 118 -9.82 1.54 2.79
C GLY A 118 -9.48 0.82 1.50
N SER A 119 -10.03 1.24 0.36
CA SER A 119 -9.64 0.72 -0.96
C SER A 119 -8.20 1.01 -1.37
N PHE A 120 -7.64 2.21 -1.15
CA PHE A 120 -6.25 2.57 -1.52
C PHE A 120 -5.25 1.79 -0.69
N ALA A 121 -5.50 1.67 0.60
CA ALA A 121 -4.76 0.87 1.54
C ALA A 121 -4.80 -0.60 1.15
N ARG A 122 -5.99 -1.22 1.05
CA ARG A 122 -6.12 -2.59 0.56
C ARG A 122 -5.52 -2.75 -0.83
N ALA A 123 -5.57 -1.77 -1.72
CA ALA A 123 -5.00 -1.87 -3.05
C ALA A 123 -3.48 -1.78 -3.05
N LEU A 124 -2.87 -0.92 -2.24
CA LEU A 124 -1.42 -0.86 -2.09
C LEU A 124 -0.91 -2.14 -1.40
N SER A 125 -1.61 -2.63 -0.36
CA SER A 125 -1.37 -3.94 0.25
C SER A 125 -1.56 -5.10 -0.73
N ALA A 126 -2.71 -5.17 -1.42
CA ALA A 126 -3.08 -6.23 -2.34
C ALA A 126 -2.17 -6.24 -3.56
N SER A 127 -1.82 -5.08 -4.12
CA SER A 127 -0.79 -4.98 -5.15
C SER A 127 0.58 -5.41 -4.61
N ALA A 128 0.99 -5.01 -3.40
CA ALA A 128 2.26 -5.44 -2.81
C ALA A 128 2.35 -6.95 -2.54
N GLU A 129 1.31 -7.56 -1.96
CA GLU A 129 1.24 -9.00 -1.71
C GLU A 129 0.96 -9.82 -2.99
N SER A 130 0.26 -9.27 -3.98
CA SER A 130 0.16 -9.85 -5.34
C SER A 130 1.39 -9.58 -6.21
N GLN A 131 2.25 -8.62 -5.88
CA GLN A 131 3.55 -8.50 -6.55
C GLN A 131 4.43 -9.71 -6.26
N SER A 132 4.23 -10.46 -5.17
CA SER A 132 4.80 -11.81 -5.03
C SER A 132 4.43 -12.73 -6.21
N PHE A 133 3.22 -12.66 -6.76
CA PHE A 133 2.86 -13.39 -8.00
C PHE A 133 3.59 -12.88 -9.26
N ALA A 134 3.97 -11.59 -9.32
CA ALA A 134 4.63 -10.97 -10.49
C ALA A 134 6.18 -10.90 -10.38
N GLN A 135 6.74 -11.03 -9.17
CA GLN A 135 8.17 -10.97 -8.82
C GLN A 135 8.72 -12.36 -8.47
N SER A 136 7.90 -13.21 -7.85
CA SER A 136 8.18 -14.62 -7.54
C SER A 136 7.44 -15.55 -8.50
N GLN A 137 7.21 -15.10 -9.75
CA GLN A 137 6.60 -15.92 -10.80
C GLN A 137 7.38 -17.22 -11.09
N ALA A 138 8.57 -17.43 -10.52
CA ALA A 138 9.32 -18.69 -10.55
C ALA A 138 8.49 -19.98 -10.29
N TYR A 139 7.36 -19.91 -9.55
CA TYR A 139 6.40 -21.02 -9.40
C TYR A 139 5.19 -20.90 -10.35
N GLN A 140 4.60 -19.71 -10.50
CA GLN A 140 3.41 -19.47 -11.36
C GLN A 140 3.72 -19.65 -12.87
N GLN A 141 4.98 -19.46 -13.27
CA GLN A 141 5.47 -19.64 -14.64
C GLN A 141 5.47 -21.12 -15.07
N ALA A 142 5.71 -22.06 -14.14
CA ALA A 142 5.72 -23.51 -14.39
C ALA A 142 4.30 -24.12 -14.54
N SER A 143 3.38 -23.34 -15.12
CA SER A 143 2.01 -23.71 -15.46
C SER A 143 1.45 -22.78 -16.55
N ALA A 144 1.66 -21.46 -16.42
CA ALA A 144 1.17 -20.46 -17.39
C ALA A 144 2.21 -20.03 -18.45
N PHE A 145 3.50 -20.03 -18.11
CA PHE A 145 4.61 -19.61 -18.99
C PHE A 145 5.17 -20.80 -19.79
N GLN A 146 5.18 -22.00 -19.22
CA GLN A 146 5.52 -23.25 -19.93
C GLN A 146 4.59 -23.52 -21.12
N GLN A 147 3.29 -23.18 -20.99
CA GLN A 147 2.28 -23.27 -22.05
C GLN A 147 2.33 -22.08 -23.04
N ALA A 148 2.87 -20.94 -22.59
CA ALA A 148 3.13 -19.76 -23.43
C ALA A 148 4.52 -19.79 -24.11
N ALA A 149 5.27 -20.91 -24.03
CA ALA A 149 6.57 -21.14 -24.69
C ALA A 149 6.51 -21.21 -26.25
N ALA A 150 5.46 -20.64 -26.86
CA ALA A 150 5.23 -20.51 -28.30
C ALA A 150 5.68 -19.13 -28.85
N GLN A 151 6.37 -18.32 -28.02
CA GLN A 151 6.76 -16.93 -28.30
C GLN A 151 8.30 -16.75 -28.38
N SER A 152 9.01 -17.85 -28.66
CA SER A 152 10.48 -18.06 -28.66
C SER A 152 11.34 -16.79 -28.85
N ALA A 153 11.66 -16.13 -27.74
CA ALA A 153 12.42 -14.87 -27.69
C ALA A 153 13.91 -15.14 -27.42
N ALA A 154 14.50 -16.07 -28.18
CA ALA A 154 15.91 -16.42 -28.21
C ALA A 154 16.65 -15.75 -29.41
N GLN A 155 16.20 -14.54 -29.78
CA GLN A 155 16.85 -13.66 -30.78
C GLN A 155 18.32 -13.34 -30.45
N SER A 156 19.04 -12.79 -31.43
CA SER A 156 20.49 -12.49 -31.33
C SER A 156 20.81 -10.99 -31.24
N ALA A 157 20.01 -10.12 -31.88
CA ALA A 157 20.23 -8.67 -31.94
C ALA A 157 20.08 -7.98 -30.55
N SER A 158 18.85 -7.88 -30.06
CA SER A 158 18.47 -7.38 -28.71
C SER A 158 16.96 -7.57 -28.47
N ARG A 159 16.53 -7.55 -27.20
CA ARG A 159 15.12 -7.62 -26.75
C ARG A 159 15.00 -7.05 -25.32
N ALA A 160 14.26 -5.95 -25.16
CA ALA A 160 13.99 -5.26 -23.90
C ALA A 160 12.68 -4.42 -23.95
N SER A 1 -12.46 -3.01 27.52
CA SER A 1 -12.73 -3.34 26.10
C SER A 1 -11.49 -3.08 25.21
N GLY A 2 -11.60 -3.40 23.91
CA GLY A 2 -10.54 -3.29 22.92
C GLY A 2 -11.00 -2.85 21.52
N ALA A 3 -12.20 -2.24 21.43
CA ALA A 3 -12.78 -1.74 20.17
C ALA A 3 -13.67 -0.51 20.40
N THR A 4 -13.31 0.63 19.77
CA THR A 4 -14.00 1.94 19.93
C THR A 4 -13.74 2.90 18.75
N SER A 5 -13.87 2.40 17.52
CA SER A 5 -13.64 3.16 16.27
C SER A 5 -14.68 2.84 15.18
N GLN A 6 -15.23 3.88 14.52
CA GLN A 6 -16.06 3.78 13.31
C GLN A 6 -16.03 5.06 12.45
N ALA A 7 -16.17 6.25 13.06
CA ALA A 7 -16.32 7.57 12.43
C ALA A 7 -17.45 7.69 11.36
N ALA A 8 -18.59 8.24 11.76
CA ALA A 8 -19.81 8.34 10.95
C ALA A 8 -20.18 9.82 10.64
N SER A 9 -19.68 10.34 9.52
CA SER A 9 -19.95 11.69 9.01
C SER A 9 -19.75 11.80 7.48
N GLN A 10 -20.29 12.85 6.84
CA GLN A 10 -20.04 13.23 5.45
C GLN A 10 -20.23 14.73 5.22
N SER A 11 -19.70 15.25 4.10
CA SER A 11 -19.67 16.68 3.72
C SER A 11 -19.04 17.62 4.76
N ALA A 12 -18.37 17.09 5.78
CA ALA A 12 -17.86 17.83 6.95
C ALA A 12 -16.63 17.16 7.63
N SER A 13 -16.05 16.11 7.00
CA SER A 13 -14.81 15.46 7.49
C SER A 13 -13.55 16.34 7.34
N SER A 14 -13.59 17.61 7.75
CA SER A 14 -12.47 18.56 7.70
C SER A 14 -11.21 18.01 8.39
N SER A 15 -10.01 18.42 7.93
CA SER A 15 -8.73 17.73 8.22
C SER A 15 -8.71 16.24 7.81
N TYR A 16 -9.40 15.90 6.71
CA TYR A 16 -9.43 14.57 6.11
C TYR A 16 -8.06 13.98 5.72
N SER A 17 -7.03 14.81 5.53
CA SER A 17 -5.71 14.35 5.07
C SER A 17 -5.07 13.33 6.01
N SER A 18 -5.24 13.50 7.33
CA SER A 18 -4.85 12.52 8.34
C SER A 18 -5.94 11.48 8.63
N ALA A 19 -7.23 11.86 8.62
CA ALA A 19 -8.32 10.91 8.89
C ALA A 19 -8.44 9.80 7.81
N PHE A 20 -8.15 10.14 6.56
CA PHE A 20 -7.89 9.18 5.48
C PHE A 20 -6.76 8.22 5.89
N ALA A 21 -5.58 8.73 6.23
CA ALA A 21 -4.43 7.91 6.60
C ALA A 21 -4.64 7.06 7.87
N GLN A 22 -5.62 7.42 8.70
CA GLN A 22 -6.11 6.64 9.84
C GLN A 22 -7.06 5.50 9.42
N ALA A 23 -7.99 5.76 8.49
CA ALA A 23 -8.90 4.76 7.92
C ALA A 23 -8.22 3.81 6.91
N ALA A 24 -7.07 4.19 6.35
CA ALA A 24 -6.17 3.29 5.64
C ALA A 24 -5.76 2.10 6.51
N SER A 25 -5.38 2.36 7.77
CA SER A 25 -5.10 1.34 8.79
C SER A 25 -6.23 0.34 9.04
N SER A 26 -7.50 0.72 8.83
CA SER A 26 -8.66 -0.21 8.94
C SER A 26 -8.58 -1.41 7.98
N ALA A 27 -7.96 -1.22 6.80
CA ALA A 27 -7.77 -2.28 5.81
C ALA A 27 -6.32 -2.80 5.74
N LEU A 28 -5.33 -1.96 6.05
CA LEU A 28 -3.93 -2.34 6.24
C LEU A 28 -3.72 -3.34 7.38
N ALA A 29 -4.37 -3.15 8.54
CA ALA A 29 -4.35 -4.13 9.63
C ALA A 29 -5.07 -5.47 9.28
N THR A 30 -6.01 -5.42 8.34
CA THR A 30 -6.67 -6.58 7.71
C THR A 30 -5.75 -7.37 6.76
N SER A 31 -4.63 -6.78 6.34
CA SER A 31 -3.71 -7.32 5.31
C SER A 31 -2.27 -7.39 5.82
N SER A 32 -1.99 -8.29 6.76
CA SER A 32 -0.65 -8.47 7.37
C SER A 32 0.50 -8.65 6.37
N ALA A 33 0.20 -9.15 5.16
CA ALA A 33 1.12 -9.19 4.02
C ALA A 33 1.69 -7.83 3.55
N ILE A 34 1.10 -6.68 3.93
CA ILE A 34 1.76 -5.37 3.77
C ILE A 34 3.08 -5.28 4.55
N SER A 35 3.17 -5.91 5.73
CA SER A 35 4.42 -6.00 6.48
C SER A 35 5.45 -6.87 5.76
N ARG A 36 5.00 -7.90 5.04
CA ARG A 36 5.86 -8.69 4.15
C ARG A 36 6.38 -7.90 2.94
N ALA A 37 5.68 -6.84 2.52
CA ALA A 37 6.15 -5.90 1.50
C ALA A 37 7.50 -5.25 1.88
N PHE A 38 7.60 -4.65 3.09
CA PHE A 38 8.89 -4.13 3.56
C PHE A 38 9.87 -5.26 3.95
N ALA A 39 9.40 -6.38 4.51
CA ALA A 39 10.28 -7.48 4.93
C ALA A 39 11.05 -8.12 3.74
N SER A 40 10.49 -8.02 2.53
CA SER A 40 11.14 -8.37 1.25
C SER A 40 12.38 -7.51 0.94
N VAL A 41 12.50 -6.31 1.53
CA VAL A 41 13.48 -5.26 1.18
C VAL A 41 14.00 -4.50 2.41
N SER A 42 15.11 -5.00 2.97
CA SER A 42 15.76 -4.51 4.19
C SER A 42 16.65 -3.25 3.99
N SER A 43 16.20 -2.31 3.14
CA SER A 43 16.95 -1.10 2.73
C SER A 43 16.01 0.09 2.50
N ALA A 44 16.30 1.24 3.12
CA ALA A 44 15.47 2.46 3.04
C ALA A 44 15.29 2.98 1.60
N SER A 45 16.38 3.08 0.82
CA SER A 45 16.36 3.56 -0.56
C SER A 45 15.59 2.60 -1.49
N ALA A 46 15.72 1.30 -1.28
CA ALA A 46 14.99 0.27 -2.05
C ALA A 46 13.52 0.13 -1.60
N ALA A 47 13.18 0.46 -0.35
CA ALA A 47 11.79 0.64 0.08
C ALA A 47 11.13 1.84 -0.63
N SER A 48 11.88 2.91 -0.93
CA SER A 48 11.43 3.97 -1.85
C SER A 48 11.09 3.40 -3.25
N SER A 49 11.93 2.51 -3.79
CA SER A 49 11.63 1.78 -5.03
C SER A 49 10.40 0.86 -4.92
N LEU A 50 10.18 0.19 -3.78
CA LEU A 50 8.95 -0.56 -3.50
C LEU A 50 7.72 0.36 -3.57
N ALA A 51 7.70 1.49 -2.86
CA ALA A 51 6.59 2.43 -2.93
C ALA A 51 6.38 3.00 -4.33
N TYR A 52 7.44 3.27 -5.09
CA TYR A 52 7.31 3.61 -6.51
C TYR A 52 6.61 2.48 -7.30
N ASN A 53 7.04 1.22 -7.13
CA ASN A 53 6.51 0.06 -7.83
C ASN A 53 5.03 -0.21 -7.51
N ILE A 54 4.70 -0.35 -6.22
CA ILE A 54 3.36 -0.69 -5.75
C ILE A 54 2.43 0.53 -5.79
N GLY A 55 2.94 1.74 -5.56
CA GLY A 55 2.18 2.99 -5.66
C GLY A 55 1.65 3.29 -7.06
N LEU A 56 2.44 2.97 -8.09
CA LEU A 56 1.98 2.99 -9.49
C LEU A 56 0.72 2.13 -9.68
N SER A 57 0.77 0.90 -9.15
CA SER A 57 -0.33 -0.08 -9.20
C SER A 57 -1.50 0.25 -8.27
N ALA A 58 -1.26 0.84 -7.09
CA ALA A 58 -2.30 1.27 -6.17
C ALA A 58 -3.16 2.39 -6.75
N ALA A 59 -2.54 3.47 -7.23
CA ALA A 59 -3.19 4.53 -7.97
C ALA A 59 -3.93 3.96 -9.21
N ARG A 60 -3.28 3.12 -10.05
CA ARG A 60 -3.94 2.46 -11.21
C ARG A 60 -5.14 1.59 -10.82
N SER A 61 -5.06 0.82 -9.74
CA SER A 61 -6.13 -0.02 -9.21
C SER A 61 -7.36 0.81 -8.77
N LEU A 62 -7.13 2.00 -8.20
CA LEU A 62 -8.18 2.98 -7.88
C LEU A 62 -8.63 3.83 -9.10
N GLY A 63 -7.93 3.74 -10.24
CA GLY A 63 -8.20 4.49 -11.49
C GLY A 63 -7.54 5.87 -11.55
N ILE A 64 -6.63 6.18 -10.63
CA ILE A 64 -6.00 7.50 -10.45
C ILE A 64 -4.79 7.63 -11.39
N ALA A 65 -4.92 8.44 -12.45
CA ALA A 65 -3.86 8.71 -13.42
C ALA A 65 -2.63 9.44 -12.85
N SER A 66 -2.69 9.94 -11.61
CA SER A 66 -1.52 10.46 -10.90
C SER A 66 -0.48 9.41 -10.51
N ASP A 67 -0.68 8.12 -10.84
CA ASP A 67 0.23 6.99 -10.58
C ASP A 67 1.73 7.35 -10.62
N THR A 68 2.20 7.93 -11.73
CA THR A 68 3.56 8.45 -11.94
C THR A 68 3.98 9.57 -10.97
N ALA A 69 3.10 10.55 -10.70
CA ALA A 69 3.34 11.67 -9.79
C ALA A 69 3.33 11.20 -8.32
N LEU A 70 2.36 10.38 -7.94
CA LEU A 70 2.27 9.77 -6.62
C LEU A 70 3.44 8.83 -6.36
N ALA A 71 3.85 7.99 -7.31
CA ALA A 71 5.05 7.15 -7.15
C ALA A 71 6.33 7.97 -6.86
N GLY A 72 6.38 9.22 -7.33
CA GLY A 72 7.41 10.23 -7.02
C GLY A 72 7.21 11.02 -5.72
N ALA A 73 6.18 10.73 -4.93
CA ALA A 73 5.87 11.36 -3.64
C ALA A 73 5.69 10.32 -2.50
N LEU A 74 5.25 9.12 -2.84
CA LEU A 74 5.12 7.96 -1.97
C LEU A 74 6.50 7.41 -1.59
N ALA A 75 7.43 7.36 -2.55
CA ALA A 75 8.85 7.11 -2.31
C ALA A 75 9.50 8.10 -1.33
N GLN A 76 9.09 9.37 -1.38
CA GLN A 76 9.53 10.41 -0.41
C GLN A 76 8.92 10.22 0.99
N ALA A 77 7.78 9.54 1.12
CA ALA A 77 7.15 9.25 2.40
C ALA A 77 7.76 8.00 3.07
N VAL A 78 7.79 6.85 2.37
CA VAL A 78 8.45 5.62 2.87
C VAL A 78 9.97 5.80 3.01
N GLY A 79 10.60 6.57 2.12
CA GLY A 79 12.04 6.82 2.12
C GLY A 79 12.49 7.91 3.10
N GLY A 80 11.56 8.81 3.46
CA GLY A 80 11.77 9.81 4.52
C GLY A 80 11.92 9.19 5.93
N VAL A 81 11.35 8.00 6.15
CA VAL A 81 11.39 7.24 7.42
C VAL A 81 11.70 5.74 7.16
N GLY A 82 12.46 5.44 6.11
CA GLY A 82 12.81 4.06 5.75
C GLY A 82 13.78 3.44 6.77
N ALA A 83 13.54 2.16 7.13
CA ALA A 83 14.31 1.39 8.11
C ALA A 83 14.70 2.15 9.41
N GLY A 84 13.72 2.30 10.32
CA GLY A 84 13.96 2.89 11.65
C GLY A 84 12.78 2.82 12.63
N ALA A 85 11.54 2.92 12.13
CA ALA A 85 10.33 2.88 12.96
C ALA A 85 9.68 1.48 12.96
N SER A 86 9.09 1.04 11.83
CA SER A 86 8.36 -0.23 11.58
C SER A 86 7.38 -0.07 10.39
N ALA A 87 6.66 -1.15 10.04
CA ALA A 87 5.44 -1.18 9.24
C ALA A 87 4.46 -0.03 9.55
N SER A 88 4.35 0.36 10.83
CA SER A 88 3.58 1.52 11.26
C SER A 88 3.98 2.79 10.50
N ALA A 89 5.26 3.17 10.49
CA ALA A 89 5.71 4.32 9.70
C ALA A 89 5.54 4.10 8.21
N TYR A 90 5.89 2.94 7.67
CA TYR A 90 5.78 2.71 6.22
C TYR A 90 4.32 2.82 5.78
N ALA A 91 3.39 2.13 6.46
CA ALA A 91 1.96 2.22 6.22
C ALA A 91 1.39 3.63 6.44
N ASN A 92 1.73 4.30 7.55
CA ASN A 92 1.25 5.65 7.84
C ASN A 92 1.77 6.65 6.81
N ALA A 93 3.04 6.57 6.42
CA ALA A 93 3.65 7.43 5.40
C ALA A 93 3.11 7.15 4.00
N ILE A 94 2.93 5.87 3.64
CA ILE A 94 2.27 5.45 2.41
C ILE A 94 0.83 5.98 2.35
N ALA A 95 0.05 5.77 3.41
CA ALA A 95 -1.32 6.26 3.53
C ALA A 95 -1.40 7.79 3.58
N ARG A 96 -0.44 8.47 4.21
CA ARG A 96 -0.29 9.93 4.17
C ARG A 96 -0.03 10.43 2.77
N ALA A 97 0.95 9.93 2.02
CA ALA A 97 1.25 10.40 0.66
C ALA A 97 0.15 10.02 -0.36
N ALA A 98 -0.45 8.83 -0.23
CA ALA A 98 -1.70 8.48 -0.91
C ALA A 98 -2.77 9.55 -0.63
N GLY A 99 -3.07 9.79 0.65
CA GLY A 99 -4.00 10.81 1.12
C GLY A 99 -3.65 12.22 0.62
N GLN A 100 -2.37 12.63 0.63
CA GLN A 100 -1.92 13.97 0.20
C GLN A 100 -2.32 14.29 -1.23
N PHE A 101 -2.21 13.33 -2.16
CA PHE A 101 -2.67 13.55 -3.53
C PHE A 101 -4.19 13.69 -3.60
N LEU A 102 -4.95 12.78 -2.99
CA LEU A 102 -6.42 12.80 -3.05
C LEU A 102 -7.02 14.02 -2.34
N ALA A 103 -6.42 14.43 -1.22
CA ALA A 103 -6.68 15.64 -0.43
C ALA A 103 -6.43 16.98 -1.16
N THR A 104 -5.90 16.94 -2.39
CA THR A 104 -5.97 18.08 -3.33
C THR A 104 -7.41 18.43 -3.75
N GLN A 105 -8.38 17.57 -3.41
CA GLN A 105 -9.83 17.61 -3.70
C GLN A 105 -10.19 16.96 -5.06
N GLY A 106 -9.21 16.31 -5.71
CA GLY A 106 -9.36 15.67 -7.02
C GLY A 106 -10.07 14.31 -7.00
N VAL A 107 -10.13 13.68 -5.83
CA VAL A 107 -10.75 12.35 -5.61
C VAL A 107 -11.47 12.31 -4.25
N LEU A 108 -10.89 12.94 -3.23
CA LEU A 108 -11.40 13.02 -1.86
C LEU A 108 -12.36 14.23 -1.69
N ASN A 109 -13.50 14.03 -1.01
CA ASN A 109 -14.59 15.01 -0.93
C ASN A 109 -15.23 15.11 0.49
N ALA A 110 -14.42 14.99 1.54
CA ALA A 110 -14.80 15.13 2.97
C ALA A 110 -15.99 14.26 3.44
N GLY A 111 -16.14 13.06 2.85
CA GLY A 111 -17.15 12.07 3.27
C GLY A 111 -16.87 10.64 2.80
N ASN A 112 -16.32 10.48 1.58
CA ASN A 112 -15.74 9.23 1.08
C ASN A 112 -14.25 9.04 1.46
N ALA A 113 -13.73 9.82 2.40
CA ALA A 113 -12.34 9.77 2.86
C ALA A 113 -11.95 8.38 3.40
N SER A 114 -12.72 7.83 4.34
CA SER A 114 -12.47 6.52 4.92
C SER A 114 -12.70 5.36 3.94
N ALA A 115 -13.71 5.47 3.08
CA ALA A 115 -14.00 4.50 2.03
C ALA A 115 -12.82 4.37 1.04
N LEU A 116 -12.39 5.50 0.47
CA LEU A 116 -11.22 5.52 -0.42
C LEU A 116 -9.93 5.20 0.30
N ALA A 117 -9.77 5.56 1.58
CA ALA A 117 -8.58 5.18 2.33
C ALA A 117 -8.42 3.67 2.50
N GLY A 118 -9.47 2.98 2.96
CA GLY A 118 -9.51 1.53 3.02
C GLY A 118 -9.17 0.90 1.67
N SER A 119 -9.81 1.38 0.59
CA SER A 119 -9.55 0.91 -0.78
C SER A 119 -8.14 1.20 -1.30
N PHE A 120 -7.59 2.40 -1.09
CA PHE A 120 -6.25 2.77 -1.57
C PHE A 120 -5.16 1.98 -0.85
N ALA A 121 -5.27 1.93 0.47
CA ALA A 121 -4.38 1.19 1.34
C ALA A 121 -4.46 -0.33 1.04
N ARG A 122 -5.66 -0.90 0.90
CA ARG A 122 -5.86 -2.30 0.51
C ARG A 122 -5.51 -2.60 -0.95
N ALA A 123 -5.55 -1.63 -1.86
CA ALA A 123 -5.03 -1.81 -3.22
C ALA A 123 -3.50 -1.90 -3.21
N LEU A 124 -2.85 -1.11 -2.35
CA LEU A 124 -1.42 -1.22 -2.10
C LEU A 124 -1.08 -2.55 -1.43
N SER A 125 -1.84 -2.99 -0.43
CA SER A 125 -1.67 -4.32 0.17
C SER A 125 -1.96 -5.46 -0.83
N ALA A 126 -2.95 -5.34 -1.71
CA ALA A 126 -3.32 -6.35 -2.71
C ALA A 126 -2.27 -6.48 -3.82
N SER A 127 -1.77 -5.35 -4.33
CA SER A 127 -0.62 -5.35 -5.25
C SER A 127 0.61 -5.91 -4.56
N ALA A 128 0.93 -5.45 -3.35
CA ALA A 128 2.05 -5.98 -2.56
C ALA A 128 1.91 -7.48 -2.22
N GLU A 129 0.72 -7.99 -1.91
CA GLU A 129 0.41 -9.40 -1.69
C GLU A 129 0.80 -10.28 -2.89
N SER A 130 0.44 -9.84 -4.11
CA SER A 130 0.86 -10.49 -5.35
C SER A 130 2.36 -10.28 -5.62
N GLN A 131 2.87 -9.05 -5.45
CA GLN A 131 4.28 -8.71 -5.66
C GLN A 131 5.23 -9.39 -4.67
N SER A 132 4.76 -9.91 -3.53
CA SER A 132 5.52 -10.85 -2.69
C SER A 132 5.96 -12.14 -3.43
N PHE A 133 5.30 -12.52 -4.54
CA PHE A 133 5.79 -13.57 -5.44
C PHE A 133 6.89 -13.09 -6.42
N ALA A 134 6.82 -11.84 -6.88
CA ALA A 134 7.73 -11.27 -7.89
C ALA A 134 9.01 -10.64 -7.29
N GLN A 135 8.86 -9.95 -6.15
CA GLN A 135 9.93 -9.29 -5.39
C GLN A 135 10.63 -10.25 -4.40
N SER A 136 9.92 -11.31 -3.96
CA SER A 136 10.44 -12.37 -3.09
C SER A 136 10.45 -13.73 -3.81
N GLN A 137 10.69 -13.71 -5.13
CA GLN A 137 10.93 -14.91 -5.96
C GLN A 137 12.16 -15.75 -5.51
N ALA A 138 12.89 -15.32 -4.48
CA ALA A 138 13.88 -16.13 -3.78
C ALA A 138 13.33 -17.51 -3.34
N TYR A 139 12.04 -17.60 -3.00
CA TYR A 139 11.38 -18.88 -2.72
C TYR A 139 11.24 -19.83 -3.93
N GLN A 140 11.30 -19.30 -5.17
CA GLN A 140 11.29 -20.10 -6.41
C GLN A 140 12.63 -20.84 -6.62
N GLN A 141 13.75 -20.14 -6.39
CA GLN A 141 15.12 -20.69 -6.48
C GLN A 141 15.61 -21.39 -5.20
N ALA A 142 14.84 -21.29 -4.09
CA ALA A 142 15.05 -22.01 -2.85
C ALA A 142 14.91 -23.55 -3.01
N SER A 143 14.92 -24.29 -1.90
CA SER A 143 15.05 -25.76 -1.80
C SER A 143 16.45 -26.30 -2.19
N ALA A 144 17.10 -25.70 -3.21
CA ALA A 144 18.50 -25.97 -3.57
C ALA A 144 19.46 -24.89 -3.02
N PHE A 145 19.08 -23.59 -3.09
CA PHE A 145 19.89 -22.50 -2.52
C PHE A 145 19.91 -22.51 -0.98
N GLN A 146 18.76 -22.68 -0.32
CA GLN A 146 18.69 -22.69 1.16
C GLN A 146 19.47 -23.87 1.77
N GLN A 147 19.50 -25.01 1.08
CA GLN A 147 20.29 -26.19 1.45
C GLN A 147 21.81 -25.98 1.33
N ALA A 148 22.29 -25.14 0.39
CA ALA A 148 23.70 -24.78 0.30
C ALA A 148 24.22 -23.98 1.52
N ALA A 149 23.31 -23.30 2.24
CA ALA A 149 23.60 -22.54 3.46
C ALA A 149 23.10 -23.22 4.76
N ALA A 150 22.69 -24.50 4.67
CA ALA A 150 22.23 -25.32 5.82
C ALA A 150 23.35 -25.71 6.82
N GLN A 151 24.57 -25.19 6.67
CA GLN A 151 25.70 -25.35 7.61
C GLN A 151 25.52 -24.67 9.00
N SER A 152 24.28 -24.26 9.34
CA SER A 152 23.91 -23.50 10.55
C SER A 152 22.77 -24.18 11.33
N ALA A 153 22.62 -23.83 12.61
CA ALA A 153 21.62 -24.37 13.53
C ALA A 153 20.29 -23.56 13.56
N ALA A 154 20.13 -22.62 12.61
CA ALA A 154 18.96 -21.74 12.44
C ALA A 154 17.75 -22.41 11.75
N GLN A 155 17.57 -23.73 11.90
CA GLN A 155 16.48 -24.48 11.25
C GLN A 155 15.09 -23.92 11.61
N SER A 156 14.23 -23.79 10.59
CA SER A 156 12.89 -23.16 10.67
C SER A 156 11.80 -24.17 10.31
N ALA A 157 11.60 -25.13 11.23
CA ALA A 157 10.59 -26.19 11.12
C ALA A 157 9.93 -26.48 12.49
N SER A 158 10.72 -26.92 13.47
CA SER A 158 10.28 -27.27 14.84
C SER A 158 11.41 -27.01 15.86
N ARG A 159 11.73 -25.72 16.08
CA ARG A 159 12.73 -25.27 17.07
C ARG A 159 12.14 -24.15 17.95
N ALA A 160 11.97 -24.44 19.24
CA ALA A 160 11.40 -23.53 20.25
C ALA A 160 12.22 -23.56 21.57
#